data_1AYD
# 
_entry.id   1AYD 
# 
_audit_conform.dict_name       mmcif_pdbx.dic 
_audit_conform.dict_version    5.385 
_audit_conform.dict_location   http://mmcif.pdb.org/dictionaries/ascii/mmcif_pdbx.dic 
# 
loop_
_database_2.database_id 
_database_2.database_code 
_database_2.pdbx_database_accession 
_database_2.pdbx_DOI 
PDB   1AYD         pdb_00001ayd 10.2210/pdb1ayd/pdb 
WWPDB D_1000171406 ?            ?                   
# 
loop_
_pdbx_audit_revision_history.ordinal 
_pdbx_audit_revision_history.data_content_type 
_pdbx_audit_revision_history.major_revision 
_pdbx_audit_revision_history.minor_revision 
_pdbx_audit_revision_history.revision_date 
1 'Structure model' 1 0 1994-08-31 
2 'Structure model' 1 1 2008-03-24 
3 'Structure model' 1 2 2011-07-13 
4 'Structure model' 1 3 2024-02-07 
# 
_pdbx_audit_revision_details.ordinal             1 
_pdbx_audit_revision_details.revision_ordinal    1 
_pdbx_audit_revision_details.data_content_type   'Structure model' 
_pdbx_audit_revision_details.provider            repository 
_pdbx_audit_revision_details.type                'Initial release' 
_pdbx_audit_revision_details.description         ? 
_pdbx_audit_revision_details.details             ? 
# 
loop_
_pdbx_audit_revision_group.ordinal 
_pdbx_audit_revision_group.revision_ordinal 
_pdbx_audit_revision_group.data_content_type 
_pdbx_audit_revision_group.group 
1 2 'Structure model' 'Version format compliance' 
2 3 'Structure model' 'Version format compliance' 
3 4 'Structure model' 'Data collection'           
4 4 'Structure model' 'Database references'       
5 4 'Structure model' Other                       
# 
loop_
_pdbx_audit_revision_category.ordinal 
_pdbx_audit_revision_category.revision_ordinal 
_pdbx_audit_revision_category.data_content_type 
_pdbx_audit_revision_category.category 
1 4 'Structure model' chem_comp_atom       
2 4 'Structure model' chem_comp_bond       
3 4 'Structure model' database_2           
4 4 'Structure model' pdbx_database_status 
# 
loop_
_pdbx_audit_revision_item.ordinal 
_pdbx_audit_revision_item.revision_ordinal 
_pdbx_audit_revision_item.data_content_type 
_pdbx_audit_revision_item.item 
1 4 'Structure model' '_database_2.pdbx_DOI'                
2 4 'Structure model' '_database_2.pdbx_database_accession' 
3 4 'Structure model' '_pdbx_database_status.process_site'  
# 
_pdbx_database_status.status_code                     REL 
_pdbx_database_status.entry_id                        1AYD 
_pdbx_database_status.recvd_initial_deposition_date   1994-05-15 
_pdbx_database_status.deposit_site                    ? 
_pdbx_database_status.process_site                    BNL 
_pdbx_database_status.status_code_sf                  REL 
_pdbx_database_status.status_code_mr                  ? 
_pdbx_database_status.SG_entry                        ? 
_pdbx_database_status.pdb_format_compatible           Y 
_pdbx_database_status.status_code_cs                  ? 
_pdbx_database_status.status_code_nmr_data            ? 
_pdbx_database_status.methods_development_category    ? 
# 
loop_
_audit_author.name 
_audit_author.pdbx_ordinal 
'Lee, C.-H.'  1 
'Kuriyan, J.' 2 
# 
loop_
_citation.id 
_citation.title 
_citation.journal_abbrev 
_citation.journal_volume 
_citation.page_first 
_citation.page_last 
_citation.year 
_citation.journal_id_ASTM 
_citation.country 
_citation.journal_id_ISSN 
_citation.journal_id_CSD 
_citation.book_publisher 
_citation.pdbx_database_id_PubMed 
_citation.pdbx_database_id_DOI 
primary 'Crystal structures of peptide complexes of the amino-terminal SH2 domain of the Syp tyrosine phosphatase.' Structure 2   
423 438 1994 STRUE6 UK 0969-2126 2005 ? 7521735 '10.1016/S0969-2126(00)00044-7' 
1       
'Binding of a High Affinity Phosphotyrosyl Peptide to the Src Sh2 Domain: Crystal Structures of the Complexed and Peptide-Free Forms' 
'Cell(Cambridge,Mass.)' 72  779 ?   1993 CELLB5 US 0092-8674 0998 ? ?       ?                               
2       'Structures of Sh2 and SH3 Domains' Curr.Opin.Struct.Biol.  3   828 ?   1993 COSBEF UK 0959-440X 0801 ? ?       ? 
3       'Crystal Structure of the Phosphotyrosine Recognition Domain Sh2 of V-Src Complexed with Tyrosine-Phosphorylated Peptides' 
Nature                  358 646 ?   1992 NATUAS UK 0028-0836 0006 ? ?       ?                               
# 
loop_
_citation_author.citation_id 
_citation_author.name 
_citation_author.ordinal 
_citation_author.identifier_ORCID 
primary 'Lee, C.H.'        1  ? 
primary 'Kominos, D.'      2  ? 
primary 'Jacques, S.'      3  ? 
primary 'Margolis, B.'     4  ? 
primary 'Schlessinger, J.' 5  ? 
primary 'Shoelson, S.E.'   6  ? 
primary 'Kuriyan, J.'      7  ? 
1       'Waksman, G.'      8  ? 
1       'Shoelson, S.E.'   9  ? 
1       'Pant, N.'         10 ? 
1       'Cowburn, D.'      11 ? 
1       'Kuriyan, J.'      12 ? 
2       'Kuriyan, J.'      13 ? 
2       'Cowburn, D.'      14 ? 
3       'Waksman, G.'      15 ? 
3       'Kominos, D.'      16 ? 
3       'Robertson, S.R.'  17 ? 
3       'Pant, N.'         18 ? 
3       'Baltimore, D.'    19 ? 
3       'Birge, R.B.'      20 ? 
3       'Cowburn, D.'      21 ? 
3       'Hanafusa, H.'     22 ? 
3       'Mayer, B.J.'      23 ? 
3       'Overduin, M.'     24 ? 
3       'Resh, M.D.'       25 ? 
3       'Rios, C.B.'       26 ? 
3       'Silverman, L.'    27 ? 
3       'Kuriyan, J.'      28 ? 
# 
loop_
_entity.id 
_entity.type 
_entity.src_method 
_entity.pdbx_description 
_entity.formula_weight 
_entity.pdbx_number_of_molecules 
_entity.pdbx_ec 
_entity.pdbx_mutation 
_entity.pdbx_fragment 
_entity.details 
1 polymer man 'PROTEIN-TYROSINE PHOSPHATASE SYP (N-TERMINAL SH2 DOMAIN)' 11528.979 1  3.1.3.48 ? ? ? 
2 water   nat water                                                      18.015    87 ?        ? ? ? 
# 
_entity_poly.entity_id                      1 
_entity_poly.type                           'polypeptide(L)' 
_entity_poly.nstd_linkage                   no 
_entity_poly.nstd_monomer                   no 
_entity_poly.pdbx_seq_one_letter_code       
;MRRWFHPNITGVEAENLLLTRGVDGSFLARPSKSNPGDFTLSVRRNGAVTHIKIQNTGDYYDLYGGEKFATLAELVQYYM
EHHGQLKEKNGDVIELKYPLN
;
_entity_poly.pdbx_seq_one_letter_code_can   
;MRRWFHPNITGVEAENLLLTRGVDGSFLARPSKSNPGDFTLSVRRNGAVTHIKIQNTGDYYDLYGGEKFATLAELVQYYM
EHHGQLKEKNGDVIELKYPLN
;
_entity_poly.pdbx_strand_id                 A 
_entity_poly.pdbx_target_identifier         ? 
# 
_pdbx_entity_nonpoly.entity_id   2 
_pdbx_entity_nonpoly.name        water 
_pdbx_entity_nonpoly.comp_id     HOH 
# 
loop_
_entity_poly_seq.entity_id 
_entity_poly_seq.num 
_entity_poly_seq.mon_id 
_entity_poly_seq.hetero 
1 1   MET n 
1 2   ARG n 
1 3   ARG n 
1 4   TRP n 
1 5   PHE n 
1 6   HIS n 
1 7   PRO n 
1 8   ASN n 
1 9   ILE n 
1 10  THR n 
1 11  GLY n 
1 12  VAL n 
1 13  GLU n 
1 14  ALA n 
1 15  GLU n 
1 16  ASN n 
1 17  LEU n 
1 18  LEU n 
1 19  LEU n 
1 20  THR n 
1 21  ARG n 
1 22  GLY n 
1 23  VAL n 
1 24  ASP n 
1 25  GLY n 
1 26  SER n 
1 27  PHE n 
1 28  LEU n 
1 29  ALA n 
1 30  ARG n 
1 31  PRO n 
1 32  SER n 
1 33  LYS n 
1 34  SER n 
1 35  ASN n 
1 36  PRO n 
1 37  GLY n 
1 38  ASP n 
1 39  PHE n 
1 40  THR n 
1 41  LEU n 
1 42  SER n 
1 43  VAL n 
1 44  ARG n 
1 45  ARG n 
1 46  ASN n 
1 47  GLY n 
1 48  ALA n 
1 49  VAL n 
1 50  THR n 
1 51  HIS n 
1 52  ILE n 
1 53  LYS n 
1 54  ILE n 
1 55  GLN n 
1 56  ASN n 
1 57  THR n 
1 58  GLY n 
1 59  ASP n 
1 60  TYR n 
1 61  TYR n 
1 62  ASP n 
1 63  LEU n 
1 64  TYR n 
1 65  GLY n 
1 66  GLY n 
1 67  GLU n 
1 68  LYS n 
1 69  PHE n 
1 70  ALA n 
1 71  THR n 
1 72  LEU n 
1 73  ALA n 
1 74  GLU n 
1 75  LEU n 
1 76  VAL n 
1 77  GLN n 
1 78  TYR n 
1 79  TYR n 
1 80  MET n 
1 81  GLU n 
1 82  HIS n 
1 83  HIS n 
1 84  GLY n 
1 85  GLN n 
1 86  LEU n 
1 87  LYS n 
1 88  GLU n 
1 89  LYS n 
1 90  ASN n 
1 91  GLY n 
1 92  ASP n 
1 93  VAL n 
1 94  ILE n 
1 95  GLU n 
1 96  LEU n 
1 97  LYS n 
1 98  TYR n 
1 99  PRO n 
1 100 LEU n 
1 101 ASN n 
# 
_entity_src_gen.entity_id                          1 
_entity_src_gen.pdbx_src_id                        1 
_entity_src_gen.pdbx_alt_source_flag               sample 
_entity_src_gen.pdbx_seq_type                      ? 
_entity_src_gen.pdbx_beg_seq_num                   ? 
_entity_src_gen.pdbx_end_seq_num                   ? 
_entity_src_gen.gene_src_common_name               'house mouse' 
_entity_src_gen.gene_src_genus                     Mus 
_entity_src_gen.pdbx_gene_src_gene                 ? 
_entity_src_gen.gene_src_species                   ? 
_entity_src_gen.gene_src_strain                    ? 
_entity_src_gen.gene_src_tissue                    ? 
_entity_src_gen.gene_src_tissue_fraction           ? 
_entity_src_gen.gene_src_details                   ? 
_entity_src_gen.pdbx_gene_src_fragment             ? 
_entity_src_gen.pdbx_gene_src_scientific_name      'Mus musculus' 
_entity_src_gen.pdbx_gene_src_ncbi_taxonomy_id     10090 
_entity_src_gen.pdbx_gene_src_variant              ? 
_entity_src_gen.pdbx_gene_src_cell_line            ? 
_entity_src_gen.pdbx_gene_src_atcc                 ? 
_entity_src_gen.pdbx_gene_src_organ                ? 
_entity_src_gen.pdbx_gene_src_organelle            ? 
_entity_src_gen.pdbx_gene_src_cell                 ? 
_entity_src_gen.pdbx_gene_src_cellular_location    ? 
_entity_src_gen.host_org_common_name               ? 
_entity_src_gen.pdbx_host_org_scientific_name      ? 
_entity_src_gen.pdbx_host_org_ncbi_taxonomy_id     ? 
_entity_src_gen.host_org_genus                     ? 
_entity_src_gen.pdbx_host_org_gene                 ? 
_entity_src_gen.pdbx_host_org_organ                ? 
_entity_src_gen.host_org_species                   ? 
_entity_src_gen.pdbx_host_org_tissue               ? 
_entity_src_gen.pdbx_host_org_tissue_fraction      ? 
_entity_src_gen.pdbx_host_org_strain               ? 
_entity_src_gen.pdbx_host_org_variant              ? 
_entity_src_gen.pdbx_host_org_cell_line            ? 
_entity_src_gen.pdbx_host_org_atcc                 ? 
_entity_src_gen.pdbx_host_org_culture_collection   ? 
_entity_src_gen.pdbx_host_org_cell                 ? 
_entity_src_gen.pdbx_host_org_organelle            ? 
_entity_src_gen.pdbx_host_org_cellular_location    ? 
_entity_src_gen.pdbx_host_org_vector_type          ? 
_entity_src_gen.pdbx_host_org_vector               ? 
_entity_src_gen.host_org_details                   ? 
_entity_src_gen.expression_system_id               ? 
_entity_src_gen.plasmid_name                       ? 
_entity_src_gen.plasmid_details                    ? 
_entity_src_gen.pdbx_description                   ? 
# 
loop_
_chem_comp.id 
_chem_comp.type 
_chem_comp.mon_nstd_flag 
_chem_comp.name 
_chem_comp.pdbx_synonyms 
_chem_comp.formula 
_chem_comp.formula_weight 
ALA 'L-peptide linking' y ALANINE         ? 'C3 H7 N O2'     89.093  
ARG 'L-peptide linking' y ARGININE        ? 'C6 H15 N4 O2 1' 175.209 
ASN 'L-peptide linking' y ASPARAGINE      ? 'C4 H8 N2 O3'    132.118 
ASP 'L-peptide linking' y 'ASPARTIC ACID' ? 'C4 H7 N O4'     133.103 
GLN 'L-peptide linking' y GLUTAMINE       ? 'C5 H10 N2 O3'   146.144 
GLU 'L-peptide linking' y 'GLUTAMIC ACID' ? 'C5 H9 N O4'     147.129 
GLY 'peptide linking'   y GLYCINE         ? 'C2 H5 N O2'     75.067  
HIS 'L-peptide linking' y HISTIDINE       ? 'C6 H10 N3 O2 1' 156.162 
HOH non-polymer         . WATER           ? 'H2 O'           18.015  
ILE 'L-peptide linking' y ISOLEUCINE      ? 'C6 H13 N O2'    131.173 
LEU 'L-peptide linking' y LEUCINE         ? 'C6 H13 N O2'    131.173 
LYS 'L-peptide linking' y LYSINE          ? 'C6 H15 N2 O2 1' 147.195 
MET 'L-peptide linking' y METHIONINE      ? 'C5 H11 N O2 S'  149.211 
PHE 'L-peptide linking' y PHENYLALANINE   ? 'C9 H11 N O2'    165.189 
PRO 'L-peptide linking' y PROLINE         ? 'C5 H9 N O2'     115.130 
SER 'L-peptide linking' y SERINE          ? 'C3 H7 N O3'     105.093 
THR 'L-peptide linking' y THREONINE       ? 'C4 H9 N O3'     119.119 
TRP 'L-peptide linking' y TRYPTOPHAN      ? 'C11 H12 N2 O2'  204.225 
TYR 'L-peptide linking' y TYROSINE        ? 'C9 H11 N O3'    181.189 
VAL 'L-peptide linking' y VALINE          ? 'C5 H11 N O2'    117.146 
# 
loop_
_pdbx_poly_seq_scheme.asym_id 
_pdbx_poly_seq_scheme.entity_id 
_pdbx_poly_seq_scheme.seq_id 
_pdbx_poly_seq_scheme.mon_id 
_pdbx_poly_seq_scheme.ndb_seq_num 
_pdbx_poly_seq_scheme.pdb_seq_num 
_pdbx_poly_seq_scheme.auth_seq_num 
_pdbx_poly_seq_scheme.pdb_mon_id 
_pdbx_poly_seq_scheme.auth_mon_id 
_pdbx_poly_seq_scheme.pdb_strand_id 
_pdbx_poly_seq_scheme.pdb_ins_code 
_pdbx_poly_seq_scheme.hetero 
A 1 1   MET 1   3   3   MET MET A . n 
A 1 2   ARG 2   4   4   ARG ARG A . n 
A 1 3   ARG 3   5   5   ARG ARG A . n 
A 1 4   TRP 4   6   6   TRP TRP A . n 
A 1 5   PHE 5   7   7   PHE PHE A . n 
A 1 6   HIS 6   8   8   HIS HIS A . n 
A 1 7   PRO 7   9   9   PRO PRO A . n 
A 1 8   ASN 8   10  10  ASN ASN A . n 
A 1 9   ILE 9   11  11  ILE ILE A . n 
A 1 10  THR 10  12  12  THR THR A . n 
A 1 11  GLY 11  13  13  GLY GLY A . n 
A 1 12  VAL 12  14  14  VAL VAL A . n 
A 1 13  GLU 13  15  15  GLU GLU A . n 
A 1 14  ALA 14  16  16  ALA ALA A . n 
A 1 15  GLU 15  17  17  GLU GLU A . n 
A 1 16  ASN 16  18  18  ASN ASN A . n 
A 1 17  LEU 17  19  19  LEU LEU A . n 
A 1 18  LEU 18  20  20  LEU LEU A . n 
A 1 19  LEU 19  21  21  LEU LEU A . n 
A 1 20  THR 20  22  22  THR THR A . n 
A 1 21  ARG 21  23  23  ARG ARG A . n 
A 1 22  GLY 22  24  24  GLY GLY A . n 
A 1 23  VAL 23  25  25  VAL VAL A . n 
A 1 24  ASP 24  26  26  ASP ASP A . n 
A 1 25  GLY 25  27  27  GLY GLY A . n 
A 1 26  SER 26  28  28  SER SER A . n 
A 1 27  PHE 27  29  29  PHE PHE A . n 
A 1 28  LEU 28  30  30  LEU LEU A . n 
A 1 29  ALA 29  31  31  ALA ALA A . n 
A 1 30  ARG 30  32  32  ARG ARG A . n 
A 1 31  PRO 31  33  33  PRO PRO A . n 
A 1 32  SER 32  34  34  SER SER A . n 
A 1 33  LYS 33  35  35  LYS LYS A . n 
A 1 34  SER 34  36  36  SER SER A . n 
A 1 35  ASN 35  37  37  ASN ASN A . n 
A 1 36  PRO 36  38  38  PRO PRO A . n 
A 1 37  GLY 37  39  39  GLY GLY A . n 
A 1 38  ASP 38  40  40  ASP ASP A . n 
A 1 39  PHE 39  41  41  PHE PHE A . n 
A 1 40  THR 40  42  42  THR THR A . n 
A 1 41  LEU 41  43  43  LEU LEU A . n 
A 1 42  SER 42  44  44  SER SER A . n 
A 1 43  VAL 43  45  45  VAL VAL A . n 
A 1 44  ARG 44  46  46  ARG ARG A . n 
A 1 45  ARG 45  47  47  ARG ARG A . n 
A 1 46  ASN 46  48  48  ASN ASN A . n 
A 1 47  GLY 47  49  49  GLY GLY A . n 
A 1 48  ALA 48  50  50  ALA ALA A . n 
A 1 49  VAL 49  51  51  VAL VAL A . n 
A 1 50  THR 50  52  52  THR THR A . n 
A 1 51  HIS 51  53  53  HIS HIS A . n 
A 1 52  ILE 52  54  54  ILE ILE A . n 
A 1 53  LYS 53  55  55  LYS LYS A . n 
A 1 54  ILE 54  56  56  ILE ILE A . n 
A 1 55  GLN 55  57  57  GLN GLN A . n 
A 1 56  ASN 56  58  58  ASN ASN A . n 
A 1 57  THR 57  59  59  THR THR A . n 
A 1 58  GLY 58  60  60  GLY GLY A . n 
A 1 59  ASP 59  61  61  ASP ASP A . n 
A 1 60  TYR 60  62  62  TYR TYR A . n 
A 1 61  TYR 61  63  63  TYR TYR A . n 
A 1 62  ASP 62  64  64  ASP ASP A . n 
A 1 63  LEU 63  65  65  LEU LEU A . n 
A 1 64  TYR 64  66  66  TYR TYR A . n 
A 1 65  GLY 65  67  67  GLY GLY A . n 
A 1 66  GLY 66  68  68  GLY GLY A . n 
A 1 67  GLU 67  69  69  GLU GLU A . n 
A 1 68  LYS 68  70  70  LYS LYS A . n 
A 1 69  PHE 69  71  71  PHE PHE A . n 
A 1 70  ALA 70  72  72  ALA ALA A . n 
A 1 71  THR 71  73  73  THR THR A . n 
A 1 72  LEU 72  74  74  LEU LEU A . n 
A 1 73  ALA 73  75  75  ALA ALA A . n 
A 1 74  GLU 74  76  76  GLU GLU A . n 
A 1 75  LEU 75  77  77  LEU LEU A . n 
A 1 76  VAL 76  78  78  VAL VAL A . n 
A 1 77  GLN 77  79  79  GLN GLN A . n 
A 1 78  TYR 78  80  80  TYR TYR A . n 
A 1 79  TYR 79  81  81  TYR TYR A . n 
A 1 80  MET 80  82  82  MET MET A . n 
A 1 81  GLU 81  83  83  GLU GLU A . n 
A 1 82  HIS 82  84  84  HIS HIS A . n 
A 1 83  HIS 83  85  85  HIS HIS A . n 
A 1 84  GLY 84  86  86  GLY GLY A . n 
A 1 85  GLN 85  87  87  GLN GLN A . n 
A 1 86  LEU 86  88  88  LEU LEU A . n 
A 1 87  LYS 87  89  89  LYS LYS A . n 
A 1 88  GLU 88  90  90  GLU GLU A . n 
A 1 89  LYS 89  91  91  LYS LYS A . n 
A 1 90  ASN 90  92  92  ASN ASN A . n 
A 1 91  GLY 91  93  93  GLY GLY A . n 
A 1 92  ASP 92  94  94  ASP ASP A . n 
A 1 93  VAL 93  95  95  VAL VAL A . n 
A 1 94  ILE 94  96  96  ILE ILE A . n 
A 1 95  GLU 95  97  97  GLU GLU A . n 
A 1 96  LEU 96  98  98  LEU LEU A . n 
A 1 97  LYS 97  99  99  LYS LYS A . n 
A 1 98  TYR 98  100 100 TYR TYR A . n 
A 1 99  PRO 99  101 101 PRO PRO A . n 
A 1 100 LEU 100 102 102 LEU LEU A . n 
A 1 101 ASN 101 103 103 ASN ASN A . n 
# 
loop_
_pdbx_nonpoly_scheme.asym_id 
_pdbx_nonpoly_scheme.entity_id 
_pdbx_nonpoly_scheme.mon_id 
_pdbx_nonpoly_scheme.ndb_seq_num 
_pdbx_nonpoly_scheme.pdb_seq_num 
_pdbx_nonpoly_scheme.auth_seq_num 
_pdbx_nonpoly_scheme.pdb_mon_id 
_pdbx_nonpoly_scheme.auth_mon_id 
_pdbx_nonpoly_scheme.pdb_strand_id 
_pdbx_nonpoly_scheme.pdb_ins_code 
B 2 HOH 1  301 301 HOH HOH A . 
B 2 HOH 2  302 302 HOH HOH A . 
B 2 HOH 3  303 303 HOH HOH A . 
B 2 HOH 4  304 304 HOH HOH A . 
B 2 HOH 5  305 305 HOH HOH A . 
B 2 HOH 6  306 306 HOH HOH A . 
B 2 HOH 7  307 307 HOH HOH A . 
B 2 HOH 8  308 308 HOH HOH A . 
B 2 HOH 9  309 309 HOH HOH A . 
B 2 HOH 10 310 310 HOH HOH A . 
B 2 HOH 11 311 311 HOH HOH A . 
B 2 HOH 12 312 312 HOH HOH A . 
B 2 HOH 13 313 313 HOH HOH A . 
B 2 HOH 14 314 314 HOH HOH A . 
B 2 HOH 15 315 315 HOH HOH A . 
B 2 HOH 16 316 316 HOH HOH A . 
B 2 HOH 17 317 317 HOH HOH A . 
B 2 HOH 18 318 318 HOH HOH A . 
B 2 HOH 19 319 319 HOH HOH A . 
B 2 HOH 20 320 320 HOH HOH A . 
B 2 HOH 21 321 321 HOH HOH A . 
B 2 HOH 22 322 322 HOH HOH A . 
B 2 HOH 23 323 323 HOH HOH A . 
B 2 HOH 24 324 324 HOH HOH A . 
B 2 HOH 25 325 325 HOH HOH A . 
B 2 HOH 26 326 326 HOH HOH A . 
B 2 HOH 27 327 327 HOH HOH A . 
B 2 HOH 28 328 328 HOH HOH A . 
B 2 HOH 29 329 329 HOH HOH A . 
B 2 HOH 30 330 330 HOH HOH A . 
B 2 HOH 31 331 331 HOH HOH A . 
B 2 HOH 32 332 332 HOH HOH A . 
B 2 HOH 33 333 333 HOH HOH A . 
B 2 HOH 34 334 334 HOH HOH A . 
B 2 HOH 35 335 335 HOH HOH A . 
B 2 HOH 36 336 336 HOH HOH A . 
B 2 HOH 37 337 337 HOH HOH A . 
B 2 HOH 38 338 338 HOH HOH A . 
B 2 HOH 39 339 339 HOH HOH A . 
B 2 HOH 40 340 340 HOH HOH A . 
B 2 HOH 41 341 341 HOH HOH A . 
B 2 HOH 42 342 342 HOH HOH A . 
B 2 HOH 43 343 343 HOH HOH A . 
B 2 HOH 44 344 344 HOH HOH A . 
B 2 HOH 45 345 345 HOH HOH A . 
B 2 HOH 46 346 346 HOH HOH A . 
B 2 HOH 47 347 347 HOH HOH A . 
B 2 HOH 48 348 348 HOH HOH A . 
B 2 HOH 49 349 349 HOH HOH A . 
B 2 HOH 50 350 350 HOH HOH A . 
B 2 HOH 51 351 351 HOH HOH A . 
B 2 HOH 52 352 352 HOH HOH A . 
B 2 HOH 53 353 353 HOH HOH A . 
B 2 HOH 54 354 354 HOH HOH A . 
B 2 HOH 55 355 355 HOH HOH A . 
B 2 HOH 56 356 356 HOH HOH A . 
B 2 HOH 57 357 357 HOH HOH A . 
B 2 HOH 58 358 358 HOH HOH A . 
B 2 HOH 59 359 359 HOH HOH A . 
B 2 HOH 60 360 360 HOH HOH A . 
B 2 HOH 61 361 361 HOH HOH A . 
B 2 HOH 62 362 362 HOH HOH A . 
B 2 HOH 63 363 363 HOH HOH A . 
B 2 HOH 64 364 364 HOH HOH A . 
B 2 HOH 65 365 365 HOH HOH A . 
B 2 HOH 66 366 366 HOH HOH A . 
B 2 HOH 67 367 367 HOH HOH A . 
B 2 HOH 68 368 368 HOH HOH A . 
B 2 HOH 69 369 369 HOH HOH A . 
B 2 HOH 70 370 370 HOH HOH A . 
B 2 HOH 71 371 371 HOH HOH A . 
B 2 HOH 72 372 372 HOH HOH A . 
B 2 HOH 73 373 373 HOH HOH A . 
B 2 HOH 74 374 374 HOH HOH A . 
B 2 HOH 75 375 375 HOH HOH A . 
B 2 HOH 76 376 376 HOH HOH A . 
B 2 HOH 77 377 377 HOH HOH A . 
B 2 HOH 78 378 378 HOH HOH A . 
B 2 HOH 79 379 379 HOH HOH A . 
B 2 HOH 80 380 380 HOH HOH A . 
B 2 HOH 81 381 381 HOH HOH A . 
B 2 HOH 82 382 382 HOH HOH A . 
B 2 HOH 83 383 383 HOH HOH A . 
B 2 HOH 84 384 384 HOH HOH A . 
B 2 HOH 85 385 385 HOH HOH A . 
B 2 HOH 86 386 386 HOH HOH A . 
B 2 HOH 87 387 387 HOH HOH A . 
# 
loop_
_pdbx_unobs_or_zero_occ_atoms.id 
_pdbx_unobs_or_zero_occ_atoms.PDB_model_num 
_pdbx_unobs_or_zero_occ_atoms.polymer_flag 
_pdbx_unobs_or_zero_occ_atoms.occupancy_flag 
_pdbx_unobs_or_zero_occ_atoms.auth_asym_id 
_pdbx_unobs_or_zero_occ_atoms.auth_comp_id 
_pdbx_unobs_or_zero_occ_atoms.auth_seq_id 
_pdbx_unobs_or_zero_occ_atoms.PDB_ins_code 
_pdbx_unobs_or_zero_occ_atoms.auth_atom_id 
_pdbx_unobs_or_zero_occ_atoms.label_alt_id 
_pdbx_unobs_or_zero_occ_atoms.label_asym_id 
_pdbx_unobs_or_zero_occ_atoms.label_comp_id 
_pdbx_unobs_or_zero_occ_atoms.label_seq_id 
_pdbx_unobs_or_zero_occ_atoms.label_atom_id 
1  1 Y 1 A MET 3  ? CG  ? A MET 1  CG  
2  1 Y 1 A MET 3  ? SD  ? A MET 1  SD  
3  1 Y 1 A MET 3  ? CE  ? A MET 1  CE  
4  1 Y 1 A ARG 4  ? CG  ? A ARG 2  CG  
5  1 Y 1 A ARG 4  ? CD  ? A ARG 2  CD  
6  1 Y 1 A ARG 4  ? NE  ? A ARG 2  NE  
7  1 Y 1 A ARG 4  ? CZ  ? A ARG 2  CZ  
8  1 Y 1 A ARG 4  ? NH1 ? A ARG 2  NH1 
9  1 Y 1 A ARG 4  ? NH2 ? A ARG 2  NH2 
10 1 Y 1 A ARG 5  ? CG  ? A ARG 3  CG  
11 1 Y 1 A ARG 5  ? CD  ? A ARG 3  CD  
12 1 Y 1 A ARG 5  ? NE  ? A ARG 3  NE  
13 1 Y 1 A ARG 5  ? CZ  ? A ARG 3  CZ  
14 1 Y 1 A ARG 5  ? NH1 ? A ARG 3  NH1 
15 1 Y 1 A ARG 5  ? NH2 ? A ARG 3  NH2 
16 1 Y 1 A SER 34 ? OG  ? A SER 32 OG  
17 1 Y 1 A LYS 35 ? CE  ? A LYS 33 CE  
18 1 Y 1 A LYS 35 ? NZ  ? A LYS 33 NZ  
19 1 Y 1 A ASN 37 ? CG  ? A ASN 35 CG  
20 1 Y 1 A ASN 37 ? OD1 ? A ASN 35 OD1 
21 1 Y 1 A ASN 37 ? ND2 ? A ASN 35 ND2 
22 1 Y 1 A LYS 55 ? CE  ? A LYS 53 CE  
23 1 Y 1 A LYS 55 ? NZ  ? A LYS 53 NZ  
24 1 Y 1 A LYS 91 ? CG  ? A LYS 89 CG  
25 1 Y 1 A LYS 91 ? CD  ? A LYS 89 CD  
26 1 Y 1 A LYS 91 ? CE  ? A LYS 89 CE  
27 1 Y 1 A LYS 91 ? NZ  ? A LYS 89 NZ  
28 1 Y 1 A ASN 92 ? CG  ? A ASN 90 CG  
29 1 Y 1 A ASN 92 ? OD1 ? A ASN 90 OD1 
30 1 Y 1 A ASN 92 ? ND2 ? A ASN 90 ND2 
# 
loop_
_software.name 
_software.classification 
_software.version 
_software.citation_id 
_software.pdbx_ordinal 
X-PLOR 'model building' . ? 1 
X-PLOR refinement       . ? 2 
X-PLOR phasing          . ? 3 
# 
_cell.entry_id           1AYD 
_cell.length_a           63.200 
_cell.length_b           63.200 
_cell.length_c           76.100 
_cell.angle_alpha        90.00 
_cell.angle_beta         90.00 
_cell.angle_gamma        90.00 
_cell.Z_PDB              8 
_cell.pdbx_unique_axis   ? 
# 
_symmetry.entry_id                         1AYD 
_symmetry.space_group_name_H-M             'P 43 21 2' 
_symmetry.pdbx_full_space_group_name_H-M   ? 
_symmetry.cell_setting                     ? 
_symmetry.Int_Tables_number                96 
# 
_exptl.entry_id          1AYD 
_exptl.method            'X-RAY DIFFRACTION' 
_exptl.crystals_number   ? 
# 
_exptl_crystal.id                    1 
_exptl_crystal.density_meas          ? 
_exptl_crystal.density_Matthews      3.29 
_exptl_crystal.density_percent_sol   62.66 
_exptl_crystal.description           ? 
# 
_diffrn.id                     1 
_diffrn.ambient_temp           ? 
_diffrn.ambient_temp_details   ? 
_diffrn.crystal_id             1 
# 
_diffrn_radiation.diffrn_id                        1 
_diffrn_radiation.wavelength_id                    1 
_diffrn_radiation.pdbx_monochromatic_or_laue_m_l   ? 
_diffrn_radiation.monochromator                    ? 
_diffrn_radiation.pdbx_diffrn_protocol             ? 
_diffrn_radiation.pdbx_scattering_type             x-ray 
# 
_diffrn_radiation_wavelength.id           1 
_diffrn_radiation_wavelength.wavelength   . 
_diffrn_radiation_wavelength.wt           1.0 
# 
_refine.entry_id                                 1AYD 
_refine.ls_number_reflns_obs                     6359 
_refine.ls_number_reflns_all                     ? 
_refine.pdbx_ls_sigma_I                          ? 
_refine.pdbx_ls_sigma_F                          2. 
_refine.pdbx_data_cutoff_high_absF               ? 
_refine.pdbx_data_cutoff_low_absF                ? 
_refine.pdbx_data_cutoff_high_rms_absF           ? 
_refine.ls_d_res_low                             6.0 
_refine.ls_d_res_high                            2.2 
_refine.ls_percent_reflns_obs                    ? 
_refine.ls_R_factor_obs                          0.2000000 
_refine.ls_R_factor_all                          ? 
_refine.ls_R_factor_R_work                       0.2000000 
_refine.ls_R_factor_R_free                       ? 
_refine.ls_R_factor_R_free_error                 ? 
_refine.ls_R_factor_R_free_error_details         ? 
_refine.ls_percent_reflns_R_free                 ? 
_refine.ls_number_reflns_R_free                  ? 
_refine.ls_number_parameters                     ? 
_refine.ls_number_restraints                     ? 
_refine.occupancy_min                            ? 
_refine.occupancy_max                            ? 
_refine.B_iso_mean                               ? 
_refine.aniso_B[1][1]                            ? 
_refine.aniso_B[2][2]                            ? 
_refine.aniso_B[3][3]                            ? 
_refine.aniso_B[1][2]                            ? 
_refine.aniso_B[1][3]                            ? 
_refine.aniso_B[2][3]                            ? 
_refine.solvent_model_details                    ? 
_refine.solvent_model_param_ksol                 ? 
_refine.solvent_model_param_bsol                 ? 
_refine.pdbx_ls_cross_valid_method               ? 
_refine.details                                  ? 
_refine.pdbx_starting_model                      ? 
_refine.pdbx_method_to_determine_struct          ? 
_refine.pdbx_isotropic_thermal_model             ? 
_refine.pdbx_stereochemistry_target_values       ? 
_refine.pdbx_stereochem_target_val_spec_case     ? 
_refine.pdbx_R_Free_selection_details            ? 
_refine.pdbx_overall_ESU_R                       ? 
_refine.pdbx_overall_ESU_R_Free                  ? 
_refine.overall_SU_ML                            ? 
_refine.overall_SU_B                             ? 
_refine.pdbx_refine_id                           'X-RAY DIFFRACTION' 
_refine.pdbx_diffrn_id                           1 
_refine.pdbx_TLS_residual_ADP_flag               ? 
_refine.correlation_coeff_Fo_to_Fc               ? 
_refine.correlation_coeff_Fo_to_Fc_free          ? 
_refine.pdbx_solvent_vdw_probe_radii             ? 
_refine.pdbx_solvent_ion_probe_radii             ? 
_refine.pdbx_solvent_shrinkage_radii             ? 
_refine.pdbx_overall_phase_error                 ? 
_refine.overall_SU_R_Cruickshank_DPI             ? 
_refine.pdbx_overall_SU_R_free_Cruickshank_DPI   ? 
_refine.pdbx_overall_SU_R_Blow_DPI               ? 
_refine.pdbx_overall_SU_R_free_Blow_DPI          ? 
# 
_refine_hist.pdbx_refine_id                   'X-RAY DIFFRACTION' 
_refine_hist.cycle_id                         LAST 
_refine_hist.pdbx_number_atoms_protein        784 
_refine_hist.pdbx_number_atoms_nucleic_acid   0 
_refine_hist.pdbx_number_atoms_ligand         0 
_refine_hist.number_atoms_solvent             87 
_refine_hist.number_atoms_total               871 
_refine_hist.d_res_high                       2.2 
_refine_hist.d_res_low                        6.0 
# 
loop_
_refine_ls_restr.type 
_refine_ls_restr.dev_ideal 
_refine_ls_restr.dev_ideal_target 
_refine_ls_restr.weight 
_refine_ls_restr.number 
_refine_ls_restr.pdbx_refine_id 
_refine_ls_restr.pdbx_restraint_function 
x_bond_d                0.012 ? ? ? 'X-RAY DIFFRACTION' ? 
x_bond_d_na             ?     ? ? ? 'X-RAY DIFFRACTION' ? 
x_bond_d_prot           ?     ? ? ? 'X-RAY DIFFRACTION' ? 
x_angle_d               ?     ? ? ? 'X-RAY DIFFRACTION' ? 
x_angle_d_na            ?     ? ? ? 'X-RAY DIFFRACTION' ? 
x_angle_d_prot          ?     ? ? ? 'X-RAY DIFFRACTION' ? 
x_angle_deg             3.0   ? ? ? 'X-RAY DIFFRACTION' ? 
x_angle_deg_na          ?     ? ? ? 'X-RAY DIFFRACTION' ? 
x_angle_deg_prot        ?     ? ? ? 'X-RAY DIFFRACTION' ? 
x_dihedral_angle_d      ?     ? ? ? 'X-RAY DIFFRACTION' ? 
x_dihedral_angle_d_na   ?     ? ? ? 'X-RAY DIFFRACTION' ? 
x_dihedral_angle_d_prot ?     ? ? ? 'X-RAY DIFFRACTION' ? 
x_improper_angle_d      ?     ? ? ? 'X-RAY DIFFRACTION' ? 
x_improper_angle_d_na   ?     ? ? ? 'X-RAY DIFFRACTION' ? 
x_improper_angle_d_prot ?     ? ? ? 'X-RAY DIFFRACTION' ? 
x_mcbond_it             ?     ? ? ? 'X-RAY DIFFRACTION' ? 
x_mcangle_it            ?     ? ? ? 'X-RAY DIFFRACTION' ? 
x_scbond_it             ?     ? ? ? 'X-RAY DIFFRACTION' ? 
x_scangle_it            ?     ? ? ? 'X-RAY DIFFRACTION' ? 
# 
_struct.entry_id                  1AYD 
_struct.title                     
'CRYSTAL STRUCTURES OF PEPTIDE COMPLEXES OF THE AMINO-TERMINAL SH2 DOMAIN OF THE SYP TYROSINE PHOSPHATASE' 
_struct.pdbx_model_details        ? 
_struct.pdbx_CASP_flag            ? 
_struct.pdbx_model_type_details   ? 
# 
_struct_keywords.entry_id        1AYD 
_struct_keywords.pdbx_keywords   'HYDROLASE(SH2 DOMAIN)' 
_struct_keywords.text            'HYDROLASE(SH2 DOMAIN)' 
# 
loop_
_struct_asym.id 
_struct_asym.pdbx_blank_PDB_chainid_flag 
_struct_asym.pdbx_modified 
_struct_asym.entity_id 
_struct_asym.details 
A N N 1 ? 
B N N 2 ? 
# 
_struct_ref.id                         1 
_struct_ref.db_name                    UNP 
_struct_ref.db_code                    PTN11_MOUSE 
_struct_ref.entity_id                  1 
_struct_ref.pdbx_db_accession          P35235 
_struct_ref.pdbx_align_begin           1 
_struct_ref.pdbx_seq_one_letter_code   
;MTSRRWFHPNITGVEAENLLLTRGVDGSFLARPSKSNPGDFTLSVRRNGAVTHIKIQNTGDYYDLYGGEKFATLAELVQY
YMEHHGQLKEKNGDVIELKYPLNCADPTSERWFHGHLSGKEAEKLLTEKGKHGSFLVRESQSHPGDFVLSVRTGDDKGES
NDGKSKVTHVMIRCQELKYDVGGGERFDSLTDLVEHYKKNPMVETLGTVLQLKQPLNTTRINAAEIESRVRELSKLAETT
DKVKQGFWEEFETLQQQECKLLYSRKEGQRQENKNKNRYKNILPFDHTRVVLHDGDPNEPVSDYINANIIMPEFETKCNN
SKPKKSYIATQGCLQNTVNDFWRMVFQENSRVIVMTTKEVERGKSKCVKYWPDEYALKEYGVMRVRNVKESAAHDYTLRE
LKLSKVGQALLQGNTERTVWQYHFRTWPDHGVPSDPGGVLDFLEEVHHKQESIVDAGPVVVHCSAGIGRTGTFIVIDILI
DIIREKGVDCDIDVPKTIQMVRSQRSGMVQTEAQYRFIYMAVQHYIETLQRRIEEEQKSKRKGHEYTNIKYSGELGYTET
RVGCPGHSVSPMDEVDGGWVEGLGT
;
_struct_ref.pdbx_db_isoform            ? 
# 
_struct_ref_seq.align_id                      1 
_struct_ref_seq.ref_id                        1 
_struct_ref_seq.pdbx_PDB_id_code              1AYD 
_struct_ref_seq.pdbx_strand_id                A 
_struct_ref_seq.seq_align_beg                 2 
_struct_ref_seq.pdbx_seq_align_beg_ins_code   ? 
_struct_ref_seq.seq_align_end                 101 
_struct_ref_seq.pdbx_seq_align_end_ins_code   ? 
_struct_ref_seq.pdbx_db_accession             P35235 
_struct_ref_seq.db_align_beg                  4 
_struct_ref_seq.pdbx_db_align_beg_ins_code    ? 
_struct_ref_seq.db_align_end                  103 
_struct_ref_seq.pdbx_db_align_end_ins_code    ? 
_struct_ref_seq.pdbx_auth_seq_align_beg       4 
_struct_ref_seq.pdbx_auth_seq_align_end       103 
# 
_pdbx_struct_assembly.id                   1 
_pdbx_struct_assembly.details              author_defined_assembly 
_pdbx_struct_assembly.method_details       ? 
_pdbx_struct_assembly.oligomeric_details   monomeric 
_pdbx_struct_assembly.oligomeric_count     1 
# 
_pdbx_struct_assembly_gen.assembly_id       1 
_pdbx_struct_assembly_gen.oper_expression   1 
_pdbx_struct_assembly_gen.asym_id_list      A,B 
# 
_pdbx_struct_oper_list.id                   1 
_pdbx_struct_oper_list.type                 'identity operation' 
_pdbx_struct_oper_list.name                 1_555 
_pdbx_struct_oper_list.symmetry_operation   x,y,z 
_pdbx_struct_oper_list.matrix[1][1]         1.0000000000 
_pdbx_struct_oper_list.matrix[1][2]         0.0000000000 
_pdbx_struct_oper_list.matrix[1][3]         0.0000000000 
_pdbx_struct_oper_list.vector[1]            0.0000000000 
_pdbx_struct_oper_list.matrix[2][1]         0.0000000000 
_pdbx_struct_oper_list.matrix[2][2]         1.0000000000 
_pdbx_struct_oper_list.matrix[2][3]         0.0000000000 
_pdbx_struct_oper_list.vector[2]            0.0000000000 
_pdbx_struct_oper_list.matrix[3][1]         0.0000000000 
_pdbx_struct_oper_list.matrix[3][2]         0.0000000000 
_pdbx_struct_oper_list.matrix[3][3]         1.0000000000 
_pdbx_struct_oper_list.vector[3]            0.0000000000 
# 
_struct_biol.id   1 
# 
loop_
_struct_conf.conf_type_id 
_struct_conf.id 
_struct_conf.pdbx_PDB_helix_id 
_struct_conf.beg_label_comp_id 
_struct_conf.beg_label_asym_id 
_struct_conf.beg_label_seq_id 
_struct_conf.pdbx_beg_PDB_ins_code 
_struct_conf.end_label_comp_id 
_struct_conf.end_label_asym_id 
_struct_conf.end_label_seq_id 
_struct_conf.pdbx_end_PDB_ins_code 
_struct_conf.beg_auth_comp_id 
_struct_conf.beg_auth_asym_id 
_struct_conf.beg_auth_seq_id 
_struct_conf.end_auth_comp_id 
_struct_conf.end_auth_asym_id 
_struct_conf.end_auth_seq_id 
_struct_conf.pdbx_PDB_helix_class 
_struct_conf.details 
_struct_conf.pdbx_PDB_helix_length 
HELX_P HELX_P1 1 THR A 10 ? GLY A 22 ? THR A 12 GLY A 24 1 ? 13 
HELX_P HELX_P2 2 THR A 71 ? HIS A 82 ? THR A 73 HIS A 84 1 ? 12 
HELX_P HELX_P3 3 HIS A 83 ? GLN A 85 ? HIS A 85 GLN A 87 5 ? 3  
# 
_struct_conf_type.id          HELX_P 
_struct_conf_type.criteria    ? 
_struct_conf_type.reference   ? 
# 
loop_
_struct_sheet.id 
_struct_sheet.type 
_struct_sheet.number_strands 
_struct_sheet.details 
A ? 5 ? 
B ? 2 ? 
# 
loop_
_struct_sheet_order.sheet_id 
_struct_sheet_order.range_id_1 
_struct_sheet_order.range_id_2 
_struct_sheet_order.offset 
_struct_sheet_order.sense 
A 1 2 ? anti-parallel 
A 2 3 ? anti-parallel 
A 3 4 ? anti-parallel 
A 4 5 ? parallel      
B 1 2 ? anti-parallel 
# 
loop_
_struct_sheet_range.sheet_id 
_struct_sheet_range.id 
_struct_sheet_range.beg_label_comp_id 
_struct_sheet_range.beg_label_asym_id 
_struct_sheet_range.beg_label_seq_id 
_struct_sheet_range.pdbx_beg_PDB_ins_code 
_struct_sheet_range.end_label_comp_id 
_struct_sheet_range.end_label_asym_id 
_struct_sheet_range.end_label_seq_id 
_struct_sheet_range.pdbx_end_PDB_ins_code 
_struct_sheet_range.beg_auth_comp_id 
_struct_sheet_range.beg_auth_asym_id 
_struct_sheet_range.beg_auth_seq_id 
_struct_sheet_range.end_auth_comp_id 
_struct_sheet_range.end_auth_asym_id 
_struct_sheet_range.end_auth_seq_id 
A 1 TYR A 61 ? ASP A 62 ? TYR A 63  ASP A 64  
A 2 ALA A 48 ? ASN A 56 ? ALA A 50  ASN A 58  
A 3 PHE A 39 ? ARG A 45 ? PHE A 41  ARG A 47  
A 4 SER A 26 ? PRO A 31 ? SER A 28  PRO A 33  
A 5 TYR A 98 ? PRO A 99 ? TYR A 100 PRO A 101 
B 1 LYS A 87 ? GLU A 88 ? LYS A 89  GLU A 90  
B 2 ASP A 92 ? VAL A 93 ? ASP A 94  VAL A 95  
# 
loop_
_pdbx_struct_sheet_hbond.sheet_id 
_pdbx_struct_sheet_hbond.range_id_1 
_pdbx_struct_sheet_hbond.range_id_2 
_pdbx_struct_sheet_hbond.range_1_label_atom_id 
_pdbx_struct_sheet_hbond.range_1_label_comp_id 
_pdbx_struct_sheet_hbond.range_1_label_asym_id 
_pdbx_struct_sheet_hbond.range_1_label_seq_id 
_pdbx_struct_sheet_hbond.range_1_PDB_ins_code 
_pdbx_struct_sheet_hbond.range_1_auth_atom_id 
_pdbx_struct_sheet_hbond.range_1_auth_comp_id 
_pdbx_struct_sheet_hbond.range_1_auth_asym_id 
_pdbx_struct_sheet_hbond.range_1_auth_seq_id 
_pdbx_struct_sheet_hbond.range_2_label_atom_id 
_pdbx_struct_sheet_hbond.range_2_label_comp_id 
_pdbx_struct_sheet_hbond.range_2_label_asym_id 
_pdbx_struct_sheet_hbond.range_2_label_seq_id 
_pdbx_struct_sheet_hbond.range_2_PDB_ins_code 
_pdbx_struct_sheet_hbond.range_2_auth_atom_id 
_pdbx_struct_sheet_hbond.range_2_auth_comp_id 
_pdbx_struct_sheet_hbond.range_2_auth_asym_id 
_pdbx_struct_sheet_hbond.range_2_auth_seq_id 
A 1 2 O ASP A 62 ? O ASP A 64 N GLN A 55 ? N GLN A 57  
A 2 3 N ILE A 54 ? N ILE A 56 O PHE A 39 ? O PHE A 41  
A 3 4 N ARG A 44 ? N ARG A 46 O SER A 26 ? O SER A 28  
A 4 5 N PHE A 27 ? N PHE A 29 O TYR A 98 ? O TYR A 100 
B 1 2 N GLU A 88 ? N GLU A 90 O ASP A 92 ? O ASP A 94  
# 
loop_
_pdbx_validate_rmsd_bond.id 
_pdbx_validate_rmsd_bond.PDB_model_num 
_pdbx_validate_rmsd_bond.auth_atom_id_1 
_pdbx_validate_rmsd_bond.auth_asym_id_1 
_pdbx_validate_rmsd_bond.auth_comp_id_1 
_pdbx_validate_rmsd_bond.auth_seq_id_1 
_pdbx_validate_rmsd_bond.PDB_ins_code_1 
_pdbx_validate_rmsd_bond.label_alt_id_1 
_pdbx_validate_rmsd_bond.auth_atom_id_2 
_pdbx_validate_rmsd_bond.auth_asym_id_2 
_pdbx_validate_rmsd_bond.auth_comp_id_2 
_pdbx_validate_rmsd_bond.auth_seq_id_2 
_pdbx_validate_rmsd_bond.PDB_ins_code_2 
_pdbx_validate_rmsd_bond.label_alt_id_2 
_pdbx_validate_rmsd_bond.bond_value 
_pdbx_validate_rmsd_bond.bond_target_value 
_pdbx_validate_rmsd_bond.bond_deviation 
_pdbx_validate_rmsd_bond.bond_standard_deviation 
_pdbx_validate_rmsd_bond.linker_flag 
1 1 NE2 A HIS 8  ? ? CD2 A HIS 8  ? ? 1.304 1.373 -0.069 0.011 N 
2 1 NE2 A HIS 53 ? ? CD2 A HIS 53 ? ? 1.306 1.373 -0.067 0.011 N 
3 1 NE2 A HIS 85 ? ? CD2 A HIS 85 ? ? 1.306 1.373 -0.067 0.011 N 
# 
loop_
_pdbx_validate_rmsd_angle.id 
_pdbx_validate_rmsd_angle.PDB_model_num 
_pdbx_validate_rmsd_angle.auth_atom_id_1 
_pdbx_validate_rmsd_angle.auth_asym_id_1 
_pdbx_validate_rmsd_angle.auth_comp_id_1 
_pdbx_validate_rmsd_angle.auth_seq_id_1 
_pdbx_validate_rmsd_angle.PDB_ins_code_1 
_pdbx_validate_rmsd_angle.label_alt_id_1 
_pdbx_validate_rmsd_angle.auth_atom_id_2 
_pdbx_validate_rmsd_angle.auth_asym_id_2 
_pdbx_validate_rmsd_angle.auth_comp_id_2 
_pdbx_validate_rmsd_angle.auth_seq_id_2 
_pdbx_validate_rmsd_angle.PDB_ins_code_2 
_pdbx_validate_rmsd_angle.label_alt_id_2 
_pdbx_validate_rmsd_angle.auth_atom_id_3 
_pdbx_validate_rmsd_angle.auth_asym_id_3 
_pdbx_validate_rmsd_angle.auth_comp_id_3 
_pdbx_validate_rmsd_angle.auth_seq_id_3 
_pdbx_validate_rmsd_angle.PDB_ins_code_3 
_pdbx_validate_rmsd_angle.label_alt_id_3 
_pdbx_validate_rmsd_angle.angle_value 
_pdbx_validate_rmsd_angle.angle_target_value 
_pdbx_validate_rmsd_angle.angle_deviation 
_pdbx_validate_rmsd_angle.angle_standard_deviation 
_pdbx_validate_rmsd_angle.linker_flag 
1 1 CD1 A TRP 6   ? ? CG  A TRP 6   ? ? CD2 A TRP 6   ? ? 112.08 106.30 5.78  0.80 N 
2 1 CE2 A TRP 6   ? ? CD2 A TRP 6   ? ? CG  A TRP 6   ? ? 101.05 107.30 -6.25 0.80 N 
3 1 NE  A ARG 23  ? ? CZ  A ARG 23  ? ? NH1 A ARG 23  ? ? 123.48 120.30 3.18  0.50 N 
4 1 NE  A ARG 32  ? ? CZ  A ARG 32  ? ? NH2 A ARG 32  ? ? 117.26 120.30 -3.04 0.50 N 
5 1 CB  A TYR 80  ? ? CG  A TYR 80  ? ? CD1 A TYR 80  ? ? 116.95 121.00 -4.05 0.60 N 
6 1 CA  A LEU 102 ? ? CB  A LEU 102 ? ? CG  A LEU 102 ? ? 130.39 115.30 15.09 2.30 N 
# 
loop_
_pdbx_validate_torsion.id 
_pdbx_validate_torsion.PDB_model_num 
_pdbx_validate_torsion.auth_comp_id 
_pdbx_validate_torsion.auth_asym_id 
_pdbx_validate_torsion.auth_seq_id 
_pdbx_validate_torsion.PDB_ins_code 
_pdbx_validate_torsion.label_alt_id 
_pdbx_validate_torsion.phi 
_pdbx_validate_torsion.psi 
1 1 ARG A 4  ? ? -133.69 -49.32 
2 1 ASN A 37 ? ? -168.97 110.70 
3 1 LEU A 65 ? ? -113.92 60.98  
4 1 TYR A 66 ? ? 35.48   53.62  
5 1 LYS A 91 ? ? 38.95   -79.56 
6 1 ASN A 92 ? ? -82.51  36.80  
# 
loop_
_chem_comp_atom.comp_id 
_chem_comp_atom.atom_id 
_chem_comp_atom.type_symbol 
_chem_comp_atom.pdbx_aromatic_flag 
_chem_comp_atom.pdbx_stereo_config 
_chem_comp_atom.pdbx_ordinal 
ALA N    N N N 1   
ALA CA   C N S 2   
ALA C    C N N 3   
ALA O    O N N 4   
ALA CB   C N N 5   
ALA OXT  O N N 6   
ALA H    H N N 7   
ALA H2   H N N 8   
ALA HA   H N N 9   
ALA HB1  H N N 10  
ALA HB2  H N N 11  
ALA HB3  H N N 12  
ALA HXT  H N N 13  
ARG N    N N N 14  
ARG CA   C N S 15  
ARG C    C N N 16  
ARG O    O N N 17  
ARG CB   C N N 18  
ARG CG   C N N 19  
ARG CD   C N N 20  
ARG NE   N N N 21  
ARG CZ   C N N 22  
ARG NH1  N N N 23  
ARG NH2  N N N 24  
ARG OXT  O N N 25  
ARG H    H N N 26  
ARG H2   H N N 27  
ARG HA   H N N 28  
ARG HB2  H N N 29  
ARG HB3  H N N 30  
ARG HG2  H N N 31  
ARG HG3  H N N 32  
ARG HD2  H N N 33  
ARG HD3  H N N 34  
ARG HE   H N N 35  
ARG HH11 H N N 36  
ARG HH12 H N N 37  
ARG HH21 H N N 38  
ARG HH22 H N N 39  
ARG HXT  H N N 40  
ASN N    N N N 41  
ASN CA   C N S 42  
ASN C    C N N 43  
ASN O    O N N 44  
ASN CB   C N N 45  
ASN CG   C N N 46  
ASN OD1  O N N 47  
ASN ND2  N N N 48  
ASN OXT  O N N 49  
ASN H    H N N 50  
ASN H2   H N N 51  
ASN HA   H N N 52  
ASN HB2  H N N 53  
ASN HB3  H N N 54  
ASN HD21 H N N 55  
ASN HD22 H N N 56  
ASN HXT  H N N 57  
ASP N    N N N 58  
ASP CA   C N S 59  
ASP C    C N N 60  
ASP O    O N N 61  
ASP CB   C N N 62  
ASP CG   C N N 63  
ASP OD1  O N N 64  
ASP OD2  O N N 65  
ASP OXT  O N N 66  
ASP H    H N N 67  
ASP H2   H N N 68  
ASP HA   H N N 69  
ASP HB2  H N N 70  
ASP HB3  H N N 71  
ASP HD2  H N N 72  
ASP HXT  H N N 73  
GLN N    N N N 74  
GLN CA   C N S 75  
GLN C    C N N 76  
GLN O    O N N 77  
GLN CB   C N N 78  
GLN CG   C N N 79  
GLN CD   C N N 80  
GLN OE1  O N N 81  
GLN NE2  N N N 82  
GLN OXT  O N N 83  
GLN H    H N N 84  
GLN H2   H N N 85  
GLN HA   H N N 86  
GLN HB2  H N N 87  
GLN HB3  H N N 88  
GLN HG2  H N N 89  
GLN HG3  H N N 90  
GLN HE21 H N N 91  
GLN HE22 H N N 92  
GLN HXT  H N N 93  
GLU N    N N N 94  
GLU CA   C N S 95  
GLU C    C N N 96  
GLU O    O N N 97  
GLU CB   C N N 98  
GLU CG   C N N 99  
GLU CD   C N N 100 
GLU OE1  O N N 101 
GLU OE2  O N N 102 
GLU OXT  O N N 103 
GLU H    H N N 104 
GLU H2   H N N 105 
GLU HA   H N N 106 
GLU HB2  H N N 107 
GLU HB3  H N N 108 
GLU HG2  H N N 109 
GLU HG3  H N N 110 
GLU HE2  H N N 111 
GLU HXT  H N N 112 
GLY N    N N N 113 
GLY CA   C N N 114 
GLY C    C N N 115 
GLY O    O N N 116 
GLY OXT  O N N 117 
GLY H    H N N 118 
GLY H2   H N N 119 
GLY HA2  H N N 120 
GLY HA3  H N N 121 
GLY HXT  H N N 122 
HIS N    N N N 123 
HIS CA   C N S 124 
HIS C    C N N 125 
HIS O    O N N 126 
HIS CB   C N N 127 
HIS CG   C Y N 128 
HIS ND1  N Y N 129 
HIS CD2  C Y N 130 
HIS CE1  C Y N 131 
HIS NE2  N Y N 132 
HIS OXT  O N N 133 
HIS H    H N N 134 
HIS H2   H N N 135 
HIS HA   H N N 136 
HIS HB2  H N N 137 
HIS HB3  H N N 138 
HIS HD1  H N N 139 
HIS HD2  H N N 140 
HIS HE1  H N N 141 
HIS HE2  H N N 142 
HIS HXT  H N N 143 
HOH O    O N N 144 
HOH H1   H N N 145 
HOH H2   H N N 146 
ILE N    N N N 147 
ILE CA   C N S 148 
ILE C    C N N 149 
ILE O    O N N 150 
ILE CB   C N S 151 
ILE CG1  C N N 152 
ILE CG2  C N N 153 
ILE CD1  C N N 154 
ILE OXT  O N N 155 
ILE H    H N N 156 
ILE H2   H N N 157 
ILE HA   H N N 158 
ILE HB   H N N 159 
ILE HG12 H N N 160 
ILE HG13 H N N 161 
ILE HG21 H N N 162 
ILE HG22 H N N 163 
ILE HG23 H N N 164 
ILE HD11 H N N 165 
ILE HD12 H N N 166 
ILE HD13 H N N 167 
ILE HXT  H N N 168 
LEU N    N N N 169 
LEU CA   C N S 170 
LEU C    C N N 171 
LEU O    O N N 172 
LEU CB   C N N 173 
LEU CG   C N N 174 
LEU CD1  C N N 175 
LEU CD2  C N N 176 
LEU OXT  O N N 177 
LEU H    H N N 178 
LEU H2   H N N 179 
LEU HA   H N N 180 
LEU HB2  H N N 181 
LEU HB3  H N N 182 
LEU HG   H N N 183 
LEU HD11 H N N 184 
LEU HD12 H N N 185 
LEU HD13 H N N 186 
LEU HD21 H N N 187 
LEU HD22 H N N 188 
LEU HD23 H N N 189 
LEU HXT  H N N 190 
LYS N    N N N 191 
LYS CA   C N S 192 
LYS C    C N N 193 
LYS O    O N N 194 
LYS CB   C N N 195 
LYS CG   C N N 196 
LYS CD   C N N 197 
LYS CE   C N N 198 
LYS NZ   N N N 199 
LYS OXT  O N N 200 
LYS H    H N N 201 
LYS H2   H N N 202 
LYS HA   H N N 203 
LYS HB2  H N N 204 
LYS HB3  H N N 205 
LYS HG2  H N N 206 
LYS HG3  H N N 207 
LYS HD2  H N N 208 
LYS HD3  H N N 209 
LYS HE2  H N N 210 
LYS HE3  H N N 211 
LYS HZ1  H N N 212 
LYS HZ2  H N N 213 
LYS HZ3  H N N 214 
LYS HXT  H N N 215 
MET N    N N N 216 
MET CA   C N S 217 
MET C    C N N 218 
MET O    O N N 219 
MET CB   C N N 220 
MET CG   C N N 221 
MET SD   S N N 222 
MET CE   C N N 223 
MET OXT  O N N 224 
MET H    H N N 225 
MET H2   H N N 226 
MET HA   H N N 227 
MET HB2  H N N 228 
MET HB3  H N N 229 
MET HG2  H N N 230 
MET HG3  H N N 231 
MET HE1  H N N 232 
MET HE2  H N N 233 
MET HE3  H N N 234 
MET HXT  H N N 235 
PHE N    N N N 236 
PHE CA   C N S 237 
PHE C    C N N 238 
PHE O    O N N 239 
PHE CB   C N N 240 
PHE CG   C Y N 241 
PHE CD1  C Y N 242 
PHE CD2  C Y N 243 
PHE CE1  C Y N 244 
PHE CE2  C Y N 245 
PHE CZ   C Y N 246 
PHE OXT  O N N 247 
PHE H    H N N 248 
PHE H2   H N N 249 
PHE HA   H N N 250 
PHE HB2  H N N 251 
PHE HB3  H N N 252 
PHE HD1  H N N 253 
PHE HD2  H N N 254 
PHE HE1  H N N 255 
PHE HE2  H N N 256 
PHE HZ   H N N 257 
PHE HXT  H N N 258 
PRO N    N N N 259 
PRO CA   C N S 260 
PRO C    C N N 261 
PRO O    O N N 262 
PRO CB   C N N 263 
PRO CG   C N N 264 
PRO CD   C N N 265 
PRO OXT  O N N 266 
PRO H    H N N 267 
PRO HA   H N N 268 
PRO HB2  H N N 269 
PRO HB3  H N N 270 
PRO HG2  H N N 271 
PRO HG3  H N N 272 
PRO HD2  H N N 273 
PRO HD3  H N N 274 
PRO HXT  H N N 275 
SER N    N N N 276 
SER CA   C N S 277 
SER C    C N N 278 
SER O    O N N 279 
SER CB   C N N 280 
SER OG   O N N 281 
SER OXT  O N N 282 
SER H    H N N 283 
SER H2   H N N 284 
SER HA   H N N 285 
SER HB2  H N N 286 
SER HB3  H N N 287 
SER HG   H N N 288 
SER HXT  H N N 289 
THR N    N N N 290 
THR CA   C N S 291 
THR C    C N N 292 
THR O    O N N 293 
THR CB   C N R 294 
THR OG1  O N N 295 
THR CG2  C N N 296 
THR OXT  O N N 297 
THR H    H N N 298 
THR H2   H N N 299 
THR HA   H N N 300 
THR HB   H N N 301 
THR HG1  H N N 302 
THR HG21 H N N 303 
THR HG22 H N N 304 
THR HG23 H N N 305 
THR HXT  H N N 306 
TRP N    N N N 307 
TRP CA   C N S 308 
TRP C    C N N 309 
TRP O    O N N 310 
TRP CB   C N N 311 
TRP CG   C Y N 312 
TRP CD1  C Y N 313 
TRP CD2  C Y N 314 
TRP NE1  N Y N 315 
TRP CE2  C Y N 316 
TRP CE3  C Y N 317 
TRP CZ2  C Y N 318 
TRP CZ3  C Y N 319 
TRP CH2  C Y N 320 
TRP OXT  O N N 321 
TRP H    H N N 322 
TRP H2   H N N 323 
TRP HA   H N N 324 
TRP HB2  H N N 325 
TRP HB3  H N N 326 
TRP HD1  H N N 327 
TRP HE1  H N N 328 
TRP HE3  H N N 329 
TRP HZ2  H N N 330 
TRP HZ3  H N N 331 
TRP HH2  H N N 332 
TRP HXT  H N N 333 
TYR N    N N N 334 
TYR CA   C N S 335 
TYR C    C N N 336 
TYR O    O N N 337 
TYR CB   C N N 338 
TYR CG   C Y N 339 
TYR CD1  C Y N 340 
TYR CD2  C Y N 341 
TYR CE1  C Y N 342 
TYR CE2  C Y N 343 
TYR CZ   C Y N 344 
TYR OH   O N N 345 
TYR OXT  O N N 346 
TYR H    H N N 347 
TYR H2   H N N 348 
TYR HA   H N N 349 
TYR HB2  H N N 350 
TYR HB3  H N N 351 
TYR HD1  H N N 352 
TYR HD2  H N N 353 
TYR HE1  H N N 354 
TYR HE2  H N N 355 
TYR HH   H N N 356 
TYR HXT  H N N 357 
VAL N    N N N 358 
VAL CA   C N S 359 
VAL C    C N N 360 
VAL O    O N N 361 
VAL CB   C N N 362 
VAL CG1  C N N 363 
VAL CG2  C N N 364 
VAL OXT  O N N 365 
VAL H    H N N 366 
VAL H2   H N N 367 
VAL HA   H N N 368 
VAL HB   H N N 369 
VAL HG11 H N N 370 
VAL HG12 H N N 371 
VAL HG13 H N N 372 
VAL HG21 H N N 373 
VAL HG22 H N N 374 
VAL HG23 H N N 375 
VAL HXT  H N N 376 
# 
loop_
_chem_comp_bond.comp_id 
_chem_comp_bond.atom_id_1 
_chem_comp_bond.atom_id_2 
_chem_comp_bond.value_order 
_chem_comp_bond.pdbx_aromatic_flag 
_chem_comp_bond.pdbx_stereo_config 
_chem_comp_bond.pdbx_ordinal 
ALA N   CA   sing N N 1   
ALA N   H    sing N N 2   
ALA N   H2   sing N N 3   
ALA CA  C    sing N N 4   
ALA CA  CB   sing N N 5   
ALA CA  HA   sing N N 6   
ALA C   O    doub N N 7   
ALA C   OXT  sing N N 8   
ALA CB  HB1  sing N N 9   
ALA CB  HB2  sing N N 10  
ALA CB  HB3  sing N N 11  
ALA OXT HXT  sing N N 12  
ARG N   CA   sing N N 13  
ARG N   H    sing N N 14  
ARG N   H2   sing N N 15  
ARG CA  C    sing N N 16  
ARG CA  CB   sing N N 17  
ARG CA  HA   sing N N 18  
ARG C   O    doub N N 19  
ARG C   OXT  sing N N 20  
ARG CB  CG   sing N N 21  
ARG CB  HB2  sing N N 22  
ARG CB  HB3  sing N N 23  
ARG CG  CD   sing N N 24  
ARG CG  HG2  sing N N 25  
ARG CG  HG3  sing N N 26  
ARG CD  NE   sing N N 27  
ARG CD  HD2  sing N N 28  
ARG CD  HD3  sing N N 29  
ARG NE  CZ   sing N N 30  
ARG NE  HE   sing N N 31  
ARG CZ  NH1  sing N N 32  
ARG CZ  NH2  doub N N 33  
ARG NH1 HH11 sing N N 34  
ARG NH1 HH12 sing N N 35  
ARG NH2 HH21 sing N N 36  
ARG NH2 HH22 sing N N 37  
ARG OXT HXT  sing N N 38  
ASN N   CA   sing N N 39  
ASN N   H    sing N N 40  
ASN N   H2   sing N N 41  
ASN CA  C    sing N N 42  
ASN CA  CB   sing N N 43  
ASN CA  HA   sing N N 44  
ASN C   O    doub N N 45  
ASN C   OXT  sing N N 46  
ASN CB  CG   sing N N 47  
ASN CB  HB2  sing N N 48  
ASN CB  HB3  sing N N 49  
ASN CG  OD1  doub N N 50  
ASN CG  ND2  sing N N 51  
ASN ND2 HD21 sing N N 52  
ASN ND2 HD22 sing N N 53  
ASN OXT HXT  sing N N 54  
ASP N   CA   sing N N 55  
ASP N   H    sing N N 56  
ASP N   H2   sing N N 57  
ASP CA  C    sing N N 58  
ASP CA  CB   sing N N 59  
ASP CA  HA   sing N N 60  
ASP C   O    doub N N 61  
ASP C   OXT  sing N N 62  
ASP CB  CG   sing N N 63  
ASP CB  HB2  sing N N 64  
ASP CB  HB3  sing N N 65  
ASP CG  OD1  doub N N 66  
ASP CG  OD2  sing N N 67  
ASP OD2 HD2  sing N N 68  
ASP OXT HXT  sing N N 69  
GLN N   CA   sing N N 70  
GLN N   H    sing N N 71  
GLN N   H2   sing N N 72  
GLN CA  C    sing N N 73  
GLN CA  CB   sing N N 74  
GLN CA  HA   sing N N 75  
GLN C   O    doub N N 76  
GLN C   OXT  sing N N 77  
GLN CB  CG   sing N N 78  
GLN CB  HB2  sing N N 79  
GLN CB  HB3  sing N N 80  
GLN CG  CD   sing N N 81  
GLN CG  HG2  sing N N 82  
GLN CG  HG3  sing N N 83  
GLN CD  OE1  doub N N 84  
GLN CD  NE2  sing N N 85  
GLN NE2 HE21 sing N N 86  
GLN NE2 HE22 sing N N 87  
GLN OXT HXT  sing N N 88  
GLU N   CA   sing N N 89  
GLU N   H    sing N N 90  
GLU N   H2   sing N N 91  
GLU CA  C    sing N N 92  
GLU CA  CB   sing N N 93  
GLU CA  HA   sing N N 94  
GLU C   O    doub N N 95  
GLU C   OXT  sing N N 96  
GLU CB  CG   sing N N 97  
GLU CB  HB2  sing N N 98  
GLU CB  HB3  sing N N 99  
GLU CG  CD   sing N N 100 
GLU CG  HG2  sing N N 101 
GLU CG  HG3  sing N N 102 
GLU CD  OE1  doub N N 103 
GLU CD  OE2  sing N N 104 
GLU OE2 HE2  sing N N 105 
GLU OXT HXT  sing N N 106 
GLY N   CA   sing N N 107 
GLY N   H    sing N N 108 
GLY N   H2   sing N N 109 
GLY CA  C    sing N N 110 
GLY CA  HA2  sing N N 111 
GLY CA  HA3  sing N N 112 
GLY C   O    doub N N 113 
GLY C   OXT  sing N N 114 
GLY OXT HXT  sing N N 115 
HIS N   CA   sing N N 116 
HIS N   H    sing N N 117 
HIS N   H2   sing N N 118 
HIS CA  C    sing N N 119 
HIS CA  CB   sing N N 120 
HIS CA  HA   sing N N 121 
HIS C   O    doub N N 122 
HIS C   OXT  sing N N 123 
HIS CB  CG   sing N N 124 
HIS CB  HB2  sing N N 125 
HIS CB  HB3  sing N N 126 
HIS CG  ND1  sing Y N 127 
HIS CG  CD2  doub Y N 128 
HIS ND1 CE1  doub Y N 129 
HIS ND1 HD1  sing N N 130 
HIS CD2 NE2  sing Y N 131 
HIS CD2 HD2  sing N N 132 
HIS CE1 NE2  sing Y N 133 
HIS CE1 HE1  sing N N 134 
HIS NE2 HE2  sing N N 135 
HIS OXT HXT  sing N N 136 
HOH O   H1   sing N N 137 
HOH O   H2   sing N N 138 
ILE N   CA   sing N N 139 
ILE N   H    sing N N 140 
ILE N   H2   sing N N 141 
ILE CA  C    sing N N 142 
ILE CA  CB   sing N N 143 
ILE CA  HA   sing N N 144 
ILE C   O    doub N N 145 
ILE C   OXT  sing N N 146 
ILE CB  CG1  sing N N 147 
ILE CB  CG2  sing N N 148 
ILE CB  HB   sing N N 149 
ILE CG1 CD1  sing N N 150 
ILE CG1 HG12 sing N N 151 
ILE CG1 HG13 sing N N 152 
ILE CG2 HG21 sing N N 153 
ILE CG2 HG22 sing N N 154 
ILE CG2 HG23 sing N N 155 
ILE CD1 HD11 sing N N 156 
ILE CD1 HD12 sing N N 157 
ILE CD1 HD13 sing N N 158 
ILE OXT HXT  sing N N 159 
LEU N   CA   sing N N 160 
LEU N   H    sing N N 161 
LEU N   H2   sing N N 162 
LEU CA  C    sing N N 163 
LEU CA  CB   sing N N 164 
LEU CA  HA   sing N N 165 
LEU C   O    doub N N 166 
LEU C   OXT  sing N N 167 
LEU CB  CG   sing N N 168 
LEU CB  HB2  sing N N 169 
LEU CB  HB3  sing N N 170 
LEU CG  CD1  sing N N 171 
LEU CG  CD2  sing N N 172 
LEU CG  HG   sing N N 173 
LEU CD1 HD11 sing N N 174 
LEU CD1 HD12 sing N N 175 
LEU CD1 HD13 sing N N 176 
LEU CD2 HD21 sing N N 177 
LEU CD2 HD22 sing N N 178 
LEU CD2 HD23 sing N N 179 
LEU OXT HXT  sing N N 180 
LYS N   CA   sing N N 181 
LYS N   H    sing N N 182 
LYS N   H2   sing N N 183 
LYS CA  C    sing N N 184 
LYS CA  CB   sing N N 185 
LYS CA  HA   sing N N 186 
LYS C   O    doub N N 187 
LYS C   OXT  sing N N 188 
LYS CB  CG   sing N N 189 
LYS CB  HB2  sing N N 190 
LYS CB  HB3  sing N N 191 
LYS CG  CD   sing N N 192 
LYS CG  HG2  sing N N 193 
LYS CG  HG3  sing N N 194 
LYS CD  CE   sing N N 195 
LYS CD  HD2  sing N N 196 
LYS CD  HD3  sing N N 197 
LYS CE  NZ   sing N N 198 
LYS CE  HE2  sing N N 199 
LYS CE  HE3  sing N N 200 
LYS NZ  HZ1  sing N N 201 
LYS NZ  HZ2  sing N N 202 
LYS NZ  HZ3  sing N N 203 
LYS OXT HXT  sing N N 204 
MET N   CA   sing N N 205 
MET N   H    sing N N 206 
MET N   H2   sing N N 207 
MET CA  C    sing N N 208 
MET CA  CB   sing N N 209 
MET CA  HA   sing N N 210 
MET C   O    doub N N 211 
MET C   OXT  sing N N 212 
MET CB  CG   sing N N 213 
MET CB  HB2  sing N N 214 
MET CB  HB3  sing N N 215 
MET CG  SD   sing N N 216 
MET CG  HG2  sing N N 217 
MET CG  HG3  sing N N 218 
MET SD  CE   sing N N 219 
MET CE  HE1  sing N N 220 
MET CE  HE2  sing N N 221 
MET CE  HE3  sing N N 222 
MET OXT HXT  sing N N 223 
PHE N   CA   sing N N 224 
PHE N   H    sing N N 225 
PHE N   H2   sing N N 226 
PHE CA  C    sing N N 227 
PHE CA  CB   sing N N 228 
PHE CA  HA   sing N N 229 
PHE C   O    doub N N 230 
PHE C   OXT  sing N N 231 
PHE CB  CG   sing N N 232 
PHE CB  HB2  sing N N 233 
PHE CB  HB3  sing N N 234 
PHE CG  CD1  doub Y N 235 
PHE CG  CD2  sing Y N 236 
PHE CD1 CE1  sing Y N 237 
PHE CD1 HD1  sing N N 238 
PHE CD2 CE2  doub Y N 239 
PHE CD2 HD2  sing N N 240 
PHE CE1 CZ   doub Y N 241 
PHE CE1 HE1  sing N N 242 
PHE CE2 CZ   sing Y N 243 
PHE CE2 HE2  sing N N 244 
PHE CZ  HZ   sing N N 245 
PHE OXT HXT  sing N N 246 
PRO N   CA   sing N N 247 
PRO N   CD   sing N N 248 
PRO N   H    sing N N 249 
PRO CA  C    sing N N 250 
PRO CA  CB   sing N N 251 
PRO CA  HA   sing N N 252 
PRO C   O    doub N N 253 
PRO C   OXT  sing N N 254 
PRO CB  CG   sing N N 255 
PRO CB  HB2  sing N N 256 
PRO CB  HB3  sing N N 257 
PRO CG  CD   sing N N 258 
PRO CG  HG2  sing N N 259 
PRO CG  HG3  sing N N 260 
PRO CD  HD2  sing N N 261 
PRO CD  HD3  sing N N 262 
PRO OXT HXT  sing N N 263 
SER N   CA   sing N N 264 
SER N   H    sing N N 265 
SER N   H2   sing N N 266 
SER CA  C    sing N N 267 
SER CA  CB   sing N N 268 
SER CA  HA   sing N N 269 
SER C   O    doub N N 270 
SER C   OXT  sing N N 271 
SER CB  OG   sing N N 272 
SER CB  HB2  sing N N 273 
SER CB  HB3  sing N N 274 
SER OG  HG   sing N N 275 
SER OXT HXT  sing N N 276 
THR N   CA   sing N N 277 
THR N   H    sing N N 278 
THR N   H2   sing N N 279 
THR CA  C    sing N N 280 
THR CA  CB   sing N N 281 
THR CA  HA   sing N N 282 
THR C   O    doub N N 283 
THR C   OXT  sing N N 284 
THR CB  OG1  sing N N 285 
THR CB  CG2  sing N N 286 
THR CB  HB   sing N N 287 
THR OG1 HG1  sing N N 288 
THR CG2 HG21 sing N N 289 
THR CG2 HG22 sing N N 290 
THR CG2 HG23 sing N N 291 
THR OXT HXT  sing N N 292 
TRP N   CA   sing N N 293 
TRP N   H    sing N N 294 
TRP N   H2   sing N N 295 
TRP CA  C    sing N N 296 
TRP CA  CB   sing N N 297 
TRP CA  HA   sing N N 298 
TRP C   O    doub N N 299 
TRP C   OXT  sing N N 300 
TRP CB  CG   sing N N 301 
TRP CB  HB2  sing N N 302 
TRP CB  HB3  sing N N 303 
TRP CG  CD1  doub Y N 304 
TRP CG  CD2  sing Y N 305 
TRP CD1 NE1  sing Y N 306 
TRP CD1 HD1  sing N N 307 
TRP CD2 CE2  doub Y N 308 
TRP CD2 CE3  sing Y N 309 
TRP NE1 CE2  sing Y N 310 
TRP NE1 HE1  sing N N 311 
TRP CE2 CZ2  sing Y N 312 
TRP CE3 CZ3  doub Y N 313 
TRP CE3 HE3  sing N N 314 
TRP CZ2 CH2  doub Y N 315 
TRP CZ2 HZ2  sing N N 316 
TRP CZ3 CH2  sing Y N 317 
TRP CZ3 HZ3  sing N N 318 
TRP CH2 HH2  sing N N 319 
TRP OXT HXT  sing N N 320 
TYR N   CA   sing N N 321 
TYR N   H    sing N N 322 
TYR N   H2   sing N N 323 
TYR CA  C    sing N N 324 
TYR CA  CB   sing N N 325 
TYR CA  HA   sing N N 326 
TYR C   O    doub N N 327 
TYR C   OXT  sing N N 328 
TYR CB  CG   sing N N 329 
TYR CB  HB2  sing N N 330 
TYR CB  HB3  sing N N 331 
TYR CG  CD1  doub Y N 332 
TYR CG  CD2  sing Y N 333 
TYR CD1 CE1  sing Y N 334 
TYR CD1 HD1  sing N N 335 
TYR CD2 CE2  doub Y N 336 
TYR CD2 HD2  sing N N 337 
TYR CE1 CZ   doub Y N 338 
TYR CE1 HE1  sing N N 339 
TYR CE2 CZ   sing Y N 340 
TYR CE2 HE2  sing N N 341 
TYR CZ  OH   sing N N 342 
TYR OH  HH   sing N N 343 
TYR OXT HXT  sing N N 344 
VAL N   CA   sing N N 345 
VAL N   H    sing N N 346 
VAL N   H2   sing N N 347 
VAL CA  C    sing N N 348 
VAL CA  CB   sing N N 349 
VAL CA  HA   sing N N 350 
VAL C   O    doub N N 351 
VAL C   OXT  sing N N 352 
VAL CB  CG1  sing N N 353 
VAL CB  CG2  sing N N 354 
VAL CB  HB   sing N N 355 
VAL CG1 HG11 sing N N 356 
VAL CG1 HG12 sing N N 357 
VAL CG1 HG13 sing N N 358 
VAL CG2 HG21 sing N N 359 
VAL CG2 HG22 sing N N 360 
VAL CG2 HG23 sing N N 361 
VAL OXT HXT  sing N N 362 
# 
_atom_sites.entry_id                    1AYD 
_atom_sites.fract_transf_matrix[1][1]   0.00380838 
_atom_sites.fract_transf_matrix[1][2]   -0.00298554 
_atom_sites.fract_transf_matrix[1][3]   0.01506487 
_atom_sites.fract_transf_matrix[2][1]   -0.01357017 
_atom_sites.fract_transf_matrix[2][2]   -0.00792187 
_atom_sites.fract_transf_matrix[2][3]   0.00186057 
_atom_sites.fract_transf_matrix[3][1]   0.00597233 
_atom_sites.fract_transf_matrix[3][2]   -0.01110195 
_atom_sites.fract_transf_matrix[3][3]   -0.00370997 
_atom_sites.fract_transf_vector[1]      0.294004 
_atom_sites.fract_transf_vector[2]      0.143642 
_atom_sites.fract_transf_vector[3]      0.314753 
# 
loop_
_atom_type.symbol 
C 
N 
O 
S 
# 
loop_
_atom_site.group_PDB 
_atom_site.id 
_atom_site.type_symbol 
_atom_site.label_atom_id 
_atom_site.label_alt_id 
_atom_site.label_comp_id 
_atom_site.label_asym_id 
_atom_site.label_entity_id 
_atom_site.label_seq_id 
_atom_site.pdbx_PDB_ins_code 
_atom_site.Cartn_x 
_atom_site.Cartn_y 
_atom_site.Cartn_z 
_atom_site.occupancy 
_atom_site.B_iso_or_equiv 
_atom_site.pdbx_formal_charge 
_atom_site.auth_seq_id 
_atom_site.auth_comp_id 
_atom_site.auth_asym_id 
_atom_site.auth_atom_id 
_atom_site.pdbx_PDB_model_num 
ATOM   1   N N   . MET A 1 1   ? 9.106   -7.749  -1.697  1.00 45.93  ? 3   MET A N   1 
ATOM   2   C CA  . MET A 1 1   ? 9.721   -8.569  -0.688  1.00 46.07  ? 3   MET A CA  1 
ATOM   3   C C   . MET A 1 1   ? 9.697   -7.849  0.666   1.00 51.03  ? 3   MET A C   1 
ATOM   4   O O   . MET A 1 1   ? 8.673   -7.997  1.347   1.00 55.91  ? 3   MET A O   1 
ATOM   5   C CB  . MET A 1 1   ? 11.159  -8.906  -1.076  1.00 40.60  ? 3   MET A CB  1 
ATOM   6   N N   . ARG A 1 2   ? 10.609  -6.984  1.126   1.00 56.61  ? 4   ARG A N   1 
ATOM   7   C CA  . ARG A 1 2   ? 10.524  -6.561  2.524   1.00 57.06  ? 4   ARG A CA  1 
ATOM   8   C C   . ARG A 1 2   ? 10.636  -5.120  3.015   1.00 59.15  ? 4   ARG A C   1 
ATOM   9   O O   . ARG A 1 2   ? 9.803   -4.663  3.804   1.00 54.90  ? 4   ARG A O   1 
ATOM   10  C CB  . ARG A 1 2   ? 11.545  -7.390  3.284   1.00 59.15  ? 4   ARG A CB  1 
ATOM   11  N N   . ARG A 1 3   ? 11.674  -4.400  2.561   1.00 53.51  ? 5   ARG A N   1 
ATOM   12  C CA  . ARG A 1 3   ? 12.030  -3.063  3.029   1.00 40.18  ? 5   ARG A CA  1 
ATOM   13  C C   . ARG A 1 3   ? 10.979  -1.941  3.006   1.00 36.62  ? 5   ARG A C   1 
ATOM   14  O O   . ARG A 1 3   ? 11.020  -1.063  3.851   1.00 33.27  ? 5   ARG A O   1 
ATOM   15  C CB  . ARG A 1 3   ? 13.246  -2.713  2.233   1.00 43.29  ? 5   ARG A CB  1 
ATOM   16  N N   . TRP A 1 4   ? 9.989   -1.954  2.107   1.00 41.42  ? 6   TRP A N   1 
ATOM   17  C CA  . TRP A 1 4   ? 8.847   -1.035  2.111   1.00 27.29  ? 6   TRP A CA  1 
ATOM   18  C C   . TRP A 1 4   ? 7.832   -1.327  3.233   1.00 35.75  ? 6   TRP A C   1 
ATOM   19  O O   . TRP A 1 4   ? 6.783   -0.673  3.341   1.00 33.72  ? 6   TRP A O   1 
ATOM   20  C CB  . TRP A 1 4   ? 8.118   -1.095  0.740   1.00 27.44  ? 6   TRP A CB  1 
ATOM   21  C CG  . TRP A 1 4   ? 7.899   -2.494  0.120   1.00 27.39  ? 6   TRP A CG  1 
ATOM   22  C CD1 . TRP A 1 4   ? 8.649   -2.897  -0.960  1.00 26.31  ? 6   TRP A CD1 1 
ATOM   23  C CD2 . TRP A 1 4   ? 7.023   -3.475  0.538   1.00 20.99  ? 6   TRP A CD2 1 
ATOM   24  N NE1 . TRP A 1 4   ? 8.279   -4.109  -1.236  1.00 21.61  ? 6   TRP A NE1 1 
ATOM   25  C CE2 . TRP A 1 4   ? 7.318   -4.500  -0.367  1.00 28.31  ? 6   TRP A CE2 1 
ATOM   26  C CE3 . TRP A 1 4   ? 6.050   -3.658  1.524   1.00 17.07  ? 6   TRP A CE3 1 
ATOM   27  C CZ2 . TRP A 1 4   ? 6.638   -5.722  -0.284  1.00 28.63  ? 6   TRP A CZ2 1 
ATOM   28  C CZ3 . TRP A 1 4   ? 5.375   -4.876  1.605   1.00 22.84  ? 6   TRP A CZ3 1 
ATOM   29  C CH2 . TRP A 1 4   ? 5.669   -5.901  0.711   1.00 27.27  ? 6   TRP A CH2 1 
ATOM   30  N N   . PHE A 1 5   ? 8.029   -2.386  4.030   1.00 37.95  ? 7   PHE A N   1 
ATOM   31  C CA  . PHE A 1 5   ? 7.144   -2.729  5.139   1.00 39.46  ? 7   PHE A CA  1 
ATOM   32  C C   . PHE A 1 5   ? 7.639   -2.046  6.398   1.00 25.63  ? 7   PHE A C   1 
ATOM   33  O O   . PHE A 1 5   ? 8.783   -2.137  6.828   1.00 27.57  ? 7   PHE A O   1 
ATOM   34  C CB  . PHE A 1 5   ? 7.101   -4.255  5.356   1.00 39.36  ? 7   PHE A CB  1 
ATOM   35  C CG  . PHE A 1 5   ? 6.188   -4.757  6.475   1.00 37.48  ? 7   PHE A CG  1 
ATOM   36  C CD1 . PHE A 1 5   ? 4.825   -4.444  6.480   1.00 38.93  ? 7   PHE A CD1 1 
ATOM   37  C CD2 . PHE A 1 5   ? 6.728   -5.540  7.505   1.00 33.45  ? 7   PHE A CD2 1 
ATOM   38  C CE1 . PHE A 1 5   ? 4.016   -4.919  7.516   1.00 37.53  ? 7   PHE A CE1 1 
ATOM   39  C CE2 . PHE A 1 5   ? 5.914   -6.006  8.530   1.00 29.72  ? 7   PHE A CE2 1 
ATOM   40  C CZ  . PHE A 1 5   ? 4.558   -5.698  8.537   1.00 32.63  ? 7   PHE A CZ  1 
ATOM   41  N N   . HIS A 1 6   ? 6.740   -1.355  7.028   1.00 27.29  ? 8   HIS A N   1 
ATOM   42  C CA  . HIS A 1 6   ? 7.097   -0.612  8.189   1.00 34.23  ? 8   HIS A CA  1 
ATOM   43  C C   . HIS A 1 6   ? 6.135   -1.063  9.252   1.00 37.25  ? 8   HIS A C   1 
ATOM   44  O O   . HIS A 1 6   ? 4.983   -0.646  9.254   1.00 40.40  ? 8   HIS A O   1 
ATOM   45  C CB  . HIS A 1 6   ? 6.931   0.856   7.902   1.00 46.77  ? 8   HIS A CB  1 
ATOM   46  C CG  . HIS A 1 6   ? 7.992   1.453   6.983   1.00 47.48  ? 8   HIS A CG  1 
ATOM   47  N ND1 . HIS A 1 6   ? 9.230   1.809   7.299   1.00 47.68  ? 8   HIS A ND1 1 
ATOM   48  C CD2 . HIS A 1 6   ? 7.803   1.750   5.665   1.00 46.52  ? 8   HIS A CD2 1 
ATOM   49  C CE1 . HIS A 1 6   ? 9.805   2.308   6.231   1.00 47.12  ? 8   HIS A CE1 1 
ATOM   50  N NE2 . HIS A 1 6   ? 8.932   2.264   5.261   1.00 47.78  ? 8   HIS A NE2 1 
ATOM   51  N N   . PRO A 1 7   ? 6.528   -1.939  10.174  1.00 39.42  ? 9   PRO A N   1 
ATOM   52  C CA  . PRO A 1 7   ? 5.699   -2.314  11.312  1.00 38.74  ? 9   PRO A CA  1 
ATOM   53  C C   . PRO A 1 7   ? 5.595   -1.184  12.335  1.00 54.56  ? 9   PRO A C   1 
ATOM   54  O O   . PRO A 1 7   ? 4.602   -0.947  13.009  1.00 57.16  ? 9   PRO A O   1 
ATOM   55  C CB  . PRO A 1 7   ? 6.398   -3.529  11.799  1.00 39.73  ? 9   PRO A CB  1 
ATOM   56  C CG  . PRO A 1 7   ? 7.869   -3.193  11.584  1.00 35.60  ? 9   PRO A CG  1 
ATOM   57  C CD  . PRO A 1 7   ? 7.838   -2.592  10.199  1.00 33.07  ? 9   PRO A CD  1 
ATOM   58  N N   . ASN A 1 8   ? 6.687   -0.435  12.338  1.00 64.88  ? 10  ASN A N   1 
ATOM   59  C CA  . ASN A 1 8   ? 7.039   0.619   13.257  1.00 67.77  ? 10  ASN A CA  1 
ATOM   60  C C   . ASN A 1 8   ? 6.226   1.899   13.122  1.00 77.78  ? 10  ASN A C   1 
ATOM   61  O O   . ASN A 1 8   ? 6.467   2.821   13.908  1.00 92.29  ? 10  ASN A O   1 
ATOM   62  C CB  . ASN A 1 8   ? 8.582   0.898   13.063  1.00 61.53  ? 10  ASN A CB  1 
ATOM   63  C CG  . ASN A 1 8   ? 9.102   1.094   11.613  1.00 40.77  ? 10  ASN A CG  1 
ATOM   64  O OD1 . ASN A 1 8   ? 8.390   1.558   10.735  1.00 33.94  ? 10  ASN A OD1 1 
ATOM   65  N ND2 . ASN A 1 8   ? 10.291  0.693   11.196  1.00 40.51  ? 10  ASN A ND2 1 
ATOM   66  N N   . ILE A 1 9   ? 5.268   2.074   12.215  1.00 73.14  ? 11  ILE A N   1 
ATOM   67  C CA  . ILE A 1 9   ? 4.699   3.401   12.075  1.00 74.23  ? 11  ILE A CA  1 
ATOM   68  C C   . ILE A 1 9   ? 3.181   3.534   12.138  1.00 72.55  ? 11  ILE A C   1 
ATOM   69  O O   . ILE A 1 9   ? 2.381   2.658   11.811  1.00 68.97  ? 11  ILE A O   1 
ATOM   70  C CB  . ILE A 1 9   ? 5.210   4.056   10.739  1.00 78.49  ? 11  ILE A CB  1 
ATOM   71  C CG1 . ILE A 1 9   ? 4.815   3.219   9.539   1.00 85.23  ? 11  ILE A CG1 1 
ATOM   72  C CG2 . ILE A 1 9   ? 6.719   4.214   10.776  1.00 75.20  ? 11  ILE A CG2 1 
ATOM   73  C CD1 . ILE A 1 9   ? 5.154   3.911   8.210   1.00 91.10  ? 11  ILE A CD1 1 
ATOM   74  N N   . THR A 1 10  ? 2.797   4.718   12.589  1.00 73.78  ? 12  THR A N   1 
ATOM   75  C CA  . THR A 1 10  ? 1.415   5.158   12.640  1.00 66.83  ? 12  THR A CA  1 
ATOM   76  C C   . THR A 1 10  ? 0.993   5.655   11.257  1.00 60.39  ? 12  THR A C   1 
ATOM   77  O O   . THR A 1 10  ? 1.849   5.876   10.396  1.00 61.31  ? 12  THR A O   1 
ATOM   78  C CB  . THR A 1 10  ? 1.330   6.281   13.692  1.00 69.89  ? 12  THR A CB  1 
ATOM   79  O OG1 . THR A 1 10  ? 2.381   7.228   13.435  1.00 72.46  ? 12  THR A OG1 1 
ATOM   80  C CG2 . THR A 1 10  ? 1.463   5.725   15.098  1.00 74.80  ? 12  THR A CG2 1 
ATOM   81  N N   . GLY A 1 11  ? -0.276  5.940   10.985  1.00 63.53  ? 13  GLY A N   1 
ATOM   82  C CA  . GLY A 1 11  ? -0.686  6.487   9.691   1.00 64.55  ? 13  GLY A CA  1 
ATOM   83  C C   . GLY A 1 11  ? -0.026  7.843   9.476   1.00 63.45  ? 13  GLY A C   1 
ATOM   84  O O   . GLY A 1 11  ? 0.495   8.172   8.412   1.00 60.35  ? 13  GLY A O   1 
ATOM   85  N N   . VAL A 1 12  ? 0.022   8.615   10.553  1.00 68.04  ? 14  VAL A N   1 
ATOM   86  C CA  . VAL A 1 12  ? 0.638   9.927   10.549  1.00 67.80  ? 14  VAL A CA  1 
ATOM   87  C C   . VAL A 1 12  ? 2.153   9.799   10.364  1.00 62.86  ? 14  VAL A C   1 
ATOM   88  O O   . VAL A 1 12  ? 2.695   10.618  9.607   1.00 60.91  ? 14  VAL A O   1 
ATOM   89  C CB  . VAL A 1 12  ? 0.232   10.651  11.882  1.00 71.83  ? 14  VAL A CB  1 
ATOM   90  C CG1 . VAL A 1 12  ? 0.933   11.988  12.075  1.00 72.14  ? 14  VAL A CG1 1 
ATOM   91  C CG2 . VAL A 1 12  ? -1.245  11.005  11.803  1.00 67.97  ? 14  VAL A CG2 1 
ATOM   92  N N   . GLU A 1 13  ? 2.910   8.859   10.952  1.00 55.41  ? 15  GLU A N   1 
ATOM   93  C CA  . GLU A 1 13  ? 4.338   8.795   10.654  1.00 54.54  ? 15  GLU A CA  1 
ATOM   94  C C   . GLU A 1 13  ? 4.564   8.274   9.238   1.00 56.06  ? 15  GLU A C   1 
ATOM   95  O O   . GLU A 1 13  ? 5.618   8.543   8.638   1.00 58.84  ? 15  GLU A O   1 
ATOM   96  C CB  . GLU A 1 13  ? 5.079   7.895   11.643  1.00 52.75  ? 15  GLU A CB  1 
ATOM   97  C CG  . GLU A 1 13  ? 6.596   7.618   11.409  1.00 60.36  ? 15  GLU A CG  1 
ATOM   98  C CD  . GLU A 1 13  ? 7.663   8.732   11.481  1.00 57.63  ? 15  GLU A CD  1 
ATOM   99  O OE1 . GLU A 1 13  ? 7.346   9.918   11.425  1.00 61.30  ? 15  GLU A OE1 1 
ATOM   100 O OE2 . GLU A 1 13  ? 8.848   8.410   11.576  1.00 50.71  ? 15  GLU A OE2 1 
ATOM   101 N N   . ALA A 1 14  ? 3.573   7.551   8.695   1.00 46.93  ? 16  ALA A N   1 
ATOM   102 C CA  . ALA A 1 14  ? 3.633   7.123   7.314   1.00 47.02  ? 16  ALA A CA  1 
ATOM   103 C C   . ALA A 1 14  ? 3.496   8.351   6.409   1.00 46.87  ? 16  ALA A C   1 
ATOM   104 O O   . ALA A 1 14  ? 4.284   8.542   5.473   1.00 49.51  ? 16  ALA A O   1 
ATOM   105 C CB  . ALA A 1 14  ? 2.515   6.154   7.014   1.00 49.49  ? 16  ALA A CB  1 
ATOM   106 N N   . GLU A 1 15  ? 2.540   9.241   6.666   1.00 47.11  ? 17  GLU A N   1 
ATOM   107 C CA  . GLU A 1 15  ? 2.428   10.481  5.893   1.00 48.04  ? 17  GLU A CA  1 
ATOM   108 C C   . GLU A 1 15  ? 3.644   11.374  6.069   1.00 40.10  ? 17  GLU A C   1 
ATOM   109 O O   . GLU A 1 15  ? 4.058   12.015  5.116   1.00 36.77  ? 17  GLU A O   1 
ATOM   110 C CB  . GLU A 1 15  ? 1.223   11.261  6.312   1.00 42.10  ? 17  GLU A CB  1 
ATOM   111 C CG  . GLU A 1 15  ? 0.004   10.600  5.775   1.00 47.81  ? 17  GLU A CG  1 
ATOM   112 C CD  . GLU A 1 15  ? -1.208  10.954  6.603   1.00 61.05  ? 17  GLU A CD  1 
ATOM   113 O OE1 . GLU A 1 15  ? -1.676  12.090  6.538   1.00 62.56  ? 17  GLU A OE1 1 
ATOM   114 O OE2 . GLU A 1 15  ? -1.673  10.075  7.324   1.00 72.71  ? 17  GLU A OE2 1 
ATOM   115 N N   . ASN A 1 16  ? 4.252   11.416  7.254   1.00 42.52  ? 18  ASN A N   1 
ATOM   116 C CA  . ASN A 1 16  ? 5.471   12.173  7.481   1.00 49.83  ? 18  ASN A CA  1 
ATOM   117 C C   . ASN A 1 16  ? 6.534   11.629  6.535   1.00 47.52  ? 18  ASN A C   1 
ATOM   118 O O   . ASN A 1 16  ? 6.911   12.332  5.594   1.00 47.56  ? 18  ASN A O   1 
ATOM   119 C CB  . ASN A 1 16  ? 5.951   12.035  8.930   1.00 52.28  ? 18  ASN A CB  1 
ATOM   120 C CG  . ASN A 1 16  ? 7.297   12.712  9.169   1.00 52.26  ? 18  ASN A CG  1 
ATOM   121 O OD1 . ASN A 1 16  ? 8.351   12.126  8.932   1.00 54.43  ? 18  ASN A OD1 1 
ATOM   122 N ND2 . ASN A 1 16  ? 7.349   13.934  9.671   1.00 57.34  ? 18  ASN A ND2 1 
ATOM   123 N N   . LEU A 1 17  ? 6.908   10.357  6.689   1.00 39.47  ? 19  LEU A N   1 
ATOM   124 C CA  . LEU A 1 17  ? 7.920   9.725   5.861   1.00 46.36  ? 19  LEU A CA  1 
ATOM   125 C C   . LEU A 1 17  ? 7.783   9.950   4.377   1.00 45.47  ? 19  LEU A C   1 
ATOM   126 O O   . LEU A 1 17  ? 8.752   10.305  3.691   1.00 47.40  ? 19  LEU A O   1 
ATOM   127 C CB  . LEU A 1 17  ? 7.922   8.237   6.082   1.00 47.85  ? 19  LEU A CB  1 
ATOM   128 C CG  . LEU A 1 17  ? 9.066   7.700   6.890   1.00 48.67  ? 19  LEU A CG  1 
ATOM   129 C CD1 . LEU A 1 17  ? 9.176   8.450   8.200   1.00 48.38  ? 19  LEU A CD1 1 
ATOM   130 C CD2 . LEU A 1 17  ? 8.835   6.210   7.109   1.00 49.18  ? 19  LEU A CD2 1 
ATOM   131 N N   . LEU A 1 18  ? 6.560   9.747   3.900   1.00 37.52  ? 20  LEU A N   1 
ATOM   132 C CA  . LEU A 1 18  ? 6.281   9.950   2.494   1.00 34.28  ? 20  LEU A CA  1 
ATOM   133 C C   . LEU A 1 18  ? 6.355   11.427  2.049   1.00 39.36  ? 20  LEU A C   1 
ATOM   134 O O   . LEU A 1 18  ? 6.855   11.718  0.946   1.00 29.45  ? 20  LEU A O   1 
ATOM   135 C CB  . LEU A 1 18  ? 4.898   9.362   2.183   1.00 31.25  ? 20  LEU A CB  1 
ATOM   136 C CG  . LEU A 1 18  ? 4.705   7.854   2.061   1.00 25.23  ? 20  LEU A CG  1 
ATOM   137 C CD1 . LEU A 1 18  ? 3.260   7.552   2.328   1.00 28.05  ? 20  LEU A CD1 1 
ATOM   138 C CD2 . LEU A 1 18  ? 5.041   7.368   0.685   1.00 20.11  ? 20  LEU A CD2 1 
ATOM   139 N N   . LEU A 1 19  ? 5.903   12.390  2.857   1.00 33.54  ? 21  LEU A N   1 
ATOM   140 C CA  . LEU A 1 19  ? 5.927   13.767  2.430   1.00 29.86  ? 21  LEU A CA  1 
ATOM   141 C C   . LEU A 1 19  ? 7.269   14.412  2.581   1.00 27.06  ? 21  LEU A C   1 
ATOM   142 O O   . LEU A 1 19  ? 7.524   15.370  1.839   1.00 31.85  ? 21  LEU A O   1 
ATOM   143 C CB  . LEU A 1 19  ? 4.949   14.567  3.202   1.00 30.44  ? 21  LEU A CB  1 
ATOM   144 C CG  . LEU A 1 19  ? 3.534   14.058  3.044   1.00 32.24  ? 21  LEU A CG  1 
ATOM   145 C CD1 . LEU A 1 19  ? 2.727   14.847  4.029   1.00 24.67  ? 21  LEU A CD1 1 
ATOM   146 C CD2 . LEU A 1 19  ? 3.031   14.126  1.603   1.00 29.55  ? 21  LEU A CD2 1 
ATOM   147 N N   . THR A 1 20  ? 8.126   13.934  3.493   1.00 32.37  ? 22  THR A N   1 
ATOM   148 C CA  . THR A 1 20  ? 9.457   14.522  3.647   1.00 38.31  ? 22  THR A CA  1 
ATOM   149 C C   . THR A 1 20  ? 10.507  13.751  2.870   1.00 31.85  ? 22  THR A C   1 
ATOM   150 O O   . THR A 1 20  ? 11.476  14.349  2.394   1.00 36.63  ? 22  THR A O   1 
ATOM   151 C CB  . THR A 1 20  ? 9.990   14.601  5.144   1.00 37.59  ? 22  THR A CB  1 
ATOM   152 O OG1 . THR A 1 20  ? 10.132  13.275  5.658   1.00 42.95  ? 22  THR A OG1 1 
ATOM   153 C CG2 . THR A 1 20  ? 9.080   15.407  6.026   1.00 22.08  ? 22  THR A CG2 1 
ATOM   154 N N   . ARG A 1 21  ? 10.411  12.433  2.797   1.00 28.31  ? 23  ARG A N   1 
ATOM   155 C CA  . ARG A 1 21  ? 11.409  11.688  2.076   1.00 27.95  ? 23  ARG A CA  1 
ATOM   156 C C   . ARG A 1 21  ? 10.803  10.974  0.890   1.00 21.57  ? 23  ARG A C   1 
ATOM   157 O O   . ARG A 1 21  ? 11.503  10.207  0.224   1.00 25.08  ? 23  ARG A O   1 
ATOM   158 C CB  . ARG A 1 21  ? 12.078  10.696  3.016   1.00 41.19  ? 23  ARG A CB  1 
ATOM   159 C CG  . ARG A 1 21  ? 12.797  11.355  4.191   1.00 51.34  ? 23  ARG A CG  1 
ATOM   160 C CD  . ARG A 1 21  ? 13.738  10.326  4.798   1.00 68.77  ? 23  ARG A CD  1 
ATOM   161 N NE  . ARG A 1 21  ? 13.846  10.437  6.251   1.00 83.62  ? 23  ARG A NE  1 
ATOM   162 C CZ  . ARG A 1 21  ? 13.296  9.548   7.102   1.00 92.99  ? 23  ARG A CZ  1 
ATOM   163 N NH1 . ARG A 1 21  ? 12.598  8.478   6.703   1.00 97.53  ? 23  ARG A NH1 1 
ATOM   164 N NH2 . ARG A 1 21  ? 13.452  9.726   8.410   1.00 92.69  ? 23  ARG A NH2 1 
ATOM   165 N N   . GLY A 1 22  ? 9.541   11.193  0.547   1.00 21.39  ? 24  GLY A N   1 
ATOM   166 C CA  . GLY A 1 22  ? 9.001   10.576  -0.644  1.00 26.66  ? 24  GLY A CA  1 
ATOM   167 C C   . GLY A 1 22  ? 8.908   11.578  -1.784  1.00 20.27  ? 24  GLY A C   1 
ATOM   168 O O   . GLY A 1 22  ? 9.136   12.791  -1.650  1.00 28.40  ? 24  GLY A O   1 
ATOM   169 N N   . VAL A 1 23  ? 8.526   10.994  -2.907  1.00 26.89  ? 25  VAL A N   1 
ATOM   170 C CA  . VAL A 1 23  ? 8.301   11.644  -4.184  1.00 24.68  ? 25  VAL A CA  1 
ATOM   171 C C   . VAL A 1 23  ? 6.946   11.093  -4.713  1.00 31.26  ? 25  VAL A C   1 
ATOM   172 O O   . VAL A 1 23  ? 6.479   10.058  -4.204  1.00 29.12  ? 25  VAL A O   1 
ATOM   173 C CB  . VAL A 1 23  ? 9.577   11.233  -4.915  1.00 27.02  ? 25  VAL A CB  1 
ATOM   174 C CG1 . VAL A 1 23  ? 9.268   10.327  -6.098  1.00 21.34  ? 25  VAL A CG1 1 
ATOM   175 C CG2 . VAL A 1 23  ? 10.342  12.498  -5.237  1.00 26.95  ? 25  VAL A CG2 1 
ATOM   176 N N   . ASP A 1 24  ? 6.231   11.632  -5.708  1.00 26.32  ? 26  ASP A N   1 
ATOM   177 C CA  . ASP A 1 24  ? 5.009   10.969  -6.161  1.00 27.55  ? 26  ASP A CA  1 
ATOM   178 C C   . ASP A 1 24  ? 5.264   9.632   -6.826  1.00 21.80  ? 26  ASP A C   1 
ATOM   179 O O   . ASP A 1 24  ? 5.959   9.482   -7.836  1.00 30.92  ? 26  ASP A O   1 
ATOM   180 C CB  . ASP A 1 24  ? 4.213   11.805  -7.160  1.00 26.62  ? 26  ASP A CB  1 
ATOM   181 C CG  . ASP A 1 24  ? 3.632   13.098  -6.614  1.00 27.16  ? 26  ASP A CG  1 
ATOM   182 O OD1 . ASP A 1 24  ? 3.460   13.218  -5.405  1.00 36.08  ? 26  ASP A OD1 1 
ATOM   183 O OD2 . ASP A 1 24  ? 3.346   13.990  -7.408  1.00 27.40  ? 26  ASP A OD2 1 
ATOM   184 N N   . GLY A 1 25  ? 4.654   8.654   -6.195  1.00 20.05  ? 27  GLY A N   1 
ATOM   185 C CA  . GLY A 1 25  ? 4.800   7.275   -6.592  1.00 14.19  ? 27  GLY A CA  1 
ATOM   186 C C   . GLY A 1 25  ? 5.416   6.458   -5.468  1.00 16.05  ? 27  GLY A C   1 
ATOM   187 O O   . GLY A 1 25  ? 5.538   5.241   -5.616  1.00 24.88  ? 27  GLY A O   1 
ATOM   188 N N   . SER A 1 26  ? 5.872   7.098   -4.389  1.00 25.40  ? 28  SER A N   1 
ATOM   189 C CA  . SER A 1 26  ? 6.456   6.461   -3.213  1.00 23.07  ? 28  SER A CA  1 
ATOM   190 C C   . SER A 1 26  ? 5.395   5.724   -2.415  1.00 18.24  ? 28  SER A C   1 
ATOM   191 O O   . SER A 1 26  ? 4.251   6.180   -2.381  1.00 26.15  ? 28  SER A O   1 
ATOM   192 C CB  . SER A 1 26  ? 7.131   7.550   -2.362  1.00 25.33  ? 28  SER A CB  1 
ATOM   193 O OG  . SER A 1 26  ? 8.284   8.072   -3.022  1.00 18.56  ? 28  SER A OG  1 
ATOM   194 N N   . PHE A 1 27  ? 5.677   4.594   -1.779  1.00 18.43  ? 29  PHE A N   1 
ATOM   195 C CA  . PHE A 1 27  ? 4.635   3.870   -1.060  1.00 21.41  ? 29  PHE A CA  1 
ATOM   196 C C   . PHE A 1 27  ? 5.355   3.021   -0.061  1.00 21.89  ? 29  PHE A C   1 
ATOM   197 O O   . PHE A 1 27  ? 6.553   2.760   -0.210  1.00 16.92  ? 29  PHE A O   1 
ATOM   198 C CB  . PHE A 1 27  ? 3.771   2.925   -1.956  1.00 21.99  ? 29  PHE A CB  1 
ATOM   199 C CG  . PHE A 1 27  ? 4.530   1.733   -2.522  1.00 25.56  ? 29  PHE A CG  1 
ATOM   200 C CD1 . PHE A 1 27  ? 5.226   1.902   -3.728  1.00 26.12  ? 29  PHE A CD1 1 
ATOM   201 C CD2 . PHE A 1 27  ? 4.629   0.533   -1.791  1.00 27.74  ? 29  PHE A CD2 1 
ATOM   202 C CE1 . PHE A 1 27  ? 6.033   0.881   -4.188  1.00 14.83  ? 29  PHE A CE1 1 
ATOM   203 C CE2 . PHE A 1 27  ? 5.445   -0.493  -2.253  1.00 21.09  ? 29  PHE A CE2 1 
ATOM   204 C CZ  . PHE A 1 27  ? 6.143   -0.309  -3.448  1.00 30.22  ? 29  PHE A CZ  1 
ATOM   205 N N   . LEU A 1 28  ? 4.571   2.568   0.903   1.00 25.19  ? 30  LEU A N   1 
ATOM   206 C CA  . LEU A 1 28  ? 5.022   1.681   1.944   1.00 25.80  ? 30  LEU A CA  1 
ATOM   207 C C   . LEU A 1 28  ? 3.799   0.854   2.324   1.00 30.53  ? 30  LEU A C   1 
ATOM   208 O O   . LEU A 1 28  ? 2.684   1.197   1.907   1.00 26.90  ? 30  LEU A O   1 
ATOM   209 C CB  . LEU A 1 28  ? 5.535   2.529   3.118   1.00 27.19  ? 30  LEU A CB  1 
ATOM   210 C CG  . LEU A 1 28  ? 4.674   3.624   3.760   1.00 32.77  ? 30  LEU A CG  1 
ATOM   211 C CD1 . LEU A 1 28  ? 3.738   3.100   4.862   1.00 23.36  ? 30  LEU A CD1 1 
ATOM   212 C CD2 . LEU A 1 28  ? 5.656   4.648   4.317   1.00 35.19  ? 30  LEU A CD2 1 
ATOM   213 N N   . ALA A 1 29  ? 3.953   -0.243  3.068   1.00 34.22  ? 31  ALA A N   1 
ATOM   214 C CA  . ALA A 1 29  ? 2.797   -0.946  3.629   1.00 38.77  ? 31  ALA A CA  1 
ATOM   215 C C   . ALA A 1 29  ? 2.985   -0.915  5.155   1.00 39.65  ? 31  ALA A C   1 
ATOM   216 O O   . ALA A 1 29  ? 4.098   -0.892  5.700   1.00 33.41  ? 31  ALA A O   1 
ATOM   217 C CB  . ALA A 1 29  ? 2.724   -2.424  3.190   1.00 36.15  ? 31  ALA A CB  1 
ATOM   218 N N   . ARG A 1 30  ? 1.915   -0.908  5.917   1.00 43.16  ? 32  ARG A N   1 
ATOM   219 C CA  . ARG A 1 30  ? 2.019   -0.854  7.363   1.00 49.66  ? 32  ARG A CA  1 
ATOM   220 C C   . ARG A 1 30  ? 0.817   -1.554  7.999   1.00 56.69  ? 32  ARG A C   1 
ATOM   221 O O   . ARG A 1 30  ? -0.239  -1.650  7.347   1.00 55.49  ? 32  ARG A O   1 
ATOM   222 C CB  . ARG A 1 30  ? 2.103   0.630   7.771   1.00 48.94  ? 32  ARG A CB  1 
ATOM   223 C CG  . ARG A 1 30  ? 1.008   1.468   7.149   1.00 37.45  ? 32  ARG A CG  1 
ATOM   224 C CD  . ARG A 1 30  ? 1.070   2.886   7.631   1.00 38.59  ? 32  ARG A CD  1 
ATOM   225 N NE  . ARG A 1 30  ? -0.162  3.474   7.160   1.00 35.41  ? 32  ARG A NE  1 
ATOM   226 C CZ  . ARG A 1 30  ? -1.287  3.318   7.853   1.00 41.41  ? 32  ARG A CZ  1 
ATOM   227 N NH1 . ARG A 1 30  ? -1.317  2.641   9.024   1.00 38.77  ? 32  ARG A NH1 1 
ATOM   228 N NH2 . ARG A 1 30  ? -2.419  3.740   7.285   1.00 45.08  ? 32  ARG A NH2 1 
ATOM   229 N N   . PRO A 1 31  ? 0.900   -2.112  9.221   1.00 59.82  ? 33  PRO A N   1 
ATOM   230 C CA  . PRO A 1 31  ? -0.197  -2.821  9.882   1.00 52.65  ? 33  PRO A CA  1 
ATOM   231 C C   . PRO A 1 31  ? -1.391  -1.908  10.009  1.00 46.46  ? 33  PRO A C   1 
ATOM   232 O O   . PRO A 1 31  ? -1.216  -0.701  10.192  1.00 50.18  ? 33  PRO A O   1 
ATOM   233 C CB  . PRO A 1 31  ? 0.391   -3.241  11.202  1.00 57.96  ? 33  PRO A CB  1 
ATOM   234 C CG  . PRO A 1 31  ? 1.881   -3.318  10.923  1.00 63.14  ? 33  PRO A CG  1 
ATOM   235 C CD  . PRO A 1 31  ? 2.070   -2.064  10.095  1.00 62.64  ? 33  PRO A CD  1 
ATOM   236 N N   . SER A 1 32  ? -2.609  -2.407  9.892   1.00 47.34  ? 34  SER A N   1 
ATOM   237 C CA  . SER A 1 32  ? -3.760  -1.518  9.981   1.00 56.48  ? 34  SER A CA  1 
ATOM   238 C C   . SER A 1 32  ? -4.251  -1.229  11.397  1.00 59.79  ? 34  SER A C   1 
ATOM   239 O O   . SER A 1 32  ? -4.204  -2.099  12.270  1.00 56.72  ? 34  SER A O   1 
ATOM   240 C CB  . SER A 1 32  ? -4.922  -2.090  9.171   1.00 45.54  ? 34  SER A CB  1 
ATOM   241 N N   . LYS A 1 33  ? -4.681  0.012   11.654  1.00 74.47  ? 35  LYS A N   1 
ATOM   242 C CA  . LYS A 1 33  ? -5.376  0.374   12.891  1.00 80.85  ? 35  LYS A CA  1 
ATOM   243 C C   . LYS A 1 33  ? -6.881  0.221   12.609  1.00 81.94  ? 35  LYS A C   1 
ATOM   244 O O   . LYS A 1 33  ? -7.628  -0.298  13.429  1.00 69.59  ? 35  LYS A O   1 
ATOM   245 C CB  . LYS A 1 33  ? -5.081  1.832   13.291  1.00 82.64  ? 35  LYS A CB  1 
ATOM   246 C CG  . LYS A 1 33  ? -5.785  2.293   14.580  1.00 83.24  ? 35  LYS A CG  1 
ATOM   247 C CD  . LYS A 1 33  ? -5.731  3.798   14.827  1.00 73.67  ? 35  LYS A CD  1 
ATOM   248 N N   . SER A 1 34  ? -7.355  0.621   11.424  1.00 89.58  ? 36  SER A N   1 
ATOM   249 C CA  . SER A 1 34  ? -8.753  0.496   11.027  1.00 96.59  ? 36  SER A CA  1 
ATOM   250 C C   . SER A 1 34  ? -9.333  -0.917  11.125  1.00 100.82 ? 36  SER A C   1 
ATOM   251 O O   . SER A 1 34  ? -10.555 -1.087  11.097  1.00 104.48 ? 36  SER A O   1 
ATOM   252 C CB  . SER A 1 34  ? -8.890  0.999   9.593   1.00 99.78  ? 36  SER A CB  1 
ATOM   253 O OG  . SER A 1 34  ? -10.221 1.216   9.140   1.00 104.35 ? 36  SER A OG  1 
ATOM   254 N N   . ASN A 1 35  ? -8.487  -1.945  11.141  1.00 101.49 ? 37  ASN A N   1 
ATOM   255 C CA  . ASN A 1 35  ? -8.883  -3.334  11.294  1.00 98.03  ? 37  ASN A CA  1 
ATOM   256 C C   . ASN A 1 35  ? -7.540  -4.010  11.525  1.00 100.60 ? 37  ASN A C   1 
ATOM   257 O O   . ASN A 1 35  ? -6.683  -3.950  10.635  1.00 106.69 ? 37  ASN A O   1 
ATOM   258 C CB  . ASN A 1 35  ? -9.506  -3.897  10.017  1.00 94.81  ? 37  ASN A CB  1 
ATOM   259 N N   . PRO A 1 36  ? -7.224  -4.525  12.712  1.00 101.09 ? 38  PRO A N   1 
ATOM   260 C CA  . PRO A 1 36  ? -6.029  -5.329  12.942  1.00 97.71  ? 38  PRO A CA  1 
ATOM   261 C C   . PRO A 1 36  ? -6.020  -6.584  12.092  1.00 92.84  ? 38  PRO A C   1 
ATOM   262 O O   . PRO A 1 36  ? -7.071  -7.065  11.661  1.00 94.75  ? 38  PRO A O   1 
ATOM   263 C CB  . PRO A 1 36  ? -6.060  -5.590  14.423  1.00 100.07 ? 38  PRO A CB  1 
ATOM   264 C CG  . PRO A 1 36  ? -6.682  -4.313  14.942  1.00 102.19 ? 38  PRO A CG  1 
ATOM   265 C CD  . PRO A 1 36  ? -7.836  -4.131  13.973  1.00 100.80 ? 38  PRO A CD  1 
ATOM   266 N N   . GLY A 1 37  ? -4.835  -7.107  11.796  1.00 91.92  ? 39  GLY A N   1 
ATOM   267 C CA  . GLY A 1 37  ? -4.673  -8.325  10.998  1.00 88.06  ? 39  GLY A CA  1 
ATOM   268 C C   . GLY A 1 37  ? -4.349  -8.022  9.541   1.00 77.68  ? 39  GLY A C   1 
ATOM   269 O O   . GLY A 1 37  ? -3.626  -8.736  8.825   1.00 64.51  ? 39  GLY A O   1 
ATOM   270 N N   . ASP A 1 38  ? -5.029  -6.959  9.149   1.00 69.90  ? 40  ASP A N   1 
ATOM   271 C CA  . ASP A 1 38  ? -4.882  -6.355  7.864   1.00 65.82  ? 40  ASP A CA  1 
ATOM   272 C C   . ASP A 1 38  ? -3.715  -5.381  7.896   1.00 60.66  ? 40  ASP A C   1 
ATOM   273 O O   . ASP A 1 38  ? -3.157  -5.027  8.952   1.00 46.32  ? 40  ASP A O   1 
ATOM   274 C CB  . ASP A 1 38  ? -6.191  -5.666  7.552   1.00 65.23  ? 40  ASP A CB  1 
ATOM   275 C CG  . ASP A 1 38  ? -7.308  -6.612  7.126   1.00 67.09  ? 40  ASP A CG  1 
ATOM   276 O OD1 . ASP A 1 38  ? -7.360  -7.767  7.562   1.00 69.52  ? 40  ASP A OD1 1 
ATOM   277 O OD2 . ASP A 1 38  ? -8.140  -6.172  6.334   1.00 64.48  ? 40  ASP A OD2 1 
ATOM   278 N N   . PHE A 1 39  ? -3.381  -4.934  6.687   1.00 54.43  ? 41  PHE A N   1 
ATOM   279 C CA  . PHE A 1 39  ? -2.300  -3.979  6.451   1.00 46.67  ? 41  PHE A CA  1 
ATOM   280 C C   . PHE A 1 39  ? -2.869  -2.876  5.591   1.00 38.67  ? 41  PHE A C   1 
ATOM   281 O O   . PHE A 1 39  ? -3.976  -3.035  5.047   1.00 46.64  ? 41  PHE A O   1 
ATOM   282 C CB  . PHE A 1 39  ? -1.148  -4.603  5.688   1.00 45.12  ? 41  PHE A CB  1 
ATOM   283 C CG  . PHE A 1 39  ? -0.553  -5.754  6.455   1.00 47.89  ? 41  PHE A CG  1 
ATOM   284 C CD1 . PHE A 1 39  ? 0.483   -5.511  7.355   1.00 39.30  ? 41  PHE A CD1 1 
ATOM   285 C CD2 . PHE A 1 39  ? -1.069  -7.045  6.262   1.00 50.85  ? 41  PHE A CD2 1 
ATOM   286 C CE1 . PHE A 1 39  ? 1.010   -6.575  8.074   1.00 45.83  ? 41  PHE A CE1 1 
ATOM   287 C CE2 . PHE A 1 39  ? -0.531  -8.105  6.993   1.00 54.52  ? 41  PHE A CE2 1 
ATOM   288 C CZ  . PHE A 1 39  ? 0.508   -7.866  7.898   1.00 50.71  ? 41  PHE A CZ  1 
ATOM   289 N N   . THR A 1 40  ? -2.147  -1.774  5.437   1.00 37.40  ? 42  THR A N   1 
ATOM   290 C CA  . THR A 1 40  ? -2.586  -0.705  4.570   1.00 40.02  ? 42  THR A CA  1 
ATOM   291 C C   . THR A 1 40  ? -1.395  -0.069  3.847   1.00 35.69  ? 42  THR A C   1 
ATOM   292 O O   . THR A 1 40  ? -0.300  0.067   4.418   1.00 28.42  ? 42  THR A O   1 
ATOM   293 C CB  . THR A 1 40  ? -3.415  0.231   5.491   1.00 38.63  ? 42  THR A CB  1 
ATOM   294 O OG1 . THR A 1 40  ? -3.701  1.414   4.755   1.00 51.70  ? 42  THR A OG1 1 
ATOM   295 C CG2 . THR A 1 40  ? -2.743  0.493   6.782   1.00 35.01  ? 42  THR A CG2 1 
ATOM   296 N N   . LEU A 1 41  ? -1.607  0.105   2.529   1.00 32.64  ? 43  LEU A N   1 
ATOM   297 C CA  . LEU A 1 41  ? -0.657  0.745   1.590   1.00 35.34  ? 43  LEU A CA  1 
ATOM   298 C C   . LEU A 1 41  ? -0.802  2.261   1.680   1.00 40.67  ? 43  LEU A C   1 
ATOM   299 O O   . LEU A 1 41  ? -1.892  2.755   1.388   1.00 41.29  ? 43  LEU A O   1 
ATOM   300 C CB  . LEU A 1 41  ? -0.922  0.410   0.105   1.00 28.03  ? 43  LEU A CB  1 
ATOM   301 C CG  . LEU A 1 41  ? -0.620  -0.976  -0.455  1.00 28.54  ? 43  LEU A CG  1 
ATOM   302 C CD1 . LEU A 1 41  ? -1.207  -1.149  -1.825  1.00 28.35  ? 43  LEU A CD1 1 
ATOM   303 C CD2 . LEU A 1 41  ? 0.880   -1.159  -0.524  1.00 26.13  ? 43  LEU A CD2 1 
ATOM   304 N N   . SER A 1 42  ? 0.200   3.038   2.078   1.00 43.96  ? 44  SER A N   1 
ATOM   305 C CA  . SER A 1 42  ? 0.113   4.491   2.102   1.00 30.68  ? 44  SER A CA  1 
ATOM   306 C C   . SER A 1 42  ? 0.938   4.851   0.881   1.00 34.60  ? 44  SER A C   1 
ATOM   307 O O   . SER A 1 42  ? 2.117   4.467   0.751   1.00 32.52  ? 44  SER A O   1 
ATOM   308 C CB  . SER A 1 42  ? 0.737   5.011   3.371   1.00 37.32  ? 44  SER A CB  1 
ATOM   309 O OG  . SER A 1 42  ? 0.087   4.469   4.527   1.00 43.07  ? 44  SER A OG  1 
ATOM   310 N N   . VAL A 1 43  ? 0.236   5.459   -0.074  1.00 28.27  ? 45  VAL A N   1 
ATOM   311 C CA  . VAL A 1 43  ? 0.792   5.812   -1.362  1.00 34.11  ? 45  VAL A CA  1 
ATOM   312 C C   . VAL A 1 43  ? 0.808   7.318   -1.562  1.00 33.89  ? 45  VAL A C   1 
ATOM   313 O O   . VAL A 1 43  ? -0.180  7.984   -1.242  1.00 32.72  ? 45  VAL A O   1 
ATOM   314 C CB  . VAL A 1 43  ? -0.032  5.203   -2.489  1.00 27.33  ? 45  VAL A CB  1 
ATOM   315 C CG1 . VAL A 1 43  ? 0.711   5.335   -3.811  1.00 32.76  ? 45  VAL A CG1 1 
ATOM   316 C CG2 . VAL A 1 43  ? -0.314  3.752   -2.155  1.00 45.42  ? 45  VAL A CG2 1 
ATOM   317 N N   . ARG A 1 44  ? 1.890   7.874   -2.126  1.00 38.58  ? 46  ARG A N   1 
ATOM   318 C CA  . ARG A 1 44  ? 1.953   9.303   -2.403  1.00 36.46  ? 46  ARG A CA  1 
ATOM   319 C C   . ARG A 1 44  ? 1.640   9.599   -3.862  1.00 24.51  ? 46  ARG A C   1 
ATOM   320 O O   . ARG A 1 44  ? 2.230   9.010   -4.787  1.00 20.31  ? 46  ARG A O   1 
ATOM   321 C CB  . ARG A 1 44  ? 3.349   9.859   -2.052  1.00 30.04  ? 46  ARG A CB  1 
ATOM   322 C CG  . ARG A 1 44  ? 3.325   11.356  -2.284  1.00 31.33  ? 46  ARG A CG  1 
ATOM   323 C CD  . ARG A 1 44  ? 4.575   12.005  -1.776  1.00 35.97  ? 46  ARG A CD  1 
ATOM   324 N NE  . ARG A 1 44  ? 4.771   13.165  -2.617  1.00 42.48  ? 46  ARG A NE  1 
ATOM   325 C CZ  . ARG A 1 44  ? 5.633   14.134  -2.345  1.00 38.16  ? 46  ARG A CZ  1 
ATOM   326 N NH1 . ARG A 1 44  ? 6.374   14.103  -1.241  1.00 40.84  ? 46  ARG A NH1 1 
ATOM   327 N NH2 . ARG A 1 44  ? 5.767   15.130  -3.231  1.00 40.22  ? 46  ARG A NH2 1 
ATOM   328 N N   . ARG A 1 45  ? 0.671   10.475  -4.083  1.00 26.44  ? 47  ARG A N   1 
ATOM   329 C CA  . ARG A 1 45  ? 0.382   10.924  -5.434  1.00 31.66  ? 47  ARG A CA  1 
ATOM   330 C C   . ARG A 1 45  ? -0.178  12.319  -5.335  1.00 29.36  ? 47  ARG A C   1 
ATOM   331 O O   . ARG A 1 45  ? -0.899  12.709  -4.417  1.00 29.97  ? 47  ARG A O   1 
ATOM   332 C CB  . ARG A 1 45  ? -0.628  10.019  -6.154  1.00 45.09  ? 47  ARG A CB  1 
ATOM   333 C CG  . ARG A 1 45  ? -2.152  10.156  -6.062  1.00 51.07  ? 47  ARG A CG  1 
ATOM   334 C CD  . ARG A 1 45  ? -2.738  9.146   -7.067  1.00 58.00  ? 47  ARG A CD  1 
ATOM   335 N NE  . ARG A 1 45  ? -4.082  9.432   -7.554  1.00 64.37  ? 47  ARG A NE  1 
ATOM   336 C CZ  . ARG A 1 45  ? -5.154  9.403   -6.763  1.00 71.88  ? 47  ARG A CZ  1 
ATOM   337 N NH1 . ARG A 1 45  ? -5.084  9.107   -5.466  1.00 69.78  ? 47  ARG A NH1 1 
ATOM   338 N NH2 . ARG A 1 45  ? -6.332  9.707   -7.286  1.00 77.28  ? 47  ARG A NH2 1 
ATOM   339 N N   . ASN A 1 46  ? 0.290   13.076  -6.307  1.00 29.79  ? 48  ASN A N   1 
ATOM   340 C CA  . ASN A 1 46  ? -0.024  14.479  -6.469  1.00 36.78  ? 48  ASN A CA  1 
ATOM   341 C C   . ASN A 1 46  ? 0.192   15.274  -5.201  1.00 34.40  ? 48  ASN A C   1 
ATOM   342 O O   . ASN A 1 46  ? -0.611  16.091  -4.793  1.00 45.79  ? 48  ASN A O   1 
ATOM   343 C CB  . ASN A 1 46  ? -1.459  14.611  -6.972  1.00 43.67  ? 48  ASN A CB  1 
ATOM   344 C CG  . ASN A 1 46  ? -1.525  14.232  -8.451  1.00 64.16  ? 48  ASN A CG  1 
ATOM   345 O OD1 . ASN A 1 46  ? -1.399  13.077  -8.879  1.00 68.32  ? 48  ASN A OD1 1 
ATOM   346 N ND2 . ASN A 1 46  ? -1.703  15.197  -9.334  1.00 78.60  ? 48  ASN A ND2 1 
ATOM   347 N N   . GLY A 1 47  ? 1.286   15.015  -4.498  1.00 42.38  ? 49  GLY A N   1 
ATOM   348 C CA  . GLY A 1 47  ? 1.643   15.759  -3.305  1.00 42.53  ? 49  GLY A CA  1 
ATOM   349 C C   . GLY A 1 47  ? 0.979   15.229  -2.048  1.00 49.01  ? 49  GLY A C   1 
ATOM   350 O O   . GLY A 1 47  ? 1.462   15.522  -0.953  1.00 53.70  ? 49  GLY A O   1 
ATOM   351 N N   . ALA A 1 48  ? -0.097  14.449  -2.169  1.00 52.24  ? 50  ALA A N   1 
ATOM   352 C CA  . ALA A 1 48  ? -0.820  13.881  -1.044  1.00 54.00  ? 50  ALA A CA  1 
ATOM   353 C C   . ALA A 1 48  ? -0.595  12.384  -0.814  1.00 51.74  ? 50  ALA A C   1 
ATOM   354 O O   . ALA A 1 48  ? 0.003   11.681  -1.638  1.00 50.02  ? 50  ALA A O   1 
ATOM   355 C CB  . ALA A 1 48  ? -2.291  14.116  -1.274  1.00 63.88  ? 50  ALA A CB  1 
ATOM   356 N N   . VAL A 1 49  ? -1.056  11.889  0.327   1.00 51.21  ? 51  VAL A N   1 
ATOM   357 C CA  . VAL A 1 49  ? -0.969  10.486  0.706   1.00 42.32  ? 51  VAL A CA  1 
ATOM   358 C C   . VAL A 1 49  ? -2.362  9.850   0.751   1.00 44.10  ? 51  VAL A C   1 
ATOM   359 O O   . VAL A 1 49  ? -3.289  10.378  1.383   1.00 36.65  ? 51  VAL A O   1 
ATOM   360 C CB  . VAL A 1 49  ? -0.280  10.412  2.074   1.00 33.83  ? 51  VAL A CB  1 
ATOM   361 C CG1 . VAL A 1 49  ? -0.272  8.996   2.635   1.00 26.90  ? 51  VAL A CG1 1 
ATOM   362 C CG2 . VAL A 1 49  ? 1.132   10.918  1.902   1.00 34.80  ? 51  VAL A CG2 1 
ATOM   363 N N   . THR A 1 50  ? -2.519  8.717   0.074   1.00 49.46  ? 52  THR A N   1 
ATOM   364 C CA  . THR A 1 50  ? -3.718  7.888   0.090   1.00 43.75  ? 52  THR A CA  1 
ATOM   365 C C   . THR A 1 50  ? -3.414  6.653   0.936   1.00 45.41  ? 52  THR A C   1 
ATOM   366 O O   . THR A 1 50  ? -2.281  6.164   0.948   1.00 42.45  ? 52  THR A O   1 
ATOM   367 C CB  . THR A 1 50  ? -4.077  7.449   -1.334  1.00 42.62  ? 52  THR A CB  1 
ATOM   368 O OG1 . THR A 1 50  ? -4.337  8.631   -2.068  1.00 53.98  ? 52  THR A OG1 1 
ATOM   369 C CG2 . THR A 1 50  ? -5.301  6.547   -1.400  1.00 41.23  ? 52  THR A CG2 1 
ATOM   370 N N   . HIS A 1 51  ? -4.380  6.128   1.693   1.00 45.58  ? 53  HIS A N   1 
ATOM   371 C CA  . HIS A 1 51  ? -4.197  4.893   2.446   1.00 39.17  ? 53  HIS A CA  1 
ATOM   372 C C   . HIS A 1 51  ? -5.192  3.915   1.849   1.00 40.89  ? 53  HIS A C   1 
ATOM   373 O O   . HIS A 1 51  ? -6.357  4.267   1.651   1.00 48.66  ? 53  HIS A O   1 
ATOM   374 C CB  . HIS A 1 51  ? -4.501  5.122   3.878   1.00 36.35  ? 53  HIS A CB  1 
ATOM   375 C CG  . HIS A 1 51  ? -3.491  6.077   4.487   1.00 36.63  ? 53  HIS A CG  1 
ATOM   376 N ND1 . HIS A 1 51  ? -2.309  5.776   5.023   1.00 36.48  ? 53  HIS A ND1 1 
ATOM   377 C CD2 . HIS A 1 51  ? -3.683  7.432   4.607   1.00 29.18  ? 53  HIS A CD2 1 
ATOM   378 C CE1 . HIS A 1 51  ? -1.779  6.893   5.466   1.00 33.33  ? 53  HIS A CE1 1 
ATOM   379 N NE2 . HIS A 1 51  ? -2.613  7.877   5.210   1.00 33.38  ? 53  HIS A NE2 1 
ATOM   380 N N   . ILE A 1 52  ? -4.739  2.725   1.447   1.00 40.31  ? 54  ILE A N   1 
ATOM   381 C CA  . ILE A 1 52  ? -5.531  1.705   0.781   1.00 31.58  ? 54  ILE A CA  1 
ATOM   382 C C   . ILE A 1 52  ? -5.454  0.484   1.694   1.00 32.31  ? 54  ILE A C   1 
ATOM   383 O O   . ILE A 1 52  ? -4.413  0.156   2.269   1.00 27.88  ? 54  ILE A O   1 
ATOM   384 C CB  . ILE A 1 52  ? -4.927  1.430   -0.599  1.00 33.83  ? 54  ILE A CB  1 
ATOM   385 C CG1 . ILE A 1 52  ? -4.912  2.704   -1.412  1.00 31.41  ? 54  ILE A CG1 1 
ATOM   386 C CG2 . ILE A 1 52  ? -5.746  0.371   -1.337  1.00 32.10  ? 54  ILE A CG2 1 
ATOM   387 C CD1 . ILE A 1 52  ? -4.210  2.475   -2.765  1.00 40.95  ? 54  ILE A CD1 1 
ATOM   388 N N   . LYS A 1 53  ? -6.587  -0.166  1.858   1.00 38.57  ? 55  LYS A N   1 
ATOM   389 C CA  . LYS A 1 53  ? -6.762  -1.221  2.831   1.00 42.24  ? 55  LYS A CA  1 
ATOM   390 C C   . LYS A 1 53  ? -6.548  -2.517  2.116   1.00 37.67  ? 55  LYS A C   1 
ATOM   391 O O   . LYS A 1 53  ? -7.066  -2.709  1.003   1.00 34.59  ? 55  LYS A O   1 
ATOM   392 C CB  . LYS A 1 53  ? -8.174  -1.204  3.420   1.00 54.08  ? 55  LYS A CB  1 
ATOM   393 C CG  . LYS A 1 53  ? -8.430  -0.038  4.373   1.00 60.49  ? 55  LYS A CG  1 
ATOM   394 C CD  . LYS A 1 53  ? -9.836  -0.089  4.951   1.00 66.67  ? 55  LYS A CD  1 
ATOM   395 N N   . ILE A 1 54  ? -5.726  -3.334  2.788   1.00 31.57  ? 56  ILE A N   1 
ATOM   396 C CA  . ILE A 1 54  ? -5.363  -4.645  2.288   1.00 29.60  ? 56  ILE A CA  1 
ATOM   397 C C   . ILE A 1 54  ? -6.080  -5.565  3.268   1.00 28.43  ? 56  ILE A C   1 
ATOM   398 O O   . ILE A 1 54  ? -5.939  -5.456  4.490   1.00 28.38  ? 56  ILE A O   1 
ATOM   399 C CB  . ILE A 1 54  ? -3.814  -4.873  2.337   1.00 26.62  ? 56  ILE A CB  1 
ATOM   400 C CG1 . ILE A 1 54  ? -3.016  -3.878  1.485   1.00 26.03  ? 56  ILE A CG1 1 
ATOM   401 C CG2 . ILE A 1 54  ? -3.544  -6.231  1.735   1.00 24.75  ? 56  ILE A CG2 1 
ATOM   402 C CD1 . ILE A 1 54  ? -1.484  -3.938  1.604   1.00 18.97  ? 56  ILE A CD1 1 
ATOM   403 N N   . GLN A 1 55  ? -6.856  -6.465  2.684   1.00 30.36  ? 57  GLN A N   1 
ATOM   404 C CA  . GLN A 1 55  ? -7.584  -7.496  3.397   1.00 30.87  ? 57  GLN A CA  1 
ATOM   405 C C   . GLN A 1 55  ? -6.781  -8.794  3.491   1.00 28.08  ? 57  GLN A C   1 
ATOM   406 O O   . GLN A 1 55  ? -6.253  -9.301  2.498   1.00 26.71  ? 57  GLN A O   1 
ATOM   407 C CB  . GLN A 1 55  ? -8.878  -7.805  2.693   1.00 26.64  ? 57  GLN A CB  1 
ATOM   408 C CG  . GLN A 1 55  ? -9.720  -8.821  3.458   1.00 35.98  ? 57  GLN A CG  1 
ATOM   409 C CD  . GLN A 1 55  ? -11.030 -9.182  2.778   1.00 28.00  ? 57  GLN A CD  1 
ATOM   410 O OE1 . GLN A 1 55  ? -12.050 -9.270  3.451   1.00 38.56  ? 57  GLN A OE1 1 
ATOM   411 N NE2 . GLN A 1 55  ? -11.064 -9.458  1.484   1.00 26.40  ? 57  GLN A NE2 1 
ATOM   412 N N   . ASN A 1 56  ? -6.788  -9.354  4.688   1.00 20.66  ? 58  ASN A N   1 
ATOM   413 C CA  . ASN A 1 56  ? -6.170  -10.623 4.924   1.00 23.68  ? 58  ASN A CA  1 
ATOM   414 C C   . ASN A 1 56  ? -7.302  -11.429 5.548   1.00 29.46  ? 58  ASN A C   1 
ATOM   415 O O   . ASN A 1 56  ? -7.700  -11.194 6.695   1.00 26.46  ? 58  ASN A O   1 
ATOM   416 C CB  . ASN A 1 56  ? -5.020  -10.465 5.888   1.00 20.43  ? 58  ASN A CB  1 
ATOM   417 C CG  . ASN A 1 56  ? -4.479  -11.788 6.403   1.00 31.94  ? 58  ASN A CG  1 
ATOM   418 O OD1 . ASN A 1 56  ? -4.803  -12.878 5.903   1.00 35.22  ? 58  ASN A OD1 1 
ATOM   419 N ND2 . ASN A 1 56  ? -3.633  -11.732 7.429   1.00 39.40  ? 58  ASN A ND2 1 
ATOM   420 N N   . THR A 1 57  ? -7.832  -12.354 4.736   1.00 24.41  ? 59  THR A N   1 
ATOM   421 C CA  . THR A 1 57  ? -8.911  -13.233 5.122   1.00 23.29  ? 59  THR A CA  1 
ATOM   422 C C   . THR A 1 57  ? -8.363  -14.473 5.782   1.00 26.41  ? 59  THR A C   1 
ATOM   423 O O   . THR A 1 57  ? -9.066  -15.467 5.955   1.00 35.62  ? 59  THR A O   1 
ATOM   424 C CB  . THR A 1 57  ? -9.730  -13.728 3.927   1.00 24.70  ? 59  THR A CB  1 
ATOM   425 O OG1 . THR A 1 57  ? -8.849  -14.531 3.145   1.00 23.45  ? 59  THR A OG1 1 
ATOM   426 C CG2 . THR A 1 57  ? -10.328 -12.613 3.102   1.00 28.54  ? 59  THR A CG2 1 
ATOM   427 N N   . GLY A 1 58  ? -7.065  -14.564 5.956   1.00 27.68  ? 60  GLY A N   1 
ATOM   428 C CA  . GLY A 1 58  ? -6.492  -15.776 6.496   1.00 24.04  ? 60  GLY A CA  1 
ATOM   429 C C   . GLY A 1 58  ? -6.434  -16.808 5.385   1.00 26.22  ? 60  GLY A C   1 
ATOM   430 O O   . GLY A 1 58  ? -5.828  -17.863 5.609   1.00 34.29  ? 60  GLY A O   1 
ATOM   431 N N   . ASP A 1 59  ? -7.027  -16.589 4.203   1.00 20.13  ? 61  ASP A N   1 
ATOM   432 C CA  . ASP A 1 59  ? -6.908  -17.561 3.129   1.00 21.26  ? 61  ASP A CA  1 
ATOM   433 C C   . ASP A 1 59  ? -6.210  -17.014 1.919   1.00 17.71  ? 61  ASP A C   1 
ATOM   434 O O   . ASP A 1 59  ? -5.914  -17.786 1.013   1.00 15.52  ? 61  ASP A O   1 
ATOM   435 C CB  . ASP A 1 59  ? -8.262  -18.055 2.671   1.00 31.80  ? 61  ASP A CB  1 
ATOM   436 C CG  . ASP A 1 59  ? -8.883  -19.202 3.461   1.00 35.79  ? 61  ASP A CG  1 
ATOM   437 O OD1 . ASP A 1 59  ? -8.635  -20.349 3.099   1.00 61.07  ? 61  ASP A OD1 1 
ATOM   438 O OD2 . ASP A 1 59  ? -9.657  -18.968 4.382   1.00 29.07  ? 61  ASP A OD2 1 
ATOM   439 N N   . TYR A 1 60  ? -6.139  -15.681 1.834   1.00 23.73  ? 62  TYR A N   1 
ATOM   440 C CA  . TYR A 1 60  ? -5.442  -14.947 0.776   1.00 20.60  ? 62  TYR A CA  1 
ATOM   441 C C   . TYR A 1 60  ? -5.424  -13.483 1.206   1.00 23.16  ? 62  TYR A C   1 
ATOM   442 O O   . TYR A 1 60  ? -6.025  -13.090 2.211   1.00 19.55  ? 62  TYR A O   1 
ATOM   443 C CB  . TYR A 1 60  ? -6.174  -15.070 -0.563  1.00 22.17  ? 62  TYR A CB  1 
ATOM   444 C CG  . TYR A 1 60  ? -7.617  -14.556 -0.485  1.00 26.73  ? 62  TYR A CG  1 
ATOM   445 C CD1 . TYR A 1 60  ? -7.897  -13.199 -0.660  1.00 23.12  ? 62  TYR A CD1 1 
ATOM   446 C CD2 . TYR A 1 60  ? -8.667  -15.437 -0.235  1.00 24.72  ? 62  TYR A CD2 1 
ATOM   447 C CE1 . TYR A 1 60  ? -9.193  -12.724 -0.585  1.00 22.16  ? 62  TYR A CE1 1 
ATOM   448 C CE2 . TYR A 1 60  ? -9.972  -14.972 -0.164  1.00 21.87  ? 62  TYR A CE2 1 
ATOM   449 C CZ  . TYR A 1 60  ? -10.214 -13.620 -0.341  1.00 23.72  ? 62  TYR A CZ  1 
ATOM   450 O OH  . TYR A 1 60  ? -11.496 -13.137 -0.293  1.00 22.13  ? 62  TYR A OH  1 
ATOM   451 N N   . TYR A 1 61  ? -4.770  -12.639 0.427   1.00 28.09  ? 63  TYR A N   1 
ATOM   452 C CA  . TYR A 1 61  ? -4.719  -11.201 0.619   1.00 19.96  ? 63  TYR A CA  1 
ATOM   453 C C   . TYR A 1 61  ? -5.359  -10.615 -0.615  1.00 24.14  ? 63  TYR A C   1 
ATOM   454 O O   . TYR A 1 61  ? -5.168  -11.195 -1.702  1.00 19.76  ? 63  TYR A O   1 
ATOM   455 C CB  . TYR A 1 61  ? -3.307  -10.652 0.613   1.00 21.99  ? 63  TYR A CB  1 
ATOM   456 C CG  . TYR A 1 61  ? -2.580  -10.992 1.866   1.00 13.13  ? 63  TYR A CG  1 
ATOM   457 C CD1 . TYR A 1 61  ? -2.051  -12.270 2.030   1.00 16.11  ? 63  TYR A CD1 1 
ATOM   458 C CD2 . TYR A 1 61  ? -2.469  -10.010 2.857   1.00 21.29  ? 63  TYR A CD2 1 
ATOM   459 C CE1 . TYR A 1 61  ? -1.408  -12.564 3.240   1.00 23.57  ? 63  TYR A CE1 1 
ATOM   460 C CE2 . TYR A 1 61  ? -1.818  -10.300 4.056   1.00 18.93  ? 63  TYR A CE2 1 
ATOM   461 C CZ  . TYR A 1 61  ? -1.299  -11.582 4.234   1.00 23.36  ? 63  TYR A CZ  1 
ATOM   462 O OH  . TYR A 1 61  ? -0.692  -11.904 5.429   1.00 30.76  ? 63  TYR A OH  1 
ATOM   463 N N   . ASP A 1 62  ? -6.122  -9.526  -0.472  1.00 23.56  ? 64  ASP A N   1 
ATOM   464 C CA  . ASP A 1 62  ? -6.500  -8.757  -1.643  1.00 15.82  ? 64  ASP A CA  1 
ATOM   465 C C   . ASP A 1 62  ? -6.756  -7.319  -1.235  1.00 19.03  ? 64  ASP A C   1 
ATOM   466 O O   . ASP A 1 62  ? -6.390  -6.901  -0.122  1.00 23.61  ? 64  ASP A O   1 
ATOM   467 C CB  . ASP A 1 62  ? -7.716  -9.346  -2.328  1.00 14.15  ? 64  ASP A CB  1 
ATOM   468 C CG  . ASP A 1 62  ? -9.073  -9.236  -1.674  1.00 25.44  ? 64  ASP A CG  1 
ATOM   469 O OD1 . ASP A 1 62  ? -9.227  -8.804  -0.528  1.00 29.02  ? 64  ASP A OD1 1 
ATOM   470 O OD2 . ASP A 1 62  ? -9.998  -9.595  -2.385  1.00 27.30  ? 64  ASP A OD2 1 
ATOM   471 N N   . LEU A 1 63  ? -7.333  -6.542  -2.145  1.00 29.67  ? 65  LEU A N   1 
ATOM   472 C CA  . LEU A 1 63  ? -7.691  -5.165  -1.861  1.00 34.56  ? 65  LEU A CA  1 
ATOM   473 C C   . LEU A 1 63  ? -9.217  -5.145  -1.915  1.00 46.20  ? 65  LEU A C   1 
ATOM   474 O O   . LEU A 1 63  ? -9.786  -4.468  -2.780  1.00 55.13  ? 65  LEU A O   1 
ATOM   475 C CB  . LEU A 1 63  ? -7.085  -4.268  -2.924  1.00 23.61  ? 65  LEU A CB  1 
ATOM   476 C CG  . LEU A 1 63  ? -5.589  -4.388  -3.127  1.00 25.22  ? 65  LEU A CG  1 
ATOM   477 C CD1 . LEU A 1 63  ? -5.239  -3.580  -4.319  1.00 15.74  ? 65  LEU A CD1 1 
ATOM   478 C CD2 . LEU A 1 63  ? -4.826  -3.961  -1.879  1.00 18.83  ? 65  LEU A CD2 1 
ATOM   479 N N   . TYR A 1 64  ? -9.856  -5.946  -1.013  1.00 46.23  ? 66  TYR A N   1 
ATOM   480 C CA  . TYR A 1 64  ? -11.302 -6.202  -0.946  1.00 34.55  ? 66  TYR A CA  1 
ATOM   481 C C   . TYR A 1 64  ? -11.928 -6.248  -2.338  1.00 31.41  ? 66  TYR A C   1 
ATOM   482 O O   . TYR A 1 64  ? -12.857 -5.541  -2.701  1.00 39.91  ? 66  TYR A O   1 
ATOM   483 C CB  . TYR A 1 64  ? -11.984 -5.143  -0.150  1.00 27.11  ? 66  TYR A CB  1 
ATOM   484 C CG  . TYR A 1 64  ? -11.556 -5.166  1.285   1.00 31.10  ? 66  TYR A CG  1 
ATOM   485 C CD1 . TYR A 1 64  ? -10.449 -4.435  1.693   1.00 31.34  ? 66  TYR A CD1 1 
ATOM   486 C CD2 . TYR A 1 64  ? -12.307 -5.914  2.200   1.00 30.19  ? 66  TYR A CD2 1 
ATOM   487 C CE1 . TYR A 1 64  ? -10.081 -4.459  3.042   1.00 38.56  ? 66  TYR A CE1 1 
ATOM   488 C CE2 . TYR A 1 64  ? -11.948 -5.941  3.549   1.00 25.60  ? 66  TYR A CE2 1 
ATOM   489 C CZ  . TYR A 1 64  ? -10.832 -5.212  3.958   1.00 36.81  ? 66  TYR A CZ  1 
ATOM   490 O OH  . TYR A 1 64  ? -10.417 -5.290  5.269   1.00 45.54  ? 66  TYR A OH  1 
ATOM   491 N N   . GLY A 1 65  ? -11.336 -7.092  -3.147  1.00 26.81  ? 67  GLY A N   1 
ATOM   492 C CA  . GLY A 1 65  ? -11.707 -7.234  -4.526  1.00 23.55  ? 67  GLY A CA  1 
ATOM   493 C C   . GLY A 1 65  ? -10.392 -7.406  -5.253  1.00 26.75  ? 67  GLY A C   1 
ATOM   494 O O   . GLY A 1 65  ? -9.301  -7.287  -4.680  1.00 31.66  ? 67  GLY A O   1 
ATOM   495 N N   . GLY A 1 66  ? -10.436 -7.719  -6.514  1.00 24.73  ? 68  GLY A N   1 
ATOM   496 C CA  . GLY A 1 66  ? -9.224  -7.857  -7.283  1.00 31.58  ? 68  GLY A CA  1 
ATOM   497 C C   . GLY A 1 66  ? -8.605  -9.208  -7.132  1.00 33.29  ? 68  GLY A C   1 
ATOM   498 O O   . GLY A 1 66  ? -9.176  -10.159 -6.595  1.00 35.80  ? 68  GLY A O   1 
ATOM   499 N N   . GLU A 1 67  ? -7.402  -9.260  -7.648  1.00 33.27  ? 69  GLU A N   1 
ATOM   500 C CA  . GLU A 1 67  ? -6.661  -10.499 -7.656  1.00 35.35  ? 69  GLU A CA  1 
ATOM   501 C C   . GLU A 1 67  ? -6.292  -10.885 -6.226  1.00 30.25  ? 69  GLU A C   1 
ATOM   502 O O   . GLU A 1 67  ? -6.086  -10.034 -5.357  1.00 21.28  ? 69  GLU A O   1 
ATOM   503 C CB  . GLU A 1 67  ? -5.452  -10.273 -8.533  1.00 34.57  ? 69  GLU A CB  1 
ATOM   504 C CG  . GLU A 1 67  ? -4.938  -11.521 -9.195  1.00 46.60  ? 69  GLU A CG  1 
ATOM   505 C CD  . GLU A 1 67  ? -5.776  -12.082 -10.324 1.00 55.16  ? 69  GLU A CD  1 
ATOM   506 O OE1 . GLU A 1 67  ? -6.536  -11.352 -10.970 1.00 54.52  ? 69  GLU A OE1 1 
ATOM   507 O OE2 . GLU A 1 67  ? -5.635  -13.282 -10.559 1.00 68.74  ? 69  GLU A OE2 1 
ATOM   508 N N   . LYS A 1 68  ? -6.274  -12.190 -5.987  1.00 23.23  ? 70  LYS A N   1 
ATOM   509 C CA  . LYS A 1 68  ? -6.005  -12.745 -4.672  1.00 24.79  ? 70  LYS A CA  1 
ATOM   510 C C   . LYS A 1 68  ? -4.556  -13.210 -4.642  1.00 28.60  ? 70  LYS A C   1 
ATOM   511 O O   . LYS A 1 68  ? -4.044  -13.736 -5.645  1.00 31.29  ? 70  LYS A O   1 
ATOM   512 C CB  . LYS A 1 68  ? -6.925  -13.926 -4.422  1.00 24.89  ? 70  LYS A CB  1 
ATOM   513 C CG  . LYS A 1 68  ? -8.384  -13.625 -4.142  1.00 25.23  ? 70  LYS A CG  1 
ATOM   514 C CD  . LYS A 1 68  ? -9.174  -14.938 -4.134  1.00 27.35  ? 70  LYS A CD  1 
ATOM   515 C CE  . LYS A 1 68  ? -10.627 -14.735 -3.709  1.00 32.66  ? 70  LYS A CE  1 
ATOM   516 N NZ  . LYS A 1 68  ? -11.279 -13.696 -4.496  1.00 23.55  ? 70  LYS A NZ  1 
ATOM   517 N N   . PHE A 1 69  ? -3.872  -13.048 -3.502  1.00 33.32  ? 71  PHE A N   1 
ATOM   518 C CA  . PHE A 1 69  ? -2.450  -13.418 -3.336  1.00 27.36  ? 71  PHE A CA  1 
ATOM   519 C C   . PHE A 1 69  ? -2.183  -14.247 -2.065  1.00 20.66  ? 71  PHE A C   1 
ATOM   520 O O   . PHE A 1 69  ? -2.922  -14.137 -1.082  1.00 23.08  ? 71  PHE A O   1 
ATOM   521 C CB  . PHE A 1 69  ? -1.615  -12.145 -3.285  1.00 23.25  ? 71  PHE A CB  1 
ATOM   522 C CG  . PHE A 1 69  ? -1.912  -11.243 -4.472  1.00 24.80  ? 71  PHE A CG  1 
ATOM   523 C CD1 . PHE A 1 69  ? -1.271  -11.484 -5.683  1.00 14.65  ? 71  PHE A CD1 1 
ATOM   524 C CD2 . PHE A 1 69  ? -2.834  -10.190 -4.341  1.00 27.07  ? 71  PHE A CD2 1 
ATOM   525 C CE1 . PHE A 1 69  ? -1.551  -10.672 -6.774  1.00 21.37  ? 71  PHE A CE1 1 
ATOM   526 C CE2 . PHE A 1 69  ? -3.113  -9.369  -5.437  1.00 24.36  ? 71  PHE A CE2 1 
ATOM   527 C CZ  . PHE A 1 69  ? -2.468  -9.615  -6.654  1.00 23.13  ? 71  PHE A CZ  1 
ATOM   528 N N   . ALA A 1 70  ? -1.238  -15.180 -2.049  1.00 21.08  ? 72  ALA A N   1 
ATOM   529 C CA  . ALA A 1 70  ? -0.917  -15.896 -0.825  1.00 16.75  ? 72  ALA A CA  1 
ATOM   530 C C   . ALA A 1 70  ? -0.168  -15.033 0.160   1.00 19.64  ? 72  ALA A C   1 
ATOM   531 O O   . ALA A 1 70  ? -0.337  -15.244 1.354   1.00 26.77  ? 72  ALA A O   1 
ATOM   532 C CB  . ALA A 1 70  ? -0.060  -17.120 -1.097  1.00 19.72  ? 72  ALA A CB  1 
ATOM   533 N N   . THR A 1 71  ? 0.606   -14.033 -0.297  1.00 22.20  ? 73  THR A N   1 
ATOM   534 C CA  . THR A 1 71  ? 1.454   -13.213 0.558   1.00 25.85  ? 73  THR A CA  1 
ATOM   535 C C   . THR A 1 71  ? 1.366   -11.748 0.217   1.00 25.01  ? 73  THR A C   1 
ATOM   536 O O   . THR A 1 71  ? 1.060   -11.333 -0.901  1.00 31.09  ? 73  THR A O   1 
ATOM   537 C CB  . THR A 1 71  ? 2.950   -13.614 0.455   1.00 28.09  ? 73  THR A CB  1 
ATOM   538 O OG1 . THR A 1 71  ? 3.253   -13.698 -0.947  1.00 36.15  ? 73  THR A OG1 1 
ATOM   539 C CG2 . THR A 1 71  ? 3.266   -14.930 1.171   1.00 32.02  ? 73  THR A CG2 1 
ATOM   540 N N   . LEU A 1 72  ? 1.676   -10.954 1.215   1.00 21.04  ? 74  LEU A N   1 
ATOM   541 C CA  . LEU A 1 72  ? 1.655   -9.534  1.121   1.00 19.34  ? 74  LEU A CA  1 
ATOM   542 C C   . LEU A 1 72  ? 2.632   -9.102  0.032   1.00 26.15  ? 74  LEU A C   1 
ATOM   543 O O   . LEU A 1 72  ? 2.305   -8.363  -0.905  1.00 25.08  ? 74  LEU A O   1 
ATOM   544 C CB  . LEU A 1 72  ? 1.999   -9.043  2.537   1.00 19.93  ? 74  LEU A CB  1 
ATOM   545 C CG  . LEU A 1 72  ? 2.137   -7.564  2.887   1.00 30.40  ? 74  LEU A CG  1 
ATOM   546 C CD1 . LEU A 1 72  ? 0.951   -6.784  2.346   1.00 36.91  ? 74  LEU A CD1 1 
ATOM   547 C CD2 . LEU A 1 72  ? 2.197   -7.412  4.402   1.00 30.69  ? 74  LEU A CD2 1 
ATOM   548 N N   . ALA A 1 73  ? 3.840   -9.649  0.109   1.00 26.28  ? 75  ALA A N   1 
ATOM   549 C CA  . ALA A 1 73  ? 4.892   -9.309  -0.833  1.00 27.12  ? 75  ALA A CA  1 
ATOM   550 C C   . ALA A 1 73  ? 4.547   -9.635  -2.289  1.00 19.27  ? 75  ALA A C   1 
ATOM   551 O O   . ALA A 1 73  ? 5.018   -8.980  -3.234  1.00 28.62  ? 75  ALA A O   1 
ATOM   552 C CB  . ALA A 1 73  ? 6.165   -10.042 -0.381  1.00 16.27  ? 75  ALA A CB  1 
ATOM   553 N N   . GLU A 1 74  ? 3.689   -10.629 -2.480  1.00 20.83  ? 76  GLU A N   1 
ATOM   554 C CA  . GLU A 1 74  ? 3.217   -10.997 -3.797  1.00 14.96  ? 76  GLU A CA  1 
ATOM   555 C C   . GLU A 1 74  ? 2.164   -10.027 -4.319  1.00 18.70  ? 76  GLU A C   1 
ATOM   556 O O   . GLU A 1 74  ? 2.058   -9.745  -5.532  1.00 21.48  ? 76  GLU A O   1 
ATOM   557 C CB  . GLU A 1 74  ? 2.689   -12.398 -3.685  1.00 26.90  ? 76  GLU A CB  1 
ATOM   558 C CG  . GLU A 1 74  ? 1.707   -12.817 -4.757  1.00 38.14  ? 76  GLU A CG  1 
ATOM   559 C CD  . GLU A 1 74  ? 1.287   -14.268 -4.753  1.00 40.71  ? 76  GLU A CD  1 
ATOM   560 O OE1 . GLU A 1 74  ? 0.865   -14.817 -3.746  1.00 25.06  ? 76  GLU A OE1 1 
ATOM   561 O OE2 . GLU A 1 74  ? 1.401   -14.854 -5.813  1.00 50.53  ? 76  GLU A OE2 1 
ATOM   562 N N   . LEU A 1 75  ? 1.355   -9.525  -3.377  1.00 16.34  ? 77  LEU A N   1 
ATOM   563 C CA  . LEU A 1 75  ? 0.353   -8.538  -3.684  1.00 23.05  ? 77  LEU A CA  1 
ATOM   564 C C   . LEU A 1 75  ? 1.087   -7.287  -4.175  1.00 34.52  ? 77  LEU A C   1 
ATOM   565 O O   . LEU A 1 75  ? 0.812   -6.812  -5.296  1.00 34.30  ? 77  LEU A O   1 
ATOM   566 C CB  . LEU A 1 75  ? -0.512  -8.212  -2.421  1.00 19.35  ? 77  LEU A CB  1 
ATOM   567 C CG  . LEU A 1 75  ? -1.598  -7.122  -2.587  1.00 20.94  ? 77  LEU A CG  1 
ATOM   568 C CD1 . LEU A 1 75  ? -2.857  -7.536  -1.890  1.00 9.11   ? 77  LEU A CD1 1 
ATOM   569 C CD2 . LEU A 1 75  ? -1.105  -5.786  -2.026  1.00 16.42  ? 77  LEU A CD2 1 
ATOM   570 N N   . VAL A 1 76  ? 2.060   -6.786  -3.366  1.00 34.10  ? 78  VAL A N   1 
ATOM   571 C CA  . VAL A 1 76  ? 2.763   -5.568  -3.727  1.00 28.76  ? 78  VAL A CA  1 
ATOM   572 C C   . VAL A 1 76  ? 3.521   -5.774  -5.008  1.00 28.58  ? 78  VAL A C   1 
ATOM   573 O O   . VAL A 1 76  ? 3.392   -4.928  -5.899  1.00 32.95  ? 78  VAL A O   1 
ATOM   574 C CB  . VAL A 1 76  ? 3.720   -5.118  -2.631  1.00 25.91  ? 78  VAL A CB  1 
ATOM   575 C CG1 . VAL A 1 76  ? 4.412   -3.812  -3.031  1.00 28.33  ? 78  VAL A CG1 1 
ATOM   576 C CG2 . VAL A 1 76  ? 2.919   -4.745  -1.403  1.00 17.18  ? 78  VAL A CG2 1 
ATOM   577 N N   . GLN A 1 77  ? 4.199   -6.908  -5.209  1.00 35.36  ? 79  GLN A N   1 
ATOM   578 C CA  . GLN A 1 77  ? 4.900   -7.108  -6.472  1.00 30.13  ? 79  GLN A CA  1 
ATOM   579 C C   . GLN A 1 77  ? 3.944   -7.092  -7.669  1.00 31.82  ? 79  GLN A C   1 
ATOM   580 O O   . GLN A 1 77  ? 4.270   -6.483  -8.692  1.00 31.05  ? 79  GLN A O   1 
ATOM   581 C CB  . GLN A 1 77  ? 5.641   -8.409  -6.438  1.00 30.82  ? 79  GLN A CB  1 
ATOM   582 C CG  . GLN A 1 77  ? 6.651   -8.546  -7.580  1.00 51.50  ? 79  GLN A CG  1 
ATOM   583 C CD  . GLN A 1 77  ? 7.236   -9.951  -7.707  1.00 65.52  ? 79  GLN A CD  1 
ATOM   584 O OE1 . GLN A 1 77  ? 7.710   -10.561 -6.738  1.00 72.04  ? 79  GLN A OE1 1 
ATOM   585 N NE2 . GLN A 1 77  ? 7.241   -10.554 -8.895  1.00 73.32  ? 79  GLN A NE2 1 
ATOM   586 N N   . TYR A 1 78  ? 2.737   -7.651  -7.578  1.00 32.02  ? 80  TYR A N   1 
ATOM   587 C CA  . TYR A 1 78  ? 1.853   -7.665  -8.724  1.00 29.29  ? 80  TYR A CA  1 
ATOM   588 C C   . TYR A 1 78  ? 1.484   -6.245  -9.116  1.00 33.35  ? 80  TYR A C   1 
ATOM   589 O O   . TYR A 1 78  ? 1.537   -5.864  -10.291 1.00 32.40  ? 80  TYR A O   1 
ATOM   590 C CB  . TYR A 1 78  ? 0.609   -8.484  -8.379  1.00 27.35  ? 80  TYR A CB  1 
ATOM   591 C CG  . TYR A 1 78  ? -0.474  -8.525  -9.458  1.00 25.66  ? 80  TYR A CG  1 
ATOM   592 C CD1 . TYR A 1 78  ? -1.435  -7.519  -9.426  1.00 25.35  ? 80  TYR A CD1 1 
ATOM   593 C CD2 . TYR A 1 78  ? -0.501  -9.498  -10.472 1.00 23.36  ? 80  TYR A CD2 1 
ATOM   594 C CE1 . TYR A 1 78  ? -2.423  -7.439  -10.389 1.00 25.65  ? 80  TYR A CE1 1 
ATOM   595 C CE2 . TYR A 1 78  ? -1.498  -9.428  -11.448 1.00 28.35  ? 80  TYR A CE2 1 
ATOM   596 C CZ  . TYR A 1 78  ? -2.454  -8.384  -11.395 1.00 30.21  ? 80  TYR A CZ  1 
ATOM   597 O OH  . TYR A 1 78  ? -3.451  -8.204  -12.342 1.00 34.61  ? 80  TYR A OH  1 
ATOM   598 N N   . TYR A 1 79  ? 1.128   -5.427  -8.133  1.00 30.08  ? 81  TYR A N   1 
ATOM   599 C CA  . TYR A 1 79  ? 0.738   -4.065  -8.428  1.00 24.44  ? 81  TYR A CA  1 
ATOM   600 C C   . TYR A 1 79  ? 1.891   -3.168  -8.881  1.00 29.75  ? 81  TYR A C   1 
ATOM   601 O O   . TYR A 1 79  ? 1.656   -2.201  -9.603  1.00 33.37  ? 81  TYR A O   1 
ATOM   602 C CB  . TYR A 1 79  ? 0.042   -3.508  -7.186  1.00 19.42  ? 81  TYR A CB  1 
ATOM   603 C CG  . TYR A 1 79  ? -1.341  -4.112  -7.116  1.00 27.20  ? 81  TYR A CG  1 
ATOM   604 C CD1 . TYR A 1 79  ? -2.257  -3.840  -8.149  1.00 28.99  ? 81  TYR A CD1 1 
ATOM   605 C CD2 . TYR A 1 79  ? -1.687  -4.958  -6.057  1.00 21.02  ? 81  TYR A CD2 1 
ATOM   606 C CE1 . TYR A 1 79  ? -3.529  -4.408  -8.129  1.00 33.87  ? 81  TYR A CE1 1 
ATOM   607 C CE2 . TYR A 1 79  ? -2.961  -5.536  -6.045  1.00 30.54  ? 81  TYR A CE2 1 
ATOM   608 C CZ  . TYR A 1 79  ? -3.876  -5.252  -7.070  1.00 32.74  ? 81  TYR A CZ  1 
ATOM   609 O OH  . TYR A 1 79  ? -5.168  -5.734  -7.029  1.00 36.36  ? 81  TYR A OH  1 
ATOM   610 N N   . MET A 1 80  ? 3.136   -3.439  -8.485  1.00 33.85  ? 82  MET A N   1 
ATOM   611 C CA  . MET A 1 80  ? 4.293   -2.710  -8.990  1.00 26.07  ? 82  MET A CA  1 
ATOM   612 C C   . MET A 1 80  ? 4.493   -3.057  -10.452 1.00 30.73  ? 82  MET A C   1 
ATOM   613 O O   . MET A 1 80  ? 4.747   -2.217  -11.319 1.00 33.39  ? 82  MET A O   1 
ATOM   614 C CB  . MET A 1 80  ? 5.538   -3.096  -8.218  1.00 22.11  ? 82  MET A CB  1 
ATOM   615 C CG  . MET A 1 80  ? 5.554   -2.287  -6.974  1.00 19.80  ? 82  MET A CG  1 
ATOM   616 S SD  . MET A 1 80  ? 7.006   -2.659  -5.989  1.00 31.49  ? 82  MET A SD  1 
ATOM   617 C CE  . MET A 1 80  ? 8.137   -1.581  -6.821  1.00 27.48  ? 82  MET A CE  1 
ATOM   618 N N   . GLU A 1 81  ? 4.364   -4.351  -10.737 1.00 29.42  ? 83  GLU A N   1 
ATOM   619 C CA  . GLU A 1 81  ? 4.512   -4.815  -12.092 1.00 28.79  ? 83  GLU A CA  1 
ATOM   620 C C   . GLU A 1 81  ? 3.335   -4.511  -12.968 1.00 29.10  ? 83  GLU A C   1 
ATOM   621 O O   . GLU A 1 81  ? 3.485   -4.404  -14.181 1.00 38.22  ? 83  GLU A O   1 
ATOM   622 C CB  . GLU A 1 81  ? 4.711   -6.280  -12.123 1.00 27.32  ? 83  GLU A CB  1 
ATOM   623 C CG  . GLU A 1 81  ? 6.027   -6.640  -11.480 1.00 33.56  ? 83  GLU A CG  1 
ATOM   624 C CD  . GLU A 1 81  ? 6.347   -8.126  -11.500 1.00 43.80  ? 83  GLU A CD  1 
ATOM   625 O OE1 . GLU A 1 81  ? 5.600   -8.920  -12.096 1.00 51.79  ? 83  GLU A OE1 1 
ATOM   626 O OE2 . GLU A 1 81  ? 7.370   -8.468  -10.908 1.00 47.15  ? 83  GLU A OE2 1 
ATOM   627 N N   . HIS A 1 82  ? 2.148   -4.362  -12.409 1.00 32.64  ? 84  HIS A N   1 
ATOM   628 C CA  . HIS A 1 82  ? 0.971   -4.185  -13.226 1.00 35.20  ? 84  HIS A CA  1 
ATOM   629 C C   . HIS A 1 82  ? 0.406   -2.840  -12.933 1.00 33.75  ? 84  HIS A C   1 
ATOM   630 O O   . HIS A 1 82  ? -0.538  -2.676  -12.159 1.00 34.81  ? 84  HIS A O   1 
ATOM   631 C CB  . HIS A 1 82  ? -0.045  -5.261  -12.905 1.00 37.77  ? 84  HIS A CB  1 
ATOM   632 C CG  . HIS A 1 82  ? 0.442   -6.642  -13.286 1.00 41.84  ? 84  HIS A CG  1 
ATOM   633 N ND1 . HIS A 1 82  ? 1.250   -7.439  -12.576 1.00 37.43  ? 84  HIS A ND1 1 
ATOM   634 C CD2 . HIS A 1 82  ? 0.086   -7.277  -14.454 1.00 36.41  ? 84  HIS A CD2 1 
ATOM   635 C CE1 . HIS A 1 82  ? 1.392   -8.546  -13.266 1.00 43.69  ? 84  HIS A CE1 1 
ATOM   636 N NE2 . HIS A 1 82  ? 0.692   -8.438  -14.384 1.00 48.26  ? 84  HIS A NE2 1 
ATOM   637 N N   . HIS A 1 83  ? 0.938   -1.871  -13.654 1.00 49.33  ? 85  HIS A N   1 
ATOM   638 C CA  . HIS A 1 83  ? 0.594   -0.488  -13.405 1.00 52.87  ? 85  HIS A CA  1 
ATOM   639 C C   . HIS A 1 83  ? -0.839  0.002   -13.482 1.00 48.23  ? 85  HIS A C   1 
ATOM   640 O O   . HIS A 1 83  ? -1.235  0.726   -12.557 1.00 57.52  ? 85  HIS A O   1 
ATOM   641 C CB  . HIS A 1 83  ? 1.491   0.362   -14.295 1.00 63.37  ? 85  HIS A CB  1 
ATOM   642 C CG  . HIS A 1 83  ? 2.762   0.545   -13.478 1.00 70.90  ? 85  HIS A CG  1 
ATOM   643 N ND1 . HIS A 1 83  ? 2.868   1.168   -12.301 1.00 69.35  ? 85  HIS A ND1 1 
ATOM   644 C CD2 . HIS A 1 83  ? 3.983   0.014   -13.789 1.00 71.20  ? 85  HIS A CD2 1 
ATOM   645 C CE1 . HIS A 1 83  ? 4.093   1.034   -11.879 1.00 69.90  ? 85  HIS A CE1 1 
ATOM   646 N NE2 . HIS A 1 83  ? 4.746   0.341   -12.781 1.00 77.60  ? 85  HIS A NE2 1 
ATOM   647 N N   . GLY A 1 84  ? -1.688  -0.410  -14.433 1.00 29.03  ? 86  GLY A N   1 
ATOM   648 C CA  . GLY A 1 84  ? -3.041  0.139   -14.418 1.00 36.67  ? 86  GLY A CA  1 
ATOM   649 C C   . GLY A 1 84  ? -3.994  -0.433  -13.361 1.00 41.08  ? 86  GLY A C   1 
ATOM   650 O O   . GLY A 1 84  ? -5.034  0.163   -13.066 1.00 46.21  ? 86  GLY A O   1 
ATOM   651 N N   . GLN A 1 85  ? -3.654  -1.541  -12.698 1.00 39.04  ? 87  GLN A N   1 
ATOM   652 C CA  . GLN A 1 85  ? -4.641  -2.284  -11.929 1.00 34.28  ? 87  GLN A CA  1 
ATOM   653 C C   . GLN A 1 85  ? -4.983  -1.881  -10.513 1.00 38.82  ? 87  GLN A C   1 
ATOM   654 O O   . GLN A 1 85  ? -5.931  -2.458  -9.953  1.00 43.37  ? 87  GLN A O   1 
ATOM   655 C CB  . GLN A 1 85  ? -4.248  -3.745  -11.905 1.00 37.41  ? 87  GLN A CB  1 
ATOM   656 C CG  . GLN A 1 85  ? -4.492  -4.480  -13.208 1.00 52.38  ? 87  GLN A CG  1 
ATOM   657 C CD  . GLN A 1 85  ? -3.543  -4.096  -14.326 1.00 71.48  ? 87  GLN A CD  1 
ATOM   658 O OE1 . GLN A 1 85  ? -3.794  -4.316  -15.504 1.00 82.86  ? 87  GLN A OE1 1 
ATOM   659 N NE2 . GLN A 1 85  ? -2.381  -3.526  -14.066 1.00 78.02  ? 87  GLN A NE2 1 
ATOM   660 N N   . LEU A 1 86  ? -4.257  -0.956  -9.877  1.00 33.33  ? 88  LEU A N   1 
ATOM   661 C CA  . LEU A 1 86  ? -4.583  -0.596  -8.516  1.00 27.31  ? 88  LEU A CA  1 
ATOM   662 C C   . LEU A 1 86  ? -5.315  0.687   -8.738  1.00 33.80  ? 88  LEU A C   1 
ATOM   663 O O   . LEU A 1 86  ? -4.812  1.575   -9.414  1.00 34.45  ? 88  LEU A O   1 
ATOM   664 C CB  . LEU A 1 86  ? -3.326  -0.402  -7.722  1.00 26.34  ? 88  LEU A CB  1 
ATOM   665 C CG  . LEU A 1 86  ? -3.350  0.218   -6.342  1.00 33.74  ? 88  LEU A CG  1 
ATOM   666 C CD1 . LEU A 1 86  ? -4.177  -0.610  -5.420  1.00 38.74  ? 88  LEU A CD1 1 
ATOM   667 C CD2 . LEU A 1 86  ? -1.961  0.218   -5.748  1.00 31.87  ? 88  LEU A CD2 1 
ATOM   668 N N   . LYS A 1 87  ? -6.559  0.749   -8.284  1.00 46.74  ? 89  LYS A N   1 
ATOM   669 C CA  . LYS A 1 87  ? -7.379  1.933   -8.467  1.00 53.33  ? 89  LYS A CA  1 
ATOM   670 C C   . LYS A 1 87  ? -7.999  2.208   -7.125  1.00 66.58  ? 89  LYS A C   1 
ATOM   671 O O   . LYS A 1 87  ? -8.484  1.242   -6.528  1.00 84.13  ? 89  LYS A O   1 
ATOM   672 C CB  . LYS A 1 87  ? -8.483  1.681   -9.471  1.00 42.30  ? 89  LYS A CB  1 
ATOM   673 C CG  . LYS A 1 87  ? -7.949  1.356   -10.834 1.00 41.47  ? 89  LYS A CG  1 
ATOM   674 C CD  . LYS A 1 87  ? -9.039  0.703   -11.610 1.00 49.41  ? 89  LYS A CD  1 
ATOM   675 C CE  . LYS A 1 87  ? -8.583  0.412   -13.027 1.00 63.20  ? 89  LYS A CE  1 
ATOM   676 N NZ  . LYS A 1 87  ? -9.673  -0.200  -13.780 1.00 75.55  ? 89  LYS A NZ  1 
ATOM   677 N N   . GLU A 1 88  ? -7.971  3.402   -6.547  1.00 73.15  ? 90  GLU A N   1 
ATOM   678 C CA  . GLU A 1 88  ? -8.689  3.560   -5.301  1.00 80.36  ? 90  GLU A CA  1 
ATOM   679 C C   . GLU A 1 88  ? -10.007 4.247   -5.615  1.00 85.51  ? 90  GLU A C   1 
ATOM   680 O O   . GLU A 1 88  ? -10.122 5.079   -6.526  1.00 85.10  ? 90  GLU A O   1 
ATOM   681 C CB  . GLU A 1 88  ? -7.846  4.366   -4.291  1.00 78.06  ? 90  GLU A CB  1 
ATOM   682 C CG  . GLU A 1 88  ? -8.188  5.809   -3.928  1.00 81.81  ? 90  GLU A CG  1 
ATOM   683 C CD  . GLU A 1 88  ? -7.475  6.924   -4.692  1.00 86.99  ? 90  GLU A CD  1 
ATOM   684 O OE1 . GLU A 1 88  ? -7.242  6.805   -5.896  1.00 81.60  ? 90  GLU A OE1 1 
ATOM   685 O OE2 . GLU A 1 88  ? -7.162  7.932   -4.057  1.00 89.77  ? 90  GLU A OE2 1 
ATOM   686 N N   . LYS A 1 89  ? -11.021 3.742   -4.911  1.00 96.89  ? 91  LYS A N   1 
ATOM   687 C CA  . LYS A 1 89  ? -12.392 4.240   -4.873  1.00 102.23 ? 91  LYS A CA  1 
ATOM   688 C C   . LYS A 1 89  ? -13.018 4.745   -6.165  1.00 102.92 ? 91  LYS A C   1 
ATOM   689 O O   . LYS A 1 89  ? -13.707 3.990   -6.855  1.00 98.64  ? 91  LYS A O   1 
ATOM   690 C CB  . LYS A 1 89  ? -12.482 5.357   -3.825  1.00 102.82 ? 91  LYS A CB  1 
ATOM   691 N N   . ASN A 1 90  ? -12.705 5.975   -6.580  1.00 102.99 ? 92  ASN A N   1 
ATOM   692 C CA  . ASN A 1 90  ? -13.320 6.583   -7.748  1.00 104.31 ? 92  ASN A CA  1 
ATOM   693 C C   . ASN A 1 90  ? -12.692 6.178   -9.084  1.00 104.15 ? 92  ASN A C   1 
ATOM   694 O O   . ASN A 1 90  ? -12.599 6.968   -10.029 1.00 106.61 ? 92  ASN A O   1 
ATOM   695 C CB  . ASN A 1 90  ? -13.252 8.086   -7.570  1.00 101.05 ? 92  ASN A CB  1 
ATOM   696 N N   . GLY A 1 91  ? -12.280 4.908   -9.174  1.00 102.04 ? 93  GLY A N   1 
ATOM   697 C CA  . GLY A 1 91  ? -11.616 4.345   -10.340 1.00 95.28  ? 93  GLY A CA  1 
ATOM   698 C C   . GLY A 1 91  ? -10.280 5.006   -10.621 1.00 90.38  ? 93  GLY A C   1 
ATOM   699 O O   . GLY A 1 91  ? -9.700  4.828   -11.697 1.00 93.37  ? 93  GLY A O   1 
ATOM   700 N N   . ASP A 1 92  ? -9.747  5.732   -9.637  1.00 85.62  ? 94  ASP A N   1 
ATOM   701 C CA  . ASP A 1 92  ? -8.542  6.505   -9.842  1.00 80.14  ? 94  ASP A CA  1 
ATOM   702 C C   . ASP A 1 92  ? -7.362  5.566   -9.732  1.00 70.28  ? 94  ASP A C   1 
ATOM   703 O O   . ASP A 1 92  ? -7.126  4.996   -8.657  1.00 72.31  ? 94  ASP A O   1 
ATOM   704 C CB  . ASP A 1 92  ? -8.406  7.599   -8.785  1.00 86.91  ? 94  ASP A CB  1 
ATOM   705 C CG  . ASP A 1 92  ? -9.577  8.553   -8.599  1.00 92.61  ? 94  ASP A CG  1 
ATOM   706 O OD1 . ASP A 1 92  ? -10.027 9.171   -9.571  1.00 90.69  ? 94  ASP A OD1 1 
ATOM   707 O OD2 . ASP A 1 92  ? -10.017 8.680   -7.455  1.00 94.88  ? 94  ASP A OD2 1 
ATOM   708 N N   . VAL A 1 93  ? -6.692  5.345   -10.860 1.00 50.85  ? 95  VAL A N   1 
ATOM   709 C CA  . VAL A 1 93  ? -5.496  4.515   -10.881 1.00 53.65  ? 95  VAL A CA  1 
ATOM   710 C C   . VAL A 1 93  ? -4.421  5.165   -10.028 1.00 50.48  ? 95  VAL A C   1 
ATOM   711 O O   . VAL A 1 93  ? -4.223  6.385   -10.084 1.00 51.74  ? 95  VAL A O   1 
ATOM   712 C CB  . VAL A 1 93  ? -4.982  4.344   -12.329 1.00 54.36  ? 95  VAL A CB  1 
ATOM   713 C CG1 . VAL A 1 93  ? -3.607  3.679   -12.446 1.00 50.59  ? 95  VAL A CG1 1 
ATOM   714 C CG2 . VAL A 1 93  ? -5.995  3.449   -13.017 1.00 61.11  ? 95  VAL A CG2 1 
ATOM   715 N N   . ILE A 1 94  ? -3.770  4.341   -9.210  1.00 46.38  ? 96  ILE A N   1 
ATOM   716 C CA  . ILE A 1 94  ? -2.660  4.775   -8.391  1.00 42.87  ? 96  ILE A CA  1 
ATOM   717 C C   . ILE A 1 94  ? -1.522  3.842   -8.723  1.00 41.69  ? 96  ILE A C   1 
ATOM   718 O O   . ILE A 1 94  ? -1.642  2.616   -8.799  1.00 53.15  ? 96  ILE A O   1 
ATOM   719 C CB  . ILE A 1 94  ? -2.851  4.644   -6.906  1.00 38.58  ? 96  ILE A CB  1 
ATOM   720 C CG1 . ILE A 1 94  ? -4.240  4.977   -6.452  1.00 45.46  ? 96  ILE A CG1 1 
ATOM   721 C CG2 . ILE A 1 94  ? -1.869  5.626   -6.295  1.00 50.92  ? 96  ILE A CG2 1 
ATOM   722 C CD1 . ILE A 1 94  ? -4.328  5.106   -4.933  1.00 51.59  ? 96  ILE A CD1 1 
ATOM   723 N N   . GLU A 1 95  ? -0.409  4.497   -8.974  1.00 40.40  ? 97  GLU A N   1 
ATOM   724 C CA  . GLU A 1 95  ? 0.822   3.843   -9.304  1.00 36.91  ? 97  GLU A CA  1 
ATOM   725 C C   . GLU A 1 95  ? 1.603   3.567   -8.019  1.00 35.04  ? 97  GLU A C   1 
ATOM   726 O O   . GLU A 1 95  ? 1.794   4.429   -7.141  1.00 29.64  ? 97  GLU A O   1 
ATOM   727 C CB  . GLU A 1 95  ? 1.585   4.756   -10.210 1.00 47.92  ? 97  GLU A CB  1 
ATOM   728 C CG  . GLU A 1 95  ? 1.002   5.041   -11.573 1.00 62.80  ? 97  GLU A CG  1 
ATOM   729 C CD  . GLU A 1 95  ? 1.191   3.854   -12.494 1.00 73.71  ? 97  GLU A CD  1 
ATOM   730 O OE1 . GLU A 1 95  ? 0.408   2.916   -12.362 1.00 83.11  ? 97  GLU A OE1 1 
ATOM   731 O OE2 . GLU A 1 95  ? 2.114   3.863   -13.318 1.00 74.07  ? 97  GLU A OE2 1 
ATOM   732 N N   . LEU A 1 96  ? 2.017   2.328   -7.895  1.00 32.02  ? 98  LEU A N   1 
ATOM   733 C CA  . LEU A 1 96  ? 2.841   1.878   -6.804  1.00 33.66  ? 98  LEU A CA  1 
ATOM   734 C C   . LEU A 1 96  ? 4.227   1.922   -7.416  1.00 31.97  ? 98  LEU A C   1 
ATOM   735 O O   . LEU A 1 96  ? 4.741   0.920   -7.908  1.00 24.66  ? 98  LEU A O   1 
ATOM   736 C CB  . LEU A 1 96  ? 2.430   0.459   -6.431  1.00 31.19  ? 98  LEU A CB  1 
ATOM   737 C CG  . LEU A 1 96  ? 2.086   0.195   -4.990  1.00 30.45  ? 98  LEU A CG  1 
ATOM   738 C CD1 . LEU A 1 96  ? 1.118   1.230   -4.529  1.00 15.43  ? 98  LEU A CD1 1 
ATOM   739 C CD2 . LEU A 1 96  ? 1.487   -1.186  -4.828  1.00 28.65  ? 98  LEU A CD2 1 
ATOM   740 N N   . LYS A 1 97  ? 4.871   3.085   -7.436  1.00 28.18  ? 99  LYS A N   1 
ATOM   741 C CA  . LYS A 1 97  ? 6.166   3.145   -8.083  1.00 25.86  ? 99  LYS A CA  1 
ATOM   742 C C   . LYS A 1 97  ? 7.482   2.946   -7.320  1.00 17.55  ? 99  LYS A C   1 
ATOM   743 O O   . LYS A 1 97  ? 8.308   2.125   -7.711  1.00 17.41  ? 99  LYS A O   1 
ATOM   744 C CB  . LYS A 1 97  ? 6.196   4.468   -8.851  1.00 20.16  ? 99  LYS A CB  1 
ATOM   745 C CG  . LYS A 1 97  ? 5.477   4.226   -10.147 1.00 23.29  ? 99  LYS A CG  1 
ATOM   746 C CD  . LYS A 1 97  ? 5.802   5.227   -11.219 1.00 23.03  ? 99  LYS A CD  1 
ATOM   747 C CE  . LYS A 1 97  ? 4.967   6.462   -11.012 1.00 33.18  ? 99  LYS A CE  1 
ATOM   748 N NZ  . LYS A 1 97  ? 5.260   7.413   -12.068 1.00 42.50  ? 99  LYS A NZ  1 
ATOM   749 N N   . TYR A 1 98  ? 7.716   3.600   -6.193  1.00 22.53  ? 100 TYR A N   1 
ATOM   750 C CA  . TYR A 1 98  ? 9.027   3.730   -5.587  1.00 18.50  ? 100 TYR A CA  1 
ATOM   751 C C   . TYR A 1 98  ? 8.884   3.306   -4.142  1.00 23.12  ? 100 TYR A C   1 
ATOM   752 O O   . TYR A 1 98  ? 8.285   4.042   -3.341  1.00 23.93  ? 100 TYR A O   1 
ATOM   753 C CB  . TYR A 1 98  ? 9.441   5.232   -5.705  1.00 7.36   ? 100 TYR A CB  1 
ATOM   754 C CG  . TYR A 1 98  ? 9.373   5.816   -7.120  1.00 10.39  ? 100 TYR A CG  1 
ATOM   755 C CD1 . TYR A 1 98  ? 10.044  5.183   -8.160  1.00 15.75  ? 100 TYR A CD1 1 
ATOM   756 C CD2 . TYR A 1 98  ? 8.655   6.967   -7.380  1.00 10.35  ? 100 TYR A CD2 1 
ATOM   757 C CE1 . TYR A 1 98  ? 10.005  5.691   -9.450  1.00 10.15  ? 100 TYR A CE1 1 
ATOM   758 C CE2 . TYR A 1 98  ? 8.605   7.477   -8.664  1.00 12.60  ? 100 TYR A CE2 1 
ATOM   759 C CZ  . TYR A 1 98  ? 9.284   6.833   -9.687  1.00 13.80  ? 100 TYR A CZ  1 
ATOM   760 O OH  . TYR A 1 98  ? 9.278   7.323   -10.986 1.00 23.70  ? 100 TYR A OH  1 
ATOM   761 N N   . PRO A 1 99  ? 9.324   2.153   -3.697  1.00 18.01  ? 101 PRO A N   1 
ATOM   762 C CA  . PRO A 1 99  ? 9.226   1.822   -2.285  1.00 24.19  ? 101 PRO A CA  1 
ATOM   763 C C   . PRO A 1 99  ? 9.974   2.784   -1.345  1.00 28.91  ? 101 PRO A C   1 
ATOM   764 O O   . PRO A 1 99  ? 11.062  3.290   -1.639  1.00 26.67  ? 101 PRO A O   1 
ATOM   765 C CB  . PRO A 1 99  ? 9.683   0.391   -2.278  1.00 23.12  ? 101 PRO A CB  1 
ATOM   766 C CG  . PRO A 1 99  ? 10.404  0.128   -3.572  1.00 26.30  ? 101 PRO A CG  1 
ATOM   767 C CD  . PRO A 1 99  ? 9.753   1.074   -4.554  1.00 22.30  ? 101 PRO A CD  1 
ATOM   768 N N   . LEU A 1 100 ? 9.317   3.148   -0.256  1.00 31.03  ? 102 LEU A N   1 
ATOM   769 C CA  . LEU A 1 100 ? 9.827   4.085   0.726   1.00 36.17  ? 102 LEU A CA  1 
ATOM   770 C C   . LEU A 1 100 ? 10.433  3.128   1.748   1.00 34.08  ? 102 LEU A C   1 
ATOM   771 O O   . LEU A 1 100 ? 9.683   2.598   2.559   1.00 32.91  ? 102 LEU A O   1 
ATOM   772 C CB  . LEU A 1 100 ? 8.618   4.879   1.285   1.00 39.43  ? 102 LEU A CB  1 
ATOM   773 C CG  . LEU A 1 100 ? 8.572   6.143   2.197   1.00 42.09  ? 102 LEU A CG  1 
ATOM   774 C CD1 . LEU A 1 100 ? 9.588   6.011   3.321   1.00 46.47  ? 102 LEU A CD1 1 
ATOM   775 C CD2 . LEU A 1 100 ? 8.888   7.387   1.403   1.00 34.62  ? 102 LEU A CD2 1 
ATOM   776 N N   . ASN A 1 101 ? 11.739  2.896   1.688   1.00 36.31  ? 103 ASN A N   1 
ATOM   777 C CA  . ASN A 1 101 ? 12.466  1.976   2.554   1.00 34.72  ? 103 ASN A CA  1 
ATOM   778 C C   . ASN A 1 101 ? 12.939  2.692   3.826   1.00 29.10  ? 103 ASN A C   1 
ATOM   779 O O   . ASN A 1 101 ? 13.485  3.814   3.702   1.00 58.40  ? 103 ASN A O   1 
ATOM   780 C CB  . ASN A 1 101 ? 13.662  1.434   1.816   1.00 32.28  ? 103 ASN A CB  1 
ATOM   781 C CG  . ASN A 1 101 ? 13.313  0.563   0.636   1.00 42.57  ? 103 ASN A CG  1 
ATOM   782 O OD1 . ASN A 1 101 ? 12.271  -0.104  0.500   1.00 48.11  ? 103 ASN A OD1 1 
ATOM   783 N ND2 . ASN A 1 101 ? 14.250  0.535   -0.290  1.00 46.83  ? 103 ASN A ND2 1 
ATOM   784 O OXT . ASN A 1 101 ? 12.722  2.144   4.923   1.00 51.76  ? 103 ASN A OXT 1 
HETATM 785 O O   . HOH B 2 .   ? -2.310  -16.347 2.893   1.00 30.03  ? 301 HOH A O   1 
HETATM 786 O O   . HOH B 2 .   ? 1.312   7.240   -7.028  1.00 30.13  ? 302 HOH A O   1 
HETATM 787 O O   . HOH B 2 .   ? 2.272   -12.320 3.619   1.00 22.19  ? 303 HOH A O   1 
HETATM 788 O O   . HOH B 2 .   ? 10.308  6.480   -2.170  1.00 33.58  ? 304 HOH A O   1 
HETATM 789 O O   . HOH B 2 .   ? 12.500  7.709   -0.851  1.00 26.25  ? 305 HOH A O   1 
HETATM 790 O O   . HOH B 2 .   ? -6.411  -7.089  -9.306  1.00 47.75  ? 306 HOH A O   1 
HETATM 791 O O   . HOH B 2 .   ? -6.489  -7.426  -5.038  1.00 23.13  ? 307 HOH A O   1 
HETATM 792 O O   . HOH B 2 .   ? -10.829 -11.098 -4.794  1.00 28.78  ? 308 HOH A O   1 
HETATM 793 O O   . HOH B 2 .   ? -13.527 -10.575 -5.718  1.00 34.91  ? 309 HOH A O   1 
HETATM 794 O O   . HOH B 2 .   ? -1.048  -3.740  -16.422 1.00 40.38  ? 310 HOH A O   1 
HETATM 795 O O   . HOH B 2 .   ? 5.048   10.195  -10.480 1.00 44.04  ? 311 HOH A O   1 
HETATM 796 O O   . HOH B 2 .   ? 1.137   11.738  -8.944  1.00 34.18  ? 312 HOH A O   1 
HETATM 797 O O   . HOH B 2 .   ? 2.882   -12.417 -8.245  1.00 67.67  ? 313 HOH A O   1 
HETATM 798 O O   . HOH B 2 .   ? 5.204   6.846   14.469  1.00 42.80  ? 314 HOH A O   1 
HETATM 799 O O   . HOH B 2 .   ? 9.422   13.838  -8.393  1.00 25.60  ? 315 HOH A O   1 
HETATM 800 O O   . HOH B 2 .   ? -10.521 -12.489 -7.154  1.00 29.84  ? 316 HOH A O   1 
HETATM 801 O O   . HOH B 2 .   ? -8.546  -0.631  -4.423  1.00 42.14  ? 317 HOH A O   1 
HETATM 802 O O   . HOH B 2 .   ? 11.492  9.696   10.148  1.00 61.54  ? 318 HOH A O   1 
HETATM 803 O O   . HOH B 2 .   ? -1.400  13.970  2.401   1.00 39.00  ? 319 HOH A O   1 
HETATM 804 O O   . HOH B 2 .   ? 3.570   -10.141 -10.467 1.00 27.34  ? 320 HOH A O   1 
HETATM 805 O O   . HOH B 2 .   ? 7.440   -7.490  -3.420  1.00 38.51  ? 321 HOH A O   1 
HETATM 806 O O   . HOH B 2 .   ? -7.660  -3.006  -7.793  1.00 44.66  ? 322 HOH A O   1 
HETATM 807 O O   . HOH B 2 .   ? -11.524 -9.614  6.181   1.00 67.73  ? 323 HOH A O   1 
HETATM 808 O O   . HOH B 2 .   ? 0.751   0.361   -9.658  1.00 40.05  ? 324 HOH A O   1 
HETATM 809 O O   . HOH B 2 .   ? 11.775  -0.320  6.726   1.00 52.16  ? 325 HOH A O   1 
HETATM 810 O O   . HOH B 2 .   ? 13.948  6.595   4.115   1.00 39.89  ? 326 HOH A O   1 
HETATM 811 O O   . HOH B 2 .   ? -12.090 -10.585 -0.793  1.00 45.71  ? 327 HOH A O   1 
HETATM 812 O O   . HOH B 2 .   ? 2.389   8.651   -9.339  1.00 36.83  ? 328 HOH A O   1 
HETATM 813 O O   . HOH B 2 .   ? 9.750   -5.539  -3.292  1.00 45.48  ? 329 HOH A O   1 
HETATM 814 O O   . HOH B 2 .   ? -9.615  -2.660  -5.799  1.00 44.71  ? 330 HOH A O   1 
HETATM 815 O O   . HOH B 2 .   ? 7.436   -16.939 -0.493  1.00 47.51  ? 331 HOH A O   1 
HETATM 816 O O   . HOH B 2 .   ? 11.438  -8.217  -5.660  1.00 75.89  ? 332 HOH A O   1 
HETATM 817 O O   . HOH B 2 .   ? -15.115 -10.725 -0.217  1.00 55.64  ? 333 HOH A O   1 
HETATM 818 O O   . HOH B 2 .   ? 9.113   -6.765  -5.547  1.00 59.08  ? 334 HOH A O   1 
HETATM 819 O O   . HOH B 2 .   ? 17.833  8.964   7.401   1.00 48.08  ? 335 HOH A O   1 
HETATM 820 O O   . HOH B 2 .   ? 8.927   -6.439  10.993  1.00 41.56  ? 336 HOH A O   1 
HETATM 821 O O   . HOH B 2 .   ? 9.370   -12.319 -8.252  1.00 53.03  ? 337 HOH A O   1 
HETATM 822 O O   . HOH B 2 .   ? -1.988  7.457   12.938  1.00 62.02  ? 338 HOH A O   1 
HETATM 823 O O   . HOH B 2 .   ? -14.559 -8.015  -0.418  1.00 42.30  ? 339 HOH A O   1 
HETATM 824 O O   . HOH B 2 .   ? -9.545  -0.751  -1.949  1.00 51.99  ? 340 HOH A O   1 
HETATM 825 O O   . HOH B 2 .   ? -6.297  2.265   7.675   1.00 60.07  ? 341 HOH A O   1 
HETATM 826 O O   . HOH B 2 .   ? -0.542  -10.916 8.658   1.00 40.17  ? 342 HOH A O   1 
HETATM 827 O O   . HOH B 2 .   ? -3.700  11.485  4.020   1.00 64.90  ? 343 HOH A O   1 
HETATM 828 O O   . HOH B 2 .   ? -2.739  10.895  -2.961  1.00 48.15  ? 344 HOH A O   1 
HETATM 829 O O   . HOH B 2 .   ? 11.360  -0.357  -8.135  1.00 55.47  ? 345 HOH A O   1 
HETATM 830 O O   . HOH B 2 .   ? -4.970  2.649   9.891   1.00 31.43  ? 346 HOH A O   1 
HETATM 831 O O   . HOH B 2 .   ? -7.784  -17.832 9.600   1.00 58.98  ? 347 HOH A O   1 
HETATM 832 O O   . HOH B 2 .   ? -4.618  13.076  -6.836  1.00 60.27  ? 348 HOH A O   1 
HETATM 833 O O   . HOH B 2 .   ? -8.106  3.647   4.066   1.00 43.61  ? 349 HOH A O   1 
HETATM 834 O O   . HOH B 2 .   ? 9.012   -3.604  -11.139 1.00 48.01  ? 350 HOH A O   1 
HETATM 835 O O   . HOH B 2 .   ? 14.153  6.018   7.015   1.00 61.54  ? 351 HOH A O   1 
HETATM 836 O O   . HOH B 2 .   ? 11.981  4.515   8.019   1.00 55.36  ? 352 HOH A O   1 
HETATM 837 O O   . HOH B 2 .   ? -9.596  -19.641 7.226   1.00 59.79  ? 353 HOH A O   1 
HETATM 838 O O   . HOH B 2 .   ? 5.196   -12.247 -6.918  1.00 32.47  ? 354 HOH A O   1 
HETATM 839 O O   . HOH B 2 .   ? -4.698  12.479  -3.866  1.00 67.99  ? 355 HOH A O   1 
HETATM 840 O O   . HOH B 2 .   ? -12.885 -15.908 5.901   1.00 55.88  ? 356 HOH A O   1 
HETATM 841 O O   . HOH B 2 .   ? -14.074 -13.381 -7.418  1.00 45.53  ? 357 HOH A O   1 
HETATM 842 O O   . HOH B 2 .   ? 11.865  -1.912  -5.872  1.00 46.79  ? 358 HOH A O   1 
HETATM 843 O O   . HOH B 2 .   ? -14.338 -13.019 -3.528  1.00 37.50  ? 359 HOH A O   1 
HETATM 844 O O   . HOH B 2 .   ? -2.435  -4.308  13.402  1.00 45.98  ? 360 HOH A O   1 
HETATM 845 O O   . HOH B 2 .   ? -2.347  -17.454 5.624   1.00 43.75  ? 361 HOH A O   1 
HETATM 846 O O   . HOH B 2 .   ? 12.817  -5.302  -0.423  1.00 62.76  ? 362 HOH A O   1 
HETATM 847 O O   . HOH B 2 .   ? 17.763  2.761   0.932   1.00 36.08  ? 363 HOH A O   1 
HETATM 848 O O   . HOH B 2 .   ? 19.170  1.832   -1.073  1.00 62.16  ? 364 HOH A O   1 
HETATM 849 O O   . HOH B 2 .   ? -0.163  3.431   -15.914 1.00 51.75  ? 365 HOH A O   1 
HETATM 850 O O   . HOH B 2 .   ? 8.829   1.356   -10.411 1.00 45.06  ? 366 HOH A O   1 
HETATM 851 O O   . HOH B 2 .   ? -3.422  -9.014  -16.537 1.00 87.34  ? 367 HOH A O   1 
HETATM 852 O O   . HOH B 2 .   ? -9.928  -11.812 -10.165 1.00 67.93  ? 368 HOH A O   1 
HETATM 853 O O   . HOH B 2 .   ? -6.595  -1.862  6.201   1.00 42.52  ? 369 HOH A O   1 
HETATM 854 O O   . HOH B 2 .   ? -15.645 -5.699  0.560   1.00 66.68  ? 370 HOH A O   1 
HETATM 855 O O   . HOH B 2 .   ? -11.831 -12.418 7.141   1.00 79.12  ? 371 HOH A O   1 
HETATM 856 O O   . HOH B 2 .   ? -10.276 -3.093  -12.768 1.00 49.73  ? 372 HOH A O   1 
HETATM 857 O O   . HOH B 2 .   ? -8.843  -5.033  -10.609 1.00 70.91  ? 373 HOH A O   1 
HETATM 858 O O   . HOH B 2 .   ? -5.794  -13.505 9.851   1.00 54.33  ? 374 HOH A O   1 
HETATM 859 O O   . HOH B 2 .   ? -4.431  -15.123 -14.097 1.00 51.40  ? 375 HOH A O   1 
HETATM 860 O O   . HOH B 2 .   ? -11.104 1.018   -4.069  1.00 44.63  ? 376 HOH A O   1 
HETATM 861 O O   . HOH B 2 .   ? -6.671  7.558   6.496   1.00 63.86  ? 377 HOH A O   1 
HETATM 862 O O   . HOH B 2 .   ? -8.364  -12.404 9.763   1.00 43.98  ? 378 HOH A O   1 
HETATM 863 O O   . HOH B 2 .   ? -2.342  -6.005  11.310  1.00 52.80  ? 379 HOH A O   1 
HETATM 864 O O   . HOH B 2 .   ? -4.999  6.897   8.519   1.00 50.81  ? 380 HOH A O   1 
HETATM 865 O O   . HOH B 2 .   ? -3.499  9.011   9.159   1.00 52.52  ? 381 HOH A O   1 
HETATM 866 O O   . HOH B 2 .   ? -0.909  9.801   -11.282 1.00 68.44  ? 382 HOH A O   1 
HETATM 867 O O   . HOH B 2 .   ? -9.700  8.346   -12.334 1.00 59.62  ? 383 HOH A O   1 
HETATM 868 O O   . HOH B 2 .   ? -4.405  -18.937 -0.846  1.00 73.83  ? 384 HOH A O   1 
HETATM 869 O O   . HOH B 2 .   ? -1.815  4.726   13.198  1.00 73.91  ? 385 HOH A O   1 
HETATM 870 O O   . HOH B 2 .   ? 12.502  1.859   -9.583  1.00 52.71  ? 386 HOH A O   1 
HETATM 871 O O   . HOH B 2 .   ? -6.931  -20.316 6.675   1.00 125.76 ? 387 HOH A O   1 
# 
